data_1YOA
# 
_entry.id   1YOA 
# 
_audit_conform.dict_name       mmcif_pdbx.dic 
_audit_conform.dict_version    5.388 
_audit_conform.dict_location   http://mmcif.pdb.org/dictionaries/ascii/mmcif_pdbx.dic 
# 
loop_
_database_2.database_id 
_database_2.database_code 
_database_2.pdbx_database_accession 
_database_2.pdbx_DOI 
PDB   1YOA         pdb_00001yoa 10.2210/pdb1yoa/pdb 
RCSB  RCSB031746   ?            ?                   
WWPDB D_1000031746 ?            ?                   
# 
loop_
_pdbx_audit_revision_history.ordinal 
_pdbx_audit_revision_history.data_content_type 
_pdbx_audit_revision_history.major_revision 
_pdbx_audit_revision_history.minor_revision 
_pdbx_audit_revision_history.revision_date 
1 'Structure model' 1 0 2005-07-27 
2 'Structure model' 1 1 2008-04-30 
3 'Structure model' 1 2 2011-07-13 
4 'Structure model' 1 3 2024-03-13 
# 
_pdbx_audit_revision_details.ordinal             1 
_pdbx_audit_revision_details.revision_ordinal    1 
_pdbx_audit_revision_details.data_content_type   'Structure model' 
_pdbx_audit_revision_details.provider            repository 
_pdbx_audit_revision_details.type                'Initial release' 
_pdbx_audit_revision_details.description         ? 
_pdbx_audit_revision_details.details             ? 
# 
loop_
_pdbx_audit_revision_group.ordinal 
_pdbx_audit_revision_group.revision_ordinal 
_pdbx_audit_revision_group.data_content_type 
_pdbx_audit_revision_group.group 
1 2 'Structure model' 'Version format compliance' 
2 3 'Structure model' 'Derived calculations'      
3 3 'Structure model' 'Source and taxonomy'       
4 3 'Structure model' 'Version format compliance' 
5 4 'Structure model' 'Data collection'           
6 4 'Structure model' 'Database references'       
7 4 'Structure model' 'Derived calculations'      
# 
loop_
_pdbx_audit_revision_category.ordinal 
_pdbx_audit_revision_category.revision_ordinal 
_pdbx_audit_revision_category.data_content_type 
_pdbx_audit_revision_category.category 
1 4 'Structure model' chem_comp_atom 
2 4 'Structure model' chem_comp_bond 
3 4 'Structure model' database_2     
4 4 'Structure model' struct_site    
# 
loop_
_pdbx_audit_revision_item.ordinal 
_pdbx_audit_revision_item.revision_ordinal 
_pdbx_audit_revision_item.data_content_type 
_pdbx_audit_revision_item.item 
1 4 'Structure model' '_database_2.pdbx_DOI'                
2 4 'Structure model' '_database_2.pdbx_database_accession' 
3 4 'Structure model' '_struct_site.pdbx_auth_asym_id'      
4 4 'Structure model' '_struct_site.pdbx_auth_comp_id'      
5 4 'Structure model' '_struct_site.pdbx_auth_seq_id'       
# 
_pdbx_database_status.status_code                     REL 
_pdbx_database_status.entry_id                        1YOA 
_pdbx_database_status.recvd_initial_deposition_date   2005-01-27 
_pdbx_database_status.deposit_site                    RCSB 
_pdbx_database_status.process_site                    PDBJ 
_pdbx_database_status.status_code_sf                  REL 
_pdbx_database_status.status_code_mr                  ? 
_pdbx_database_status.SG_entry                        Y 
_pdbx_database_status.pdb_format_compatible           Y 
_pdbx_database_status.status_code_cs                  ? 
_pdbx_database_status.status_code_nmr_data            ? 
_pdbx_database_status.methods_development_category    ? 
# 
loop_
_pdbx_database_related.db_name 
_pdbx_database_related.db_id 
_pdbx_database_related.details 
_pdbx_database_related.content_type 
PDB      1WGB           'The same protein apo-enzyme' unspecified 
TargetDB ttk003001382.2 .                             unspecified 
# 
loop_
_audit_author.name 
_audit_author.pdbx_ordinal 
'Imagawa, T.'                                            1 
'Tsuge, H.'                                              2 
'Sugimoto, Y.'                                           3 
'Utsunomiya, H.'                                         4 
'Yokoyama, S.'                                           5 
'Kuramitsu, S.'                                          6 
'RIKEN Structural Genomics/Proteomics Initiative (RSGI)' 7 
# 
_citation.id                        primary 
_citation.title                     'Crystal structure of a flavoenzyme TTHA0420 from Thermus thermophilus HB8' 
_citation.journal_abbrev            'To be published' 
_citation.journal_volume            ? 
_citation.page_first                ? 
_citation.page_last                 ? 
_citation.year                      ? 
_citation.journal_id_ASTM           ? 
_citation.country                   ? 
_citation.journal_id_ISSN           ? 
_citation.journal_id_CSD            0353 
_citation.book_publisher            ? 
_citation.pdbx_database_id_PubMed   ? 
_citation.pdbx_database_id_DOI      ? 
# 
loop_
_citation_author.citation_id 
_citation_author.name 
_citation_author.ordinal 
_citation_author.identifier_ORCID 
primary 'Imagawa, T.'    1 ? 
primary 'Tsuge, H.'      2 ? 
primary 'Sugimoto, Y.'   3 ? 
primary 'Utsunomiya, H.' 4 ? 
primary 'Yokoyama, S.'   5 ? 
primary 'Kuramitsu, S.'  6 ? 
# 
loop_
_entity.id 
_entity.type 
_entity.src_method 
_entity.pdbx_description 
_entity.formula_weight 
_entity.pdbx_number_of_molecules 
_entity.pdbx_ec 
_entity.pdbx_mutation 
_entity.pdbx_fragment 
_entity.details 
1 polymer     man 'putative flavoprotein'       17750.268 1  ? ? ? ? 
2 non-polymer syn 'FLAVIN-ADENINE DINUCLEOTIDE' 785.550   1  ? ? ? ? 
3 non-polymer syn 'FLAVIN MONONUCLEOTIDE'       456.344   1  ? ? ? ? 
4 water       nat water                         18.015    67 ? ? ? ? 
# 
_entity_poly.entity_id                      1 
_entity_poly.type                           'polypeptide(L)' 
_entity_poly.nstd_linkage                   no 
_entity_poly.nstd_monomer                   no 
_entity_poly.pdbx_seq_one_letter_code       
;MNLEAKKKVLRSFTYGLYVLTAKDGDEVAAGTVNWVTQASFQPPLVAVGLKRDSHLHALVERTGKLALMTLAHDQKAIAQ
DFFKPTVREGDRLNGHPFEPSPTFGLPLLTELPYWLEAEVRHLYPGGDHSLVVAEVVEAGVRREEKPLVMWDTGWFYGG
;
_entity_poly.pdbx_seq_one_letter_code_can   
;MNLEAKKKVLRSFTYGLYVLTAKDGDEVAAGTVNWVTQASFQPPLVAVGLKRDSHLHALVERTGKLALMTLAHDQKAIAQ
DFFKPTVREGDRLNGHPFEPSPTFGLPLLTELPYWLEAEVRHLYPGGDHSLVVAEVVEAGVRREEKPLVMWDTGWFYGG
;
_entity_poly.pdbx_strand_id                 A 
_entity_poly.pdbx_target_identifier         ttk003001382.2 
# 
loop_
_pdbx_entity_nonpoly.entity_id 
_pdbx_entity_nonpoly.name 
_pdbx_entity_nonpoly.comp_id 
2 'FLAVIN-ADENINE DINUCLEOTIDE' FAD 
3 'FLAVIN MONONUCLEOTIDE'       FMN 
4 water                         HOH 
# 
loop_
_entity_poly_seq.entity_id 
_entity_poly_seq.num 
_entity_poly_seq.mon_id 
_entity_poly_seq.hetero 
1 1   MET n 
1 2   ASN n 
1 3   LEU n 
1 4   GLU n 
1 5   ALA n 
1 6   LYS n 
1 7   LYS n 
1 8   LYS n 
1 9   VAL n 
1 10  LEU n 
1 11  ARG n 
1 12  SER n 
1 13  PHE n 
1 14  THR n 
1 15  TYR n 
1 16  GLY n 
1 17  LEU n 
1 18  TYR n 
1 19  VAL n 
1 20  LEU n 
1 21  THR n 
1 22  ALA n 
1 23  LYS n 
1 24  ASP n 
1 25  GLY n 
1 26  ASP n 
1 27  GLU n 
1 28  VAL n 
1 29  ALA n 
1 30  ALA n 
1 31  GLY n 
1 32  THR n 
1 33  VAL n 
1 34  ASN n 
1 35  TRP n 
1 36  VAL n 
1 37  THR n 
1 38  GLN n 
1 39  ALA n 
1 40  SER n 
1 41  PHE n 
1 42  GLN n 
1 43  PRO n 
1 44  PRO n 
1 45  LEU n 
1 46  VAL n 
1 47  ALA n 
1 48  VAL n 
1 49  GLY n 
1 50  LEU n 
1 51  LYS n 
1 52  ARG n 
1 53  ASP n 
1 54  SER n 
1 55  HIS n 
1 56  LEU n 
1 57  HIS n 
1 58  ALA n 
1 59  LEU n 
1 60  VAL n 
1 61  GLU n 
1 62  ARG n 
1 63  THR n 
1 64  GLY n 
1 65  LYS n 
1 66  LEU n 
1 67  ALA n 
1 68  LEU n 
1 69  MET n 
1 70  THR n 
1 71  LEU n 
1 72  ALA n 
1 73  HIS n 
1 74  ASP n 
1 75  GLN n 
1 76  LYS n 
1 77  ALA n 
1 78  ILE n 
1 79  ALA n 
1 80  GLN n 
1 81  ASP n 
1 82  PHE n 
1 83  PHE n 
1 84  LYS n 
1 85  PRO n 
1 86  THR n 
1 87  VAL n 
1 88  ARG n 
1 89  GLU n 
1 90  GLY n 
1 91  ASP n 
1 92  ARG n 
1 93  LEU n 
1 94  ASN n 
1 95  GLY n 
1 96  HIS n 
1 97  PRO n 
1 98  PHE n 
1 99  GLU n 
1 100 PRO n 
1 101 SER n 
1 102 PRO n 
1 103 THR n 
1 104 PHE n 
1 105 GLY n 
1 106 LEU n 
1 107 PRO n 
1 108 LEU n 
1 109 LEU n 
1 110 THR n 
1 111 GLU n 
1 112 LEU n 
1 113 PRO n 
1 114 TYR n 
1 115 TRP n 
1 116 LEU n 
1 117 GLU n 
1 118 ALA n 
1 119 GLU n 
1 120 VAL n 
1 121 ARG n 
1 122 HIS n 
1 123 LEU n 
1 124 TYR n 
1 125 PRO n 
1 126 GLY n 
1 127 GLY n 
1 128 ASP n 
1 129 HIS n 
1 130 SER n 
1 131 LEU n 
1 132 VAL n 
1 133 VAL n 
1 134 ALA n 
1 135 GLU n 
1 136 VAL n 
1 137 VAL n 
1 138 GLU n 
1 139 ALA n 
1 140 GLY n 
1 141 VAL n 
1 142 ARG n 
1 143 ARG n 
1 144 GLU n 
1 145 GLU n 
1 146 LYS n 
1 147 PRO n 
1 148 LEU n 
1 149 VAL n 
1 150 MET n 
1 151 TRP n 
1 152 ASP n 
1 153 THR n 
1 154 GLY n 
1 155 TRP n 
1 156 PHE n 
1 157 TYR n 
1 158 GLY n 
1 159 GLY n 
# 
_entity_src_gen.entity_id                          1 
_entity_src_gen.pdbx_src_id                        1 
_entity_src_gen.pdbx_alt_source_flag               sample 
_entity_src_gen.pdbx_seq_type                      ? 
_entity_src_gen.pdbx_beg_seq_num                   ? 
_entity_src_gen.pdbx_end_seq_num                   ? 
_entity_src_gen.gene_src_common_name               ? 
_entity_src_gen.gene_src_genus                     Thermus 
_entity_src_gen.pdbx_gene_src_gene                 ? 
_entity_src_gen.gene_src_species                   'Thermus thermophilus' 
_entity_src_gen.gene_src_strain                    HB8 
_entity_src_gen.gene_src_tissue                    ? 
_entity_src_gen.gene_src_tissue_fraction           ? 
_entity_src_gen.gene_src_details                   ? 
_entity_src_gen.pdbx_gene_src_fragment             ? 
_entity_src_gen.pdbx_gene_src_scientific_name      'Thermus thermophilus' 
_entity_src_gen.pdbx_gene_src_ncbi_taxonomy_id     300852 
_entity_src_gen.pdbx_gene_src_variant              ? 
_entity_src_gen.pdbx_gene_src_cell_line            ? 
_entity_src_gen.pdbx_gene_src_atcc                 ? 
_entity_src_gen.pdbx_gene_src_organ                ? 
_entity_src_gen.pdbx_gene_src_organelle            ? 
_entity_src_gen.pdbx_gene_src_cell                 ? 
_entity_src_gen.pdbx_gene_src_cellular_location    ? 
_entity_src_gen.host_org_common_name               ? 
_entity_src_gen.pdbx_host_org_scientific_name      'Escherichia coli' 
_entity_src_gen.pdbx_host_org_ncbi_taxonomy_id     562 
_entity_src_gen.host_org_genus                     Escherichia 
_entity_src_gen.pdbx_host_org_gene                 ? 
_entity_src_gen.pdbx_host_org_organ                ? 
_entity_src_gen.host_org_species                   ? 
_entity_src_gen.pdbx_host_org_tissue               ? 
_entity_src_gen.pdbx_host_org_tissue_fraction      ? 
_entity_src_gen.pdbx_host_org_strain               ? 
_entity_src_gen.pdbx_host_org_variant              ? 
_entity_src_gen.pdbx_host_org_cell_line            ? 
_entity_src_gen.pdbx_host_org_atcc                 ? 
_entity_src_gen.pdbx_host_org_culture_collection   ? 
_entity_src_gen.pdbx_host_org_cell                 ? 
_entity_src_gen.pdbx_host_org_organelle            ? 
_entity_src_gen.pdbx_host_org_cellular_location    ? 
_entity_src_gen.pdbx_host_org_vector_type          plasmid 
_entity_src_gen.pdbx_host_org_vector               ? 
_entity_src_gen.host_org_details                   ? 
_entity_src_gen.expression_system_id               ? 
_entity_src_gen.plasmid_name                       pET11a 
_entity_src_gen.plasmid_details                    ? 
_entity_src_gen.pdbx_description                   ? 
# 
loop_
_chem_comp.id 
_chem_comp.type 
_chem_comp.mon_nstd_flag 
_chem_comp.name 
_chem_comp.pdbx_synonyms 
_chem_comp.formula 
_chem_comp.formula_weight 
ALA 'L-peptide linking' y ALANINE                       ?                          'C3 H7 N O2'        89.093  
ARG 'L-peptide linking' y ARGININE                      ?                          'C6 H15 N4 O2 1'    175.209 
ASN 'L-peptide linking' y ASPARAGINE                    ?                          'C4 H8 N2 O3'       132.118 
ASP 'L-peptide linking' y 'ASPARTIC ACID'               ?                          'C4 H7 N O4'        133.103 
FAD non-polymer         . 'FLAVIN-ADENINE DINUCLEOTIDE' ?                          'C27 H33 N9 O15 P2' 785.550 
FMN non-polymer         . 'FLAVIN MONONUCLEOTIDE'       'RIBOFLAVIN MONOPHOSPHATE' 'C17 H21 N4 O9 P'   456.344 
GLN 'L-peptide linking' y GLUTAMINE                     ?                          'C5 H10 N2 O3'      146.144 
GLU 'L-peptide linking' y 'GLUTAMIC ACID'               ?                          'C5 H9 N O4'        147.129 
GLY 'peptide linking'   y GLYCINE                       ?                          'C2 H5 N O2'        75.067  
HIS 'L-peptide linking' y HISTIDINE                     ?                          'C6 H10 N3 O2 1'    156.162 
HOH non-polymer         . WATER                         ?                          'H2 O'              18.015  
ILE 'L-peptide linking' y ISOLEUCINE                    ?                          'C6 H13 N O2'       131.173 
LEU 'L-peptide linking' y LEUCINE                       ?                          'C6 H13 N O2'       131.173 
LYS 'L-peptide linking' y LYSINE                        ?                          'C6 H15 N2 O2 1'    147.195 
MET 'L-peptide linking' y METHIONINE                    ?                          'C5 H11 N O2 S'     149.211 
PHE 'L-peptide linking' y PHENYLALANINE                 ?                          'C9 H11 N O2'       165.189 
PRO 'L-peptide linking' y PROLINE                       ?                          'C5 H9 N O2'        115.130 
SER 'L-peptide linking' y SERINE                        ?                          'C3 H7 N O3'        105.093 
THR 'L-peptide linking' y THREONINE                     ?                          'C4 H9 N O3'        119.119 
TRP 'L-peptide linking' y TRYPTOPHAN                    ?                          'C11 H12 N2 O2'     204.225 
TYR 'L-peptide linking' y TYROSINE                      ?                          'C9 H11 N O3'       181.189 
VAL 'L-peptide linking' y VALINE                        ?                          'C5 H11 N O2'       117.146 
# 
loop_
_pdbx_poly_seq_scheme.asym_id 
_pdbx_poly_seq_scheme.entity_id 
_pdbx_poly_seq_scheme.seq_id 
_pdbx_poly_seq_scheme.mon_id 
_pdbx_poly_seq_scheme.ndb_seq_num 
_pdbx_poly_seq_scheme.pdb_seq_num 
_pdbx_poly_seq_scheme.auth_seq_num 
_pdbx_poly_seq_scheme.pdb_mon_id 
_pdbx_poly_seq_scheme.auth_mon_id 
_pdbx_poly_seq_scheme.pdb_strand_id 
_pdbx_poly_seq_scheme.pdb_ins_code 
_pdbx_poly_seq_scheme.hetero 
A 1 1   MET 1   1   1   MET MET A . n 
A 1 2   ASN 2   2   2   ASN ASN A . n 
A 1 3   LEU 3   3   3   LEU LEU A . n 
A 1 4   GLU 4   4   4   GLU GLU A . n 
A 1 5   ALA 5   5   5   ALA ALA A . n 
A 1 6   LYS 6   6   6   LYS LYS A . n 
A 1 7   LYS 7   7   7   LYS LYS A . n 
A 1 8   LYS 8   8   8   LYS LYS A . n 
A 1 9   VAL 9   9   9   VAL VAL A . n 
A 1 10  LEU 10  10  10  LEU LEU A . n 
A 1 11  ARG 11  11  11  ARG ARG A . n 
A 1 12  SER 12  12  12  SER SER A . n 
A 1 13  PHE 13  13  13  PHE PHE A . n 
A 1 14  THR 14  14  14  THR THR A . n 
A 1 15  TYR 15  15  15  TYR TYR A . n 
A 1 16  GLY 16  16  16  GLY GLY A . n 
A 1 17  LEU 17  17  17  LEU LEU A . n 
A 1 18  TYR 18  18  18  TYR TYR A . n 
A 1 19  VAL 19  19  19  VAL VAL A . n 
A 1 20  LEU 20  20  20  LEU LEU A . n 
A 1 21  THR 21  21  21  THR THR A . n 
A 1 22  ALA 22  22  22  ALA ALA A . n 
A 1 23  LYS 23  23  23  LYS LYS A . n 
A 1 24  ASP 24  24  24  ASP ASP A . n 
A 1 25  GLY 25  25  25  GLY GLY A . n 
A 1 26  ASP 26  26  26  ASP ASP A . n 
A 1 27  GLU 27  27  27  GLU GLU A . n 
A 1 28  VAL 28  28  28  VAL VAL A . n 
A 1 29  ALA 29  29  29  ALA ALA A . n 
A 1 30  ALA 30  30  30  ALA ALA A . n 
A 1 31  GLY 31  31  31  GLY GLY A . n 
A 1 32  THR 32  32  32  THR THR A . n 
A 1 33  VAL 33  33  33  VAL VAL A . n 
A 1 34  ASN 34  34  34  ASN ASN A . n 
A 1 35  TRP 35  35  35  TRP TRP A . n 
A 1 36  VAL 36  36  36  VAL VAL A . n 
A 1 37  THR 37  37  37  THR THR A . n 
A 1 38  GLN 38  38  38  GLN GLN A . n 
A 1 39  ALA 39  39  39  ALA ALA A . n 
A 1 40  SER 40  40  40  SER SER A . n 
A 1 41  PHE 41  41  41  PHE PHE A . n 
A 1 42  GLN 42  42  42  GLN GLN A . n 
A 1 43  PRO 43  43  43  PRO PRO A . n 
A 1 44  PRO 44  44  44  PRO PRO A . n 
A 1 45  LEU 45  45  45  LEU LEU A . n 
A 1 46  VAL 46  46  46  VAL VAL A . n 
A 1 47  ALA 47  47  47  ALA ALA A . n 
A 1 48  VAL 48  48  48  VAL VAL A . n 
A 1 49  GLY 49  49  49  GLY GLY A . n 
A 1 50  LEU 50  50  50  LEU LEU A . n 
A 1 51  LYS 51  51  51  LYS LYS A . n 
A 1 52  ARG 52  52  52  ARG ARG A . n 
A 1 53  ASP 53  53  53  ASP ASP A . n 
A 1 54  SER 54  54  54  SER SER A . n 
A 1 55  HIS 55  55  55  HIS HIS A . n 
A 1 56  LEU 56  56  56  LEU LEU A . n 
A 1 57  HIS 57  57  57  HIS HIS A . n 
A 1 58  ALA 58  58  58  ALA ALA A . n 
A 1 59  LEU 59  59  59  LEU LEU A . n 
A 1 60  VAL 60  60  60  VAL VAL A . n 
A 1 61  GLU 61  61  61  GLU GLU A . n 
A 1 62  ARG 62  62  62  ARG ARG A . n 
A 1 63  THR 63  63  63  THR THR A . n 
A 1 64  GLY 64  64  64  GLY GLY A . n 
A 1 65  LYS 65  65  65  LYS LYS A . n 
A 1 66  LEU 66  66  66  LEU LEU A . n 
A 1 67  ALA 67  67  67  ALA ALA A . n 
A 1 68  LEU 68  68  68  LEU LEU A . n 
A 1 69  MET 69  69  69  MET MET A . n 
A 1 70  THR 70  70  70  THR THR A . n 
A 1 71  LEU 71  71  71  LEU LEU A . n 
A 1 72  ALA 72  72  72  ALA ALA A . n 
A 1 73  HIS 73  73  73  HIS HIS A . n 
A 1 74  ASP 74  74  74  ASP ASP A . n 
A 1 75  GLN 75  75  75  GLN GLN A . n 
A 1 76  LYS 76  76  76  LYS LYS A . n 
A 1 77  ALA 77  77  77  ALA ALA A . n 
A 1 78  ILE 78  78  78  ILE ILE A . n 
A 1 79  ALA 79  79  79  ALA ALA A . n 
A 1 80  GLN 80  80  80  GLN GLN A . n 
A 1 81  ASP 81  81  81  ASP ASP A . n 
A 1 82  PHE 82  82  82  PHE PHE A . n 
A 1 83  PHE 83  83  83  PHE PHE A . n 
A 1 84  LYS 84  84  84  LYS LYS A . n 
A 1 85  PRO 85  85  85  PRO PRO A . n 
A 1 86  THR 86  86  86  THR THR A . n 
A 1 87  VAL 87  87  87  VAL VAL A . n 
A 1 88  ARG 88  88  88  ARG ARG A . n 
A 1 89  GLU 89  89  89  GLU GLU A . n 
A 1 90  GLY 90  90  90  GLY GLY A . n 
A 1 91  ASP 91  91  91  ASP ASP A . n 
A 1 92  ARG 92  92  92  ARG ARG A . n 
A 1 93  LEU 93  93  93  LEU LEU A . n 
A 1 94  ASN 94  94  94  ASN ASN A . n 
A 1 95  GLY 95  95  95  GLY GLY A . n 
A 1 96  HIS 96  96  96  HIS HIS A . n 
A 1 97  PRO 97  97  97  PRO PRO A . n 
A 1 98  PHE 98  98  98  PHE PHE A . n 
A 1 99  GLU 99  99  99  GLU GLU A . n 
A 1 100 PRO 100 100 100 PRO PRO A . n 
A 1 101 SER 101 101 101 SER SER A . n 
A 1 102 PRO 102 102 102 PRO PRO A . n 
A 1 103 THR 103 103 103 THR THR A . n 
A 1 104 PHE 104 104 104 PHE PHE A . n 
A 1 105 GLY 105 105 105 GLY GLY A . n 
A 1 106 LEU 106 106 106 LEU LEU A . n 
A 1 107 PRO 107 107 107 PRO PRO A . n 
A 1 108 LEU 108 108 108 LEU LEU A . n 
A 1 109 LEU 109 109 109 LEU LEU A . n 
A 1 110 THR 110 110 110 THR THR A . n 
A 1 111 GLU 111 111 111 GLU GLU A . n 
A 1 112 LEU 112 112 112 LEU LEU A . n 
A 1 113 PRO 113 113 113 PRO PRO A . n 
A 1 114 TYR 114 114 114 TYR TYR A . n 
A 1 115 TRP 115 115 115 TRP TRP A . n 
A 1 116 LEU 116 116 116 LEU LEU A . n 
A 1 117 GLU 117 117 117 GLU GLU A . n 
A 1 118 ALA 118 118 118 ALA ALA A . n 
A 1 119 GLU 119 119 119 GLU GLU A . n 
A 1 120 VAL 120 120 120 VAL VAL A . n 
A 1 121 ARG 121 121 121 ARG ARG A . n 
A 1 122 HIS 122 122 122 HIS HIS A . n 
A 1 123 LEU 123 123 123 LEU LEU A . n 
A 1 124 TYR 124 124 124 TYR TYR A . n 
A 1 125 PRO 125 125 125 PRO PRO A . n 
A 1 126 GLY 126 126 126 GLY GLY A . n 
A 1 127 GLY 127 127 127 GLY GLY A . n 
A 1 128 ASP 128 128 128 ASP ASP A . n 
A 1 129 HIS 129 129 129 HIS HIS A . n 
A 1 130 SER 130 130 130 SER SER A . n 
A 1 131 LEU 131 131 131 LEU LEU A . n 
A 1 132 VAL 132 132 132 VAL VAL A . n 
A 1 133 VAL 133 133 133 VAL VAL A . n 
A 1 134 ALA 134 134 134 ALA ALA A . n 
A 1 135 GLU 135 135 135 GLU GLU A . n 
A 1 136 VAL 136 136 136 VAL VAL A . n 
A 1 137 VAL 137 137 137 VAL VAL A . n 
A 1 138 GLU 138 138 138 GLU GLU A . n 
A 1 139 ALA 139 139 139 ALA ALA A . n 
A 1 140 GLY 140 140 140 GLY GLY A . n 
A 1 141 VAL 141 141 141 VAL VAL A . n 
A 1 142 ARG 142 142 142 ARG ARG A . n 
A 1 143 ARG 143 143 143 ARG ARG A . n 
A 1 144 GLU 144 144 144 GLU GLU A . n 
A 1 145 GLU 145 145 145 GLU GLU A . n 
A 1 146 LYS 146 146 146 LYS LYS A . n 
A 1 147 PRO 147 147 147 PRO PRO A . n 
A 1 148 LEU 148 148 148 LEU LEU A . n 
A 1 149 VAL 149 149 149 VAL VAL A . n 
A 1 150 MET 150 150 150 MET MET A . n 
A 1 151 TRP 151 151 151 TRP TRP A . n 
A 1 152 ASP 152 152 152 ASP ASP A . n 
A 1 153 THR 153 153 153 THR THR A . n 
A 1 154 GLY 154 154 154 GLY GLY A . n 
A 1 155 TRP 155 155 155 TRP TRP A . n 
A 1 156 PHE 156 156 156 PHE PHE A . n 
A 1 157 TYR 157 157 157 TYR TYR A . n 
A 1 158 GLY 158 158 158 GLY GLY A . n 
A 1 159 GLY 159 159 159 GLY GLY A . n 
# 
loop_
_pdbx_nonpoly_scheme.asym_id 
_pdbx_nonpoly_scheme.entity_id 
_pdbx_nonpoly_scheme.mon_id 
_pdbx_nonpoly_scheme.ndb_seq_num 
_pdbx_nonpoly_scheme.pdb_seq_num 
_pdbx_nonpoly_scheme.auth_seq_num 
_pdbx_nonpoly_scheme.pdb_mon_id 
_pdbx_nonpoly_scheme.auth_mon_id 
_pdbx_nonpoly_scheme.pdb_strand_id 
_pdbx_nonpoly_scheme.pdb_ins_code 
B 2 FAD 1  401 401 FAD FAD A . 
C 3 FMN 1  402 402 FMN FMN A . 
D 4 HOH 1  403 1   HOH HOH A . 
D 4 HOH 2  404 2   HOH HOH A . 
D 4 HOH 3  405 3   HOH HOH A . 
D 4 HOH 4  406 4   HOH HOH A . 
D 4 HOH 5  407 5   HOH HOH A . 
D 4 HOH 6  408 6   HOH HOH A . 
D 4 HOH 7  409 7   HOH HOH A . 
D 4 HOH 8  410 8   HOH HOH A . 
D 4 HOH 9  411 9   HOH HOH A . 
D 4 HOH 10 412 11  HOH HOH A . 
D 4 HOH 11 413 12  HOH HOH A . 
D 4 HOH 12 414 13  HOH HOH A . 
D 4 HOH 13 415 14  HOH HOH A . 
D 4 HOH 14 416 15  HOH HOH A . 
D 4 HOH 15 417 16  HOH HOH A . 
D 4 HOH 16 418 17  HOH HOH A . 
D 4 HOH 17 419 18  HOH HOH A . 
D 4 HOH 18 420 19  HOH HOH A . 
D 4 HOH 19 421 20  HOH HOH A . 
D 4 HOH 20 422 21  HOH HOH A . 
D 4 HOH 21 423 22  HOH HOH A . 
D 4 HOH 22 424 23  HOH HOH A . 
D 4 HOH 23 425 24  HOH HOH A . 
D 4 HOH 24 426 25  HOH HOH A . 
D 4 HOH 25 427 26  HOH HOH A . 
D 4 HOH 26 428 27  HOH HOH A . 
D 4 HOH 27 429 28  HOH HOH A . 
D 4 HOH 28 430 29  HOH HOH A . 
D 4 HOH 29 431 30  HOH HOH A . 
D 4 HOH 30 432 31  HOH HOH A . 
D 4 HOH 31 433 32  HOH HOH A . 
D 4 HOH 32 434 33  HOH HOH A . 
D 4 HOH 33 435 34  HOH HOH A . 
D 4 HOH 34 436 35  HOH HOH A . 
D 4 HOH 35 437 36  HOH HOH A . 
D 4 HOH 36 438 37  HOH HOH A . 
D 4 HOH 37 439 38  HOH HOH A . 
D 4 HOH 38 440 39  HOH HOH A . 
D 4 HOH 39 441 40  HOH HOH A . 
D 4 HOH 40 442 41  HOH HOH A . 
D 4 HOH 41 443 42  HOH HOH A . 
D 4 HOH 42 444 43  HOH HOH A . 
D 4 HOH 43 445 44  HOH HOH A . 
D 4 HOH 44 446 45  HOH HOH A . 
D 4 HOH 45 447 47  HOH HOH A . 
D 4 HOH 46 448 48  HOH HOH A . 
D 4 HOH 47 449 49  HOH HOH A . 
D 4 HOH 48 450 50  HOH HOH A . 
D 4 HOH 49 451 51  HOH HOH A . 
D 4 HOH 50 452 52  HOH HOH A . 
D 4 HOH 51 453 53  HOH HOH A . 
D 4 HOH 52 454 54  HOH HOH A . 
D 4 HOH 53 455 55  HOH HOH A . 
D 4 HOH 54 456 56  HOH HOH A . 
D 4 HOH 55 457 57  HOH HOH A . 
D 4 HOH 56 458 58  HOH HOH A . 
D 4 HOH 57 459 59  HOH HOH A . 
D 4 HOH 58 460 60  HOH HOH A . 
D 4 HOH 59 461 61  HOH HOH A . 
D 4 HOH 60 462 62  HOH HOH A . 
D 4 HOH 61 463 63  HOH HOH A . 
D 4 HOH 62 464 64  HOH HOH A . 
D 4 HOH 63 465 65  HOH HOH A . 
D 4 HOH 64 466 66  HOH HOH A . 
D 4 HOH 65 467 67  HOH HOH A . 
D 4 HOH 66 468 68  HOH HOH A . 
D 4 HOH 67 469 69  HOH HOH A . 
# 
loop_
_software.name 
_software.classification 
_software.version 
_software.citation_id 
_software.pdbx_ordinal 
REFMAC    refinement       5.1.24 ? 1 
HKL-2000  'data reduction' .      ? 2 
SCALEPACK 'data scaling'   .      ? 3 
SOLVE     phasing          .      ? 4 
# 
_cell.entry_id           1YOA 
_cell.length_a           132.966 
_cell.length_b           132.966 
_cell.length_c           132.966 
_cell.angle_alpha        90.00 
_cell.angle_beta         90.00 
_cell.angle_gamma        90.00 
_cell.Z_PDB              48 
_cell.pdbx_unique_axis   ? 
# 
_symmetry.entry_id                         1YOA 
_symmetry.space_group_name_H-M             'I 4 3 2' 
_symmetry.pdbx_full_space_group_name_H-M   ? 
_symmetry.cell_setting                     ? 
_symmetry.Int_Tables_number                211 
_symmetry.space_group_name_Hall            ? 
# 
_exptl.entry_id          1YOA 
_exptl.method            'X-RAY DIFFRACTION' 
_exptl.crystals_number   1 
# 
_exptl_crystal.id                    1 
_exptl_crystal.density_meas          ? 
_exptl_crystal.density_Matthews      2.7 
_exptl_crystal.density_percent_sol   54.4 
_exptl_crystal.description           ? 
_exptl_crystal.F_000                 ? 
_exptl_crystal.preparation           ? 
# 
_exptl_crystal_grow.crystal_id      1 
_exptl_crystal_grow.method          'VAPOR DIFFUSION, SITTING DROP' 
_exptl_crystal_grow.temp            293 
_exptl_crystal_grow.temp_details    ? 
_exptl_crystal_grow.pH              8.0 
_exptl_crystal_grow.pdbx_details    'PEG400, ammonium sulfate, pH 8.0, VAPOR DIFFUSION, SITTING DROP, temperature 293K' 
_exptl_crystal_grow.pdbx_pH_range   . 
# 
_diffrn.id                     1 
_diffrn.ambient_temp           100 
_diffrn.ambient_temp_details   ? 
_diffrn.crystal_id             1 
# 
_diffrn_detector.diffrn_id              1 
_diffrn_detector.detector               CCD 
_diffrn_detector.type                   'ADSC QUANTUM 315' 
_diffrn_detector.pdbx_collection_date   2004-10-22 
_diffrn_detector.details                ? 
# 
_diffrn_radiation.diffrn_id                        1 
_diffrn_radiation.wavelength_id                    1 
_diffrn_radiation.pdbx_monochromatic_or_laue_m_l   M 
_diffrn_radiation.monochromator                    ? 
_diffrn_radiation.pdbx_diffrn_protocol             'SINGLE WAVELENGTH' 
_diffrn_radiation.pdbx_scattering_type             x-ray 
# 
_diffrn_radiation_wavelength.id           1 
_diffrn_radiation_wavelength.wavelength   1.00 
_diffrn_radiation_wavelength.wt           1.0 
# 
_diffrn_source.diffrn_id                   1 
_diffrn_source.source                      SYNCHROTRON 
_diffrn_source.type                        'PHOTON FACTORY BEAMLINE BL-5A' 
_diffrn_source.pdbx_synchrotron_site       'Photon Factory' 
_diffrn_source.pdbx_synchrotron_beamline   BL-5A 
_diffrn_source.pdbx_wavelength             ? 
_diffrn_source.pdbx_wavelength_list        1.00 
# 
_reflns.entry_id                     1YOA 
_reflns.observed_criterion_sigma_F   0 
_reflns.observed_criterion_sigma_I   0 
_reflns.d_resolution_high            1.9 
_reflns.d_resolution_low             95.35 
_reflns.number_all                   16153 
_reflns.number_obs                   16153 
_reflns.percent_possible_obs         100 
_reflns.pdbx_Rmerge_I_obs            ? 
_reflns.pdbx_Rsym_value              0.11 
_reflns.pdbx_netI_over_sigmaI        ? 
_reflns.B_iso_Wilson_estimate        ? 
_reflns.pdbx_redundancy              41.7 
_reflns.R_free_details               ? 
_reflns.limit_h_max                  ? 
_reflns.limit_h_min                  ? 
_reflns.limit_k_max                  ? 
_reflns.limit_k_min                  ? 
_reflns.limit_l_max                  ? 
_reflns.limit_l_min                  ? 
_reflns.observed_criterion_F_max     ? 
_reflns.observed_criterion_F_min     ? 
_reflns.pdbx_chi_squared             ? 
_reflns.pdbx_scaling_rejects         ? 
_reflns.pdbx_ordinal                 1 
_reflns.pdbx_diffrn_id               1 
# 
_reflns_shell.d_res_high             1.9 
_reflns_shell.d_res_low              1.97 
_reflns_shell.percent_possible_all   100 
_reflns_shell.Rmerge_I_obs           ? 
_reflns_shell.pdbx_Rsym_value        0.292 
_reflns_shell.meanI_over_sigI_obs    ? 
_reflns_shell.pdbx_redundancy        43.2 
_reflns_shell.percent_possible_obs   ? 
_reflns_shell.number_unique_all      1568 
_reflns_shell.number_measured_all    ? 
_reflns_shell.number_measured_obs    ? 
_reflns_shell.number_unique_obs      ? 
_reflns_shell.pdbx_chi_squared       ? 
_reflns_shell.pdbx_ordinal           1 
_reflns_shell.pdbx_diffrn_id         1 
# 
_refine.entry_id                                 1YOA 
_refine.ls_number_reflns_obs                     15335 
_refine.ls_number_reflns_all                     16159 
_refine.pdbx_ls_sigma_I                          ? 
_refine.pdbx_ls_sigma_F                          1 
_refine.pdbx_data_cutoff_high_absF               ? 
_refine.pdbx_data_cutoff_low_absF                ? 
_refine.pdbx_data_cutoff_high_rms_absF           ? 
_refine.ls_d_res_low                             35.54 
_refine.ls_d_res_high                            1.90 
_refine.ls_percent_reflns_obs                    99.96 
_refine.ls_R_factor_obs                          0.2013 
_refine.ls_R_factor_all                          0.201 
_refine.ls_R_factor_R_work                       0.19989 
_refine.ls_R_factor_R_free                       0.22761 
_refine.ls_R_factor_R_free_error                 ? 
_refine.ls_R_factor_R_free_error_details         ? 
_refine.ls_percent_reflns_R_free                 5.0 
_refine.ls_number_reflns_R_free                  813 
_refine.ls_number_parameters                     ? 
_refine.ls_number_restraints                     ? 
_refine.occupancy_min                            ? 
_refine.occupancy_max                            ? 
_refine.correlation_coeff_Fo_to_Fc               0.944 
_refine.correlation_coeff_Fo_to_Fc_free          0.940 
_refine.B_iso_mean                               20.486 
_refine.aniso_B[1][1]                            ? 
_refine.aniso_B[2][2]                            ? 
_refine.aniso_B[3][3]                            ? 
_refine.aniso_B[1][2]                            ? 
_refine.aniso_B[1][3]                            ? 
_refine.aniso_B[2][3]                            ? 
_refine.solvent_model_details                    'BABINET MODEL WITH MASK' 
_refine.solvent_model_param_ksol                 ? 
_refine.solvent_model_param_bsol                 ? 
_refine.pdbx_solvent_vdw_probe_radii             1.40 
_refine.pdbx_solvent_ion_probe_radii             0.80 
_refine.pdbx_solvent_shrinkage_radii             0.80 
_refine.pdbx_ls_cross_valid_method               THROUGHOUT 
_refine.details                                  'HYDROGENS HAVE BEEN ADDED IN THE RIDING POSITIONS' 
_refine.pdbx_starting_model                      ? 
_refine.pdbx_method_to_determine_struct          'MOLECULAR REPLACEMENT' 
_refine.pdbx_isotropic_thermal_model             ? 
_refine.pdbx_stereochemistry_target_values       'MAXIMUM LIKELIHOOD' 
_refine.pdbx_stereochem_target_val_spec_case     ? 
_refine.pdbx_R_Free_selection_details            RANDOM 
_refine.pdbx_overall_ESU_R                       0.147 
_refine.pdbx_overall_ESU_R_Free                  0.133 
_refine.overall_SU_ML                            0.080 
_refine.overall_SU_B                             2.588 
_refine.ls_redundancy_reflns_obs                 ? 
_refine.B_iso_min                                ? 
_refine.B_iso_max                                ? 
_refine.overall_SU_R_Cruickshank_DPI             ? 
_refine.overall_SU_R_free                        ? 
_refine.ls_wR_factor_R_free                      ? 
_refine.ls_wR_factor_R_work                      ? 
_refine.overall_FOM_free_R_set                   ? 
_refine.overall_FOM_work_R_set                   ? 
_refine.pdbx_refine_id                           'X-RAY DIFFRACTION' 
_refine.pdbx_diffrn_id                           1 
_refine.pdbx_TLS_residual_ADP_flag               ? 
_refine.pdbx_overall_phase_error                 ? 
_refine.pdbx_overall_SU_R_free_Cruickshank_DPI   ? 
_refine.pdbx_overall_SU_R_Blow_DPI               ? 
_refine.pdbx_overall_SU_R_free_Blow_DPI          ? 
# 
_refine_hist.pdbx_refine_id                   'X-RAY DIFFRACTION' 
_refine_hist.cycle_id                         LAST 
_refine_hist.pdbx_number_atoms_protein        1255 
_refine_hist.pdbx_number_atoms_nucleic_acid   0 
_refine_hist.pdbx_number_atoms_ligand         84 
_refine_hist.number_atoms_solvent             67 
_refine_hist.number_atoms_total               1406 
_refine_hist.d_res_high                       1.90 
_refine_hist.d_res_low                        35.54 
# 
loop_
_refine_ls_restr.type 
_refine_ls_restr.dev_ideal 
_refine_ls_restr.dev_ideal_target 
_refine_ls_restr.weight 
_refine_ls_restr.number 
_refine_ls_restr.pdbx_refine_id 
_refine_ls_restr.pdbx_restraint_function 
r_bond_refined_d         0.013 0.021 ? 1381 'X-RAY DIFFRACTION' ? 
r_bond_other_d           0.002 0.020 ? 1216 'X-RAY DIFFRACTION' ? 
r_angle_refined_deg      1.510 2.031 ? 1894 'X-RAY DIFFRACTION' ? 
r_angle_other_deg        0.850 3.000 ? 2824 'X-RAY DIFFRACTION' ? 
r_dihedral_angle_1_deg   5.934 5.000 ? 158  'X-RAY DIFFRACTION' ? 
r_chiral_restr           0.099 0.200 ? 202  'X-RAY DIFFRACTION' ? 
r_gen_planes_refined     0.007 0.020 ? 1473 'X-RAY DIFFRACTION' ? 
r_gen_planes_other       0.007 0.020 ? 267  'X-RAY DIFFRACTION' ? 
r_nbd_refined            0.196 0.200 ? 214  'X-RAY DIFFRACTION' ? 
r_nbd_other              0.249 0.200 ? 1339 'X-RAY DIFFRACTION' ? 
r_nbtor_other            0.085 0.200 ? 811  'X-RAY DIFFRACTION' ? 
r_xyhbond_nbd_refined    0.155 0.200 ? 74   'X-RAY DIFFRACTION' ? 
r_symmetry_vdw_refined   0.242 0.200 ? 20   'X-RAY DIFFRACTION' ? 
r_symmetry_vdw_other     0.300 0.200 ? 85   'X-RAY DIFFRACTION' ? 
r_symmetry_hbond_refined 0.380 0.200 ? 8    'X-RAY DIFFRACTION' ? 
r_mcbond_it              0.861 1.500 ? 791  'X-RAY DIFFRACTION' ? 
r_mcangle_it             1.636 2.000 ? 1271 'X-RAY DIFFRACTION' ? 
r_scbond_it              2.620 3.000 ? 590  'X-RAY DIFFRACTION' ? 
r_scangle_it             4.323 4.500 ? 623  'X-RAY DIFFRACTION' ? 
# 
_refine_ls_shell.pdbx_total_number_of_bins_used   20 
_refine_ls_shell.d_res_high                       1.900 
_refine_ls_shell.d_res_low                        1.949 
_refine_ls_shell.number_reflns_R_work             1088 
_refine_ls_shell.R_factor_R_work                  0.194 
_refine_ls_shell.percent_reflns_obs               ? 
_refine_ls_shell.R_factor_R_free                  0.285 
_refine_ls_shell.R_factor_R_free_error            ? 
_refine_ls_shell.percent_reflns_R_free            ? 
_refine_ls_shell.number_reflns_R_free             73 
_refine_ls_shell.number_reflns_obs                ? 
_refine_ls_shell.redundancy_reflns_obs            ? 
_refine_ls_shell.number_reflns_all                ? 
_refine_ls_shell.pdbx_refine_id                   'X-RAY DIFFRACTION' 
_refine_ls_shell.R_factor_all                     ? 
# 
_struct.entry_id                  1YOA 
_struct.title                     'Crystal structure of a probable flavoprotein from Thermus thermophilus HB8' 
_struct.pdbx_model_details        ? 
_struct.pdbx_CASP_flag            ? 
_struct.pdbx_model_type_details   ? 
# 
_struct_keywords.entry_id        1YOA 
_struct_keywords.pdbx_keywords   'STRUCTURAL GENOMICS, UNKNOWN FUNCTION' 
_struct_keywords.text            
'flavoprotein, HB8, FAD, Structural Genomics, RIKEN Structural Genomics/Proteomics Initiative, RSGI, UNKNOWN FUNCTION' 
# 
loop_
_struct_asym.id 
_struct_asym.pdbx_blank_PDB_chainid_flag 
_struct_asym.pdbx_modified 
_struct_asym.entity_id 
_struct_asym.details 
A N N 1 ? 
B N N 2 ? 
C N N 3 ? 
D N N 4 ? 
# 
_struct_ref.id                         1 
_struct_ref.db_name                    UNP 
_struct_ref.db_code                    Q5SL73_THET8 
_struct_ref.entity_id                  1 
_struct_ref.pdbx_seq_one_letter_code   
;MNLEAKKKVLRSFTYGLYVLTAKDGDEVAAGTVNWVTQASFQPPLVAVGLKRDSHLHALVERTGKLALMTLAHDQKAIAQ
DFFKPTVREGDRLNGHPFEPSPTFGLPLLTELPYWLEAEVRHLYPGGDHSLVVAEVVEAGVRREEKPLVMWDTGWFYGG
;
_struct_ref.pdbx_align_begin           1 
_struct_ref.pdbx_db_accession          Q5SL73 
_struct_ref.pdbx_db_isoform            ? 
# 
_struct_ref_seq.align_id                      1 
_struct_ref_seq.ref_id                        1 
_struct_ref_seq.pdbx_PDB_id_code              1YOA 
_struct_ref_seq.pdbx_strand_id                A 
_struct_ref_seq.seq_align_beg                 1 
_struct_ref_seq.pdbx_seq_align_beg_ins_code   ? 
_struct_ref_seq.seq_align_end                 159 
_struct_ref_seq.pdbx_seq_align_end_ins_code   ? 
_struct_ref_seq.pdbx_db_accession             Q5SL73 
_struct_ref_seq.db_align_beg                  1 
_struct_ref_seq.pdbx_db_align_beg_ins_code    ? 
_struct_ref_seq.db_align_end                  159 
_struct_ref_seq.pdbx_db_align_end_ins_code    ? 
_struct_ref_seq.pdbx_auth_seq_align_beg       1 
_struct_ref_seq.pdbx_auth_seq_align_end       159 
# 
_pdbx_struct_assembly.id                   1 
_pdbx_struct_assembly.details              author_and_software_defined_assembly 
_pdbx_struct_assembly.method_details       PISA,PQS 
_pdbx_struct_assembly.oligomeric_details   dimeric 
_pdbx_struct_assembly.oligomeric_count     2 
# 
loop_
_pdbx_struct_assembly_prop.biol_id 
_pdbx_struct_assembly_prop.type 
_pdbx_struct_assembly_prop.value 
_pdbx_struct_assembly_prop.details 
1 'ABSA (A^2)' 8130  ? 
1 MORE         -63   ? 
1 'SSA (A^2)'  12260 ? 
# 
_pdbx_struct_assembly_gen.assembly_id       1 
_pdbx_struct_assembly_gen.oper_expression   1,2 
_pdbx_struct_assembly_gen.asym_id_list      A,B,C,D 
# 
loop_
_pdbx_struct_oper_list.id 
_pdbx_struct_oper_list.type 
_pdbx_struct_oper_list.name 
_pdbx_struct_oper_list.symmetry_operation 
_pdbx_struct_oper_list.matrix[1][1] 
_pdbx_struct_oper_list.matrix[1][2] 
_pdbx_struct_oper_list.matrix[1][3] 
_pdbx_struct_oper_list.vector[1] 
_pdbx_struct_oper_list.matrix[2][1] 
_pdbx_struct_oper_list.matrix[2][2] 
_pdbx_struct_oper_list.matrix[2][3] 
_pdbx_struct_oper_list.vector[2] 
_pdbx_struct_oper_list.matrix[3][1] 
_pdbx_struct_oper_list.matrix[3][2] 
_pdbx_struct_oper_list.matrix[3][3] 
_pdbx_struct_oper_list.vector[3] 
1 'identity operation'         1_555  x,y,z                1.0000000000  0.0000000000 0.0000000000 0.0000000000  0.0000000000 1.0000000000 0.0000000000 0.0000000000  0.0000000000 0.0000000000 1.0000000000  0.0000000000 
2 'crystal symmetry operation' 43_555 -x+1/2,-z+1/2,-y+1/2 -0.9994310244 0.0243842583 0.0233031185 20.3304121209 0.0243842583 0.0450221323 0.9986883476 -7.4667410863 0.0233031185 0.9986883476 -0.0455911079 7.3167647236 
# 
_struct_biol.id   1 
# 
loop_
_struct_conf.conf_type_id 
_struct_conf.id 
_struct_conf.pdbx_PDB_helix_id 
_struct_conf.beg_label_comp_id 
_struct_conf.beg_label_asym_id 
_struct_conf.beg_label_seq_id 
_struct_conf.pdbx_beg_PDB_ins_code 
_struct_conf.end_label_comp_id 
_struct_conf.end_label_asym_id 
_struct_conf.end_label_seq_id 
_struct_conf.pdbx_end_PDB_ins_code 
_struct_conf.beg_auth_comp_id 
_struct_conf.beg_auth_asym_id 
_struct_conf.beg_auth_seq_id 
_struct_conf.end_auth_comp_id 
_struct_conf.end_auth_asym_id 
_struct_conf.end_auth_seq_id 
_struct_conf.pdbx_PDB_helix_class 
_struct_conf.details 
_struct_conf.pdbx_PDB_helix_length 
HELX_P HELX_P1 1 ASN A 2   ? ARG A 11  ? ASN A 2   ARG A 11  1 ? 10 
HELX_P HELX_P2 2 SER A 54  ? GLY A 64  ? SER A 54  GLY A 64  1 ? 11 
HELX_P HELX_P3 3 GLN A 75  ? PHE A 82  ? GLN A 75  PHE A 82  1 ? 8  
HELX_P HELX_P4 4 VAL A 149 ? GLY A 154 ? VAL A 149 GLY A 154 5 ? 6  
# 
_struct_conf_type.id          HELX_P 
_struct_conf_type.criteria    ? 
_struct_conf_type.reference   ? 
# 
_struct_mon_prot_cis.pdbx_id                1 
_struct_mon_prot_cis.label_comp_id          GLN 
_struct_mon_prot_cis.label_seq_id           42 
_struct_mon_prot_cis.label_asym_id          A 
_struct_mon_prot_cis.label_alt_id           . 
_struct_mon_prot_cis.pdbx_PDB_ins_code      ? 
_struct_mon_prot_cis.auth_comp_id           GLN 
_struct_mon_prot_cis.auth_seq_id            42 
_struct_mon_prot_cis.auth_asym_id           A 
_struct_mon_prot_cis.pdbx_label_comp_id_2   PRO 
_struct_mon_prot_cis.pdbx_label_seq_id_2    43 
_struct_mon_prot_cis.pdbx_label_asym_id_2   A 
_struct_mon_prot_cis.pdbx_PDB_ins_code_2    ? 
_struct_mon_prot_cis.pdbx_auth_comp_id_2    PRO 
_struct_mon_prot_cis.pdbx_auth_seq_id_2     43 
_struct_mon_prot_cis.pdbx_auth_asym_id_2    A 
_struct_mon_prot_cis.pdbx_PDB_model_num     1 
_struct_mon_prot_cis.pdbx_omega_angle       -12.43 
# 
loop_
_struct_sheet.id 
_struct_sheet.type 
_struct_sheet.number_strands 
_struct_sheet.details 
A ? 7 ? 
B ? 4 ? 
# 
loop_
_struct_sheet_order.sheet_id 
_struct_sheet_order.range_id_1 
_struct_sheet_order.range_id_2 
_struct_sheet_order.offset 
_struct_sheet_order.sense 
A 1 2 ? anti-parallel 
A 2 3 ? anti-parallel 
A 3 4 ? anti-parallel 
A 4 5 ? anti-parallel 
A 5 6 ? anti-parallel 
A 6 7 ? anti-parallel 
B 1 2 ? anti-parallel 
B 2 3 ? anti-parallel 
B 3 4 ? anti-parallel 
# 
loop_
_struct_sheet_range.sheet_id 
_struct_sheet_range.id 
_struct_sheet_range.beg_label_comp_id 
_struct_sheet_range.beg_label_asym_id 
_struct_sheet_range.beg_label_seq_id 
_struct_sheet_range.pdbx_beg_PDB_ins_code 
_struct_sheet_range.end_label_comp_id 
_struct_sheet_range.end_label_asym_id 
_struct_sheet_range.end_label_seq_id 
_struct_sheet_range.pdbx_end_PDB_ins_code 
_struct_sheet_range.beg_auth_comp_id 
_struct_sheet_range.beg_auth_asym_id 
_struct_sheet_range.beg_auth_seq_id 
_struct_sheet_range.end_auth_comp_id 
_struct_sheet_range.end_auth_asym_id 
_struct_sheet_range.end_auth_seq_id 
A 1 GLU A 27  ? VAL A 33  ? GLU A 27  VAL A 33  
A 2 TYR A 18  ? ASP A 24  ? TYR A 18  ASP A 24  
A 3 LYS A 65  ? THR A 70  ? LYS A 65  THR A 70  
A 4 TYR A 114 ? TYR A 124 ? TYR A 114 TYR A 124 
A 5 HIS A 129 ? VAL A 141 ? HIS A 129 VAL A 141 
A 6 LEU A 45  ? LYS A 51  ? LEU A 45  LYS A 51  
A 7 VAL A 36  ? SER A 40  ? VAL A 36  SER A 40  
B 1 ARG A 88  ? GLU A 89  ? ARG A 88  GLU A 89  
B 2 ARG A 92  ? LEU A 93  ? ARG A 92  LEU A 93  
B 3 HIS A 96  ? PRO A 100 ? HIS A 96  PRO A 100 
B 4 PRO A 107 ? LEU A 109 ? PRO A 107 LEU A 109 
# 
loop_
_pdbx_struct_sheet_hbond.sheet_id 
_pdbx_struct_sheet_hbond.range_id_1 
_pdbx_struct_sheet_hbond.range_id_2 
_pdbx_struct_sheet_hbond.range_1_label_atom_id 
_pdbx_struct_sheet_hbond.range_1_label_comp_id 
_pdbx_struct_sheet_hbond.range_1_label_asym_id 
_pdbx_struct_sheet_hbond.range_1_label_seq_id 
_pdbx_struct_sheet_hbond.range_1_PDB_ins_code 
_pdbx_struct_sheet_hbond.range_1_auth_atom_id 
_pdbx_struct_sheet_hbond.range_1_auth_comp_id 
_pdbx_struct_sheet_hbond.range_1_auth_asym_id 
_pdbx_struct_sheet_hbond.range_1_auth_seq_id 
_pdbx_struct_sheet_hbond.range_2_label_atom_id 
_pdbx_struct_sheet_hbond.range_2_label_comp_id 
_pdbx_struct_sheet_hbond.range_2_label_asym_id 
_pdbx_struct_sheet_hbond.range_2_label_seq_id 
_pdbx_struct_sheet_hbond.range_2_PDB_ins_code 
_pdbx_struct_sheet_hbond.range_2_auth_atom_id 
_pdbx_struct_sheet_hbond.range_2_auth_comp_id 
_pdbx_struct_sheet_hbond.range_2_auth_asym_id 
_pdbx_struct_sheet_hbond.range_2_auth_seq_id 
A 1 2 O GLY A 31  ? O GLY A 31  N LEU A 20  ? N LEU A 20  
A 2 3 N THR A 21  ? N THR A 21  O ALA A 67  ? O ALA A 67  
A 3 4 N LEU A 66  ? N LEU A 66  O ALA A 118 ? O ALA A 118 
A 4 5 N HIS A 122 ? N HIS A 122 O VAL A 133 ? O VAL A 133 
A 5 6 O VAL A 132 ? O VAL A 132 N VAL A 48  ? N VAL A 48  
A 6 7 O ALA A 47  ? O ALA A 47  N THR A 37  ? N THR A 37  
B 1 2 N GLU A 89  ? N GLU A 89  O ARG A 92  ? O ARG A 92  
B 2 3 N LEU A 93  ? N LEU A 93  O HIS A 96  ? O HIS A 96  
B 3 4 N GLU A 99  ? N GLU A 99  O LEU A 108 ? O LEU A 108 
# 
loop_
_struct_site.id 
_struct_site.pdbx_evidence_code 
_struct_site.pdbx_auth_asym_id 
_struct_site.pdbx_auth_comp_id 
_struct_site.pdbx_auth_seq_id 
_struct_site.pdbx_auth_ins_code 
_struct_site.pdbx_num_residues 
_struct_site.details 
AC1 Software A FAD 401 ? 23 'BINDING SITE FOR RESIDUE FAD A 401' 
AC2 Software A FMN 402 ? 11 'BINDING SITE FOR RESIDUE FMN A 402' 
# 
loop_
_struct_site_gen.id 
_struct_site_gen.site_id 
_struct_site_gen.pdbx_num_res 
_struct_site_gen.label_comp_id 
_struct_site_gen.label_asym_id 
_struct_site_gen.label_seq_id 
_struct_site_gen.pdbx_auth_ins_code 
_struct_site_gen.auth_comp_id 
_struct_site_gen.auth_asym_id 
_struct_site_gen.auth_seq_id 
_struct_site_gen.label_atom_id 
_struct_site_gen.label_alt_id 
_struct_site_gen.symmetry 
_struct_site_gen.details 
1  AC1 23 ALA A 29  ? ALA A 29  . ? 1_555  ? 
2  AC1 23 ALA A 30  ? ALA A 30  . ? 1_555  ? 
3  AC1 23 GLY A 31  ? GLY A 31  . ? 1_555  ? 
4  AC1 23 THR A 32  ? THR A 32  . ? 1_555  ? 
5  AC1 23 VAL A 33  ? VAL A 33  . ? 1_555  ? 
6  AC1 23 ASN A 34  ? ASN A 34  . ? 1_555  ? 
7  AC1 23 TRP A 35  ? TRP A 35  . ? 1_555  ? 
8  AC1 23 GLY A 49  ? GLY A 49  . ? 1_555  ? 
9  AC1 23 LEU A 50  ? LEU A 50  . ? 1_555  ? 
10 AC1 23 LYS A 51  ? LYS A 51  . ? 1_555  ? 
11 AC1 23 HIS A 55  ? HIS A 55  . ? 1_555  ? 
12 AC1 23 PHE A 82  ? PHE A 82  . ? 1_555  ? 
13 AC1 23 PHE A 83  ? PHE A 83  . ? 1_555  ? 
14 AC1 23 PRO A 85  ? PRO A 85  . ? 1_555  ? 
15 AC1 23 THR A 86  ? THR A 86  . ? 1_555  ? 
16 AC1 23 GLU A 144 ? GLU A 144 . ? 23_555 ? 
17 AC1 23 GLU A 145 ? GLU A 145 . ? 23_555 ? 
18 AC1 23 MET A 150 ? MET A 150 . ? 1_555  ? 
19 AC1 23 TYR A 157 ? TYR A 157 . ? 1_555  ? 
20 AC1 23 HOH D .   ? HOH A 419 . ? 1_555  ? 
21 AC1 23 HOH D .   ? HOH A 424 . ? 23_555 ? 
22 AC1 23 HOH D .   ? HOH A 449 . ? 1_555  ? 
23 AC1 23 HOH D .   ? HOH A 456 . ? 1_555  ? 
24 AC2 11 ARG A 11  ? ARG A 11  . ? 1_555  ? 
25 AC2 11 ARG A 11  ? ARG A 11  . ? 22_565 ? 
26 AC2 11 PHE A 41  ? PHE A 41  . ? 43_555 ? 
27 AC2 11 LYS A 51  ? LYS A 51  . ? 1_555  ? 
28 AC2 11 PHE A 156 ? PHE A 156 . ? 1_555  ? 
29 AC2 11 PHE A 156 ? PHE A 156 . ? 22_565 ? 
30 AC2 11 TYR A 157 ? TYR A 157 . ? 1_555  ? 
31 AC2 11 GLY A 158 ? GLY A 158 . ? 1_555  ? 
32 AC2 11 HOH D .   ? HOH A 446 . ? 1_555  ? 
33 AC2 11 HOH D .   ? HOH A 459 . ? 1_555  ? 
34 AC2 11 HOH D .   ? HOH A 468 . ? 1_555  ? 
# 
_pdbx_validate_close_contact.id               1 
_pdbx_validate_close_contact.PDB_model_num    1 
_pdbx_validate_close_contact.auth_atom_id_1   N6A 
_pdbx_validate_close_contact.auth_asym_id_1   A 
_pdbx_validate_close_contact.auth_comp_id_1   FAD 
_pdbx_validate_close_contact.auth_seq_id_1    401 
_pdbx_validate_close_contact.PDB_ins_code_1   ? 
_pdbx_validate_close_contact.label_alt_id_1   ? 
_pdbx_validate_close_contact.auth_atom_id_2   O 
_pdbx_validate_close_contact.auth_asym_id_2   A 
_pdbx_validate_close_contact.auth_comp_id_2   HOH 
_pdbx_validate_close_contact.auth_seq_id_2    456 
_pdbx_validate_close_contact.PDB_ins_code_2   ? 
_pdbx_validate_close_contact.label_alt_id_2   ? 
_pdbx_validate_close_contact.dist             2.06 
# 
_pdbx_validate_symm_contact.id                1 
_pdbx_validate_symm_contact.PDB_model_num     1 
_pdbx_validate_symm_contact.auth_atom_id_1    N3A 
_pdbx_validate_symm_contact.auth_asym_id_1    A 
_pdbx_validate_symm_contact.auth_comp_id_1    FAD 
_pdbx_validate_symm_contact.auth_seq_id_1     401 
_pdbx_validate_symm_contact.PDB_ins_code_1    ? 
_pdbx_validate_symm_contact.label_alt_id_1    ? 
_pdbx_validate_symm_contact.site_symmetry_1   1_555 
_pdbx_validate_symm_contact.auth_atom_id_2    O 
_pdbx_validate_symm_contact.auth_asym_id_2    A 
_pdbx_validate_symm_contact.auth_comp_id_2    HOH 
_pdbx_validate_symm_contact.auth_seq_id_2     424 
_pdbx_validate_symm_contact.PDB_ins_code_2    ? 
_pdbx_validate_symm_contact.label_alt_id_2    ? 
_pdbx_validate_symm_contact.site_symmetry_2   23_555 
_pdbx_validate_symm_contact.dist              1.77 
# 
loop_
_pdbx_validate_rmsd_angle.id 
_pdbx_validate_rmsd_angle.PDB_model_num 
_pdbx_validate_rmsd_angle.auth_atom_id_1 
_pdbx_validate_rmsd_angle.auth_asym_id_1 
_pdbx_validate_rmsd_angle.auth_comp_id_1 
_pdbx_validate_rmsd_angle.auth_seq_id_1 
_pdbx_validate_rmsd_angle.PDB_ins_code_1 
_pdbx_validate_rmsd_angle.label_alt_id_1 
_pdbx_validate_rmsd_angle.auth_atom_id_2 
_pdbx_validate_rmsd_angle.auth_asym_id_2 
_pdbx_validate_rmsd_angle.auth_comp_id_2 
_pdbx_validate_rmsd_angle.auth_seq_id_2 
_pdbx_validate_rmsd_angle.PDB_ins_code_2 
_pdbx_validate_rmsd_angle.label_alt_id_2 
_pdbx_validate_rmsd_angle.auth_atom_id_3 
_pdbx_validate_rmsd_angle.auth_asym_id_3 
_pdbx_validate_rmsd_angle.auth_comp_id_3 
_pdbx_validate_rmsd_angle.auth_seq_id_3 
_pdbx_validate_rmsd_angle.PDB_ins_code_3 
_pdbx_validate_rmsd_angle.label_alt_id_3 
_pdbx_validate_rmsd_angle.angle_value 
_pdbx_validate_rmsd_angle.angle_target_value 
_pdbx_validate_rmsd_angle.angle_deviation 
_pdbx_validate_rmsd_angle.angle_standard_deviation 
_pdbx_validate_rmsd_angle.linker_flag 
1 1 CB A ASP 24  ? ? CG A ASP 24  ? ? OD2 A ASP 24  ? ? 124.40 118.30 6.10 0.90 N 
2 1 CB A ASP 128 ? ? CG A ASP 128 ? ? OD2 A ASP 128 ? ? 124.37 118.30 6.07 0.90 N 
# 
_pdbx_validate_torsion.id              1 
_pdbx_validate_torsion.PDB_model_num   1 
_pdbx_validate_torsion.auth_comp_id    SER 
_pdbx_validate_torsion.auth_asym_id    A 
_pdbx_validate_torsion.auth_seq_id     40 
_pdbx_validate_torsion.PDB_ins_code    ? 
_pdbx_validate_torsion.label_alt_id    ? 
_pdbx_validate_torsion.phi             173.87 
_pdbx_validate_torsion.psi             150.59 
# 
_pdbx_SG_project.id                    1 
_pdbx_SG_project.project_name          ? 
_pdbx_SG_project.full_name_of_center   'RIKEN Structural Genomics/Proteomics Initiative' 
_pdbx_SG_project.initial_of_center     RSGI 
# 
loop_
_chem_comp_atom.comp_id 
_chem_comp_atom.atom_id 
_chem_comp_atom.type_symbol 
_chem_comp_atom.pdbx_aromatic_flag 
_chem_comp_atom.pdbx_stereo_config 
_chem_comp_atom.pdbx_ordinal 
ALA N      N N N 1   
ALA CA     C N S 2   
ALA C      C N N 3   
ALA O      O N N 4   
ALA CB     C N N 5   
ALA OXT    O N N 6   
ALA H      H N N 7   
ALA H2     H N N 8   
ALA HA     H N N 9   
ALA HB1    H N N 10  
ALA HB2    H N N 11  
ALA HB3    H N N 12  
ALA HXT    H N N 13  
ARG N      N N N 14  
ARG CA     C N S 15  
ARG C      C N N 16  
ARG O      O N N 17  
ARG CB     C N N 18  
ARG CG     C N N 19  
ARG CD     C N N 20  
ARG NE     N N N 21  
ARG CZ     C N N 22  
ARG NH1    N N N 23  
ARG NH2    N N N 24  
ARG OXT    O N N 25  
ARG H      H N N 26  
ARG H2     H N N 27  
ARG HA     H N N 28  
ARG HB2    H N N 29  
ARG HB3    H N N 30  
ARG HG2    H N N 31  
ARG HG3    H N N 32  
ARG HD2    H N N 33  
ARG HD3    H N N 34  
ARG HE     H N N 35  
ARG HH11   H N N 36  
ARG HH12   H N N 37  
ARG HH21   H N N 38  
ARG HH22   H N N 39  
ARG HXT    H N N 40  
ASN N      N N N 41  
ASN CA     C N S 42  
ASN C      C N N 43  
ASN O      O N N 44  
ASN CB     C N N 45  
ASN CG     C N N 46  
ASN OD1    O N N 47  
ASN ND2    N N N 48  
ASN OXT    O N N 49  
ASN H      H N N 50  
ASN H2     H N N 51  
ASN HA     H N N 52  
ASN HB2    H N N 53  
ASN HB3    H N N 54  
ASN HD21   H N N 55  
ASN HD22   H N N 56  
ASN HXT    H N N 57  
ASP N      N N N 58  
ASP CA     C N S 59  
ASP C      C N N 60  
ASP O      O N N 61  
ASP CB     C N N 62  
ASP CG     C N N 63  
ASP OD1    O N N 64  
ASP OD2    O N N 65  
ASP OXT    O N N 66  
ASP H      H N N 67  
ASP H2     H N N 68  
ASP HA     H N N 69  
ASP HB2    H N N 70  
ASP HB3    H N N 71  
ASP HD2    H N N 72  
ASP HXT    H N N 73  
FAD PA     P N R 74  
FAD O1A    O N N 75  
FAD O2A    O N N 76  
FAD O5B    O N N 77  
FAD C5B    C N N 78  
FAD C4B    C N R 79  
FAD O4B    O N N 80  
FAD C3B    C N S 81  
FAD O3B    O N N 82  
FAD C2B    C N R 83  
FAD O2B    O N N 84  
FAD C1B    C N R 85  
FAD N9A    N Y N 86  
FAD C8A    C Y N 87  
FAD N7A    N Y N 88  
FAD C5A    C Y N 89  
FAD C6A    C Y N 90  
FAD N6A    N N N 91  
FAD N1A    N Y N 92  
FAD C2A    C Y N 93  
FAD N3A    N Y N 94  
FAD C4A    C Y N 95  
FAD N1     N N N 96  
FAD C2     C N N 97  
FAD O2     O N N 98  
FAD N3     N N N 99  
FAD C4     C N N 100 
FAD O4     O N N 101 
FAD C4X    C N N 102 
FAD N5     N N N 103 
FAD C5X    C Y N 104 
FAD C6     C Y N 105 
FAD C7     C Y N 106 
FAD C7M    C N N 107 
FAD C8     C Y N 108 
FAD C8M    C N N 109 
FAD C9     C Y N 110 
FAD C9A    C Y N 111 
FAD N10    N N N 112 
FAD C10    C N N 113 
FAD "C1'"  C N N 114 
FAD "C2'"  C N S 115 
FAD "O2'"  O N N 116 
FAD "C3'"  C N S 117 
FAD "O3'"  O N N 118 
FAD "C4'"  C N R 119 
FAD "O4'"  O N N 120 
FAD "C5'"  C N N 121 
FAD "O5'"  O N N 122 
FAD P      P N R 123 
FAD O1P    O N N 124 
FAD O2P    O N N 125 
FAD O3P    O N N 126 
FAD HOA2   H N N 127 
FAD H51A   H N N 128 
FAD H52A   H N N 129 
FAD H4B    H N N 130 
FAD H3B    H N N 131 
FAD HO3A   H N N 132 
FAD H2B    H N N 133 
FAD HO2A   H N N 134 
FAD H1B    H N N 135 
FAD H8A    H N N 136 
FAD H61A   H N N 137 
FAD H62A   H N N 138 
FAD H2A    H N N 139 
FAD HN3    H N N 140 
FAD H6     H N N 141 
FAD HM71   H N N 142 
FAD HM72   H N N 143 
FAD HM73   H N N 144 
FAD HM81   H N N 145 
FAD HM82   H N N 146 
FAD HM83   H N N 147 
FAD H9     H N N 148 
FAD "H1'1" H N N 149 
FAD "H1'2" H N N 150 
FAD "H2'"  H N N 151 
FAD "HO2'" H N N 152 
FAD "H3'"  H N N 153 
FAD "HO3'" H N N 154 
FAD "H4'"  H N N 155 
FAD "HO4'" H N N 156 
FAD "H5'1" H N N 157 
FAD "H5'2" H N N 158 
FAD HOP2   H N N 159 
FMN N1     N N N 160 
FMN C2     C N N 161 
FMN O2     O N N 162 
FMN N3     N N N 163 
FMN C4     C N N 164 
FMN O4     O N N 165 
FMN C4A    C N N 166 
FMN N5     N N N 167 
FMN C5A    C Y N 168 
FMN C6     C Y N 169 
FMN C7     C Y N 170 
FMN C7M    C N N 171 
FMN C8     C Y N 172 
FMN C8M    C N N 173 
FMN C9     C Y N 174 
FMN C9A    C Y N 175 
FMN N10    N N N 176 
FMN C10    C N N 177 
FMN "C1'"  C N N 178 
FMN "C2'"  C N S 179 
FMN "O2'"  O N N 180 
FMN "C3'"  C N S 181 
FMN "O3'"  O N N 182 
FMN "C4'"  C N R 183 
FMN "O4'"  O N N 184 
FMN "C5'"  C N N 185 
FMN "O5'"  O N N 186 
FMN P      P N N 187 
FMN O1P    O N N 188 
FMN O2P    O N N 189 
FMN O3P    O N N 190 
FMN HN3    H N N 191 
FMN H6     H N N 192 
FMN HM71   H N N 193 
FMN HM72   H N N 194 
FMN HM73   H N N 195 
FMN HM81   H N N 196 
FMN HM82   H N N 197 
FMN HM83   H N N 198 
FMN H9     H N N 199 
FMN "H1'1" H N N 200 
FMN "H1'2" H N N 201 
FMN "H2'"  H N N 202 
FMN "HO2'" H N N 203 
FMN "H3'"  H N N 204 
FMN "HO3'" H N N 205 
FMN "H4'"  H N N 206 
FMN "HO4'" H N N 207 
FMN "H5'1" H N N 208 
FMN "H5'2" H N N 209 
FMN HOP2   H N N 210 
FMN HOP3   H N N 211 
GLN N      N N N 212 
GLN CA     C N S 213 
GLN C      C N N 214 
GLN O      O N N 215 
GLN CB     C N N 216 
GLN CG     C N N 217 
GLN CD     C N N 218 
GLN OE1    O N N 219 
GLN NE2    N N N 220 
GLN OXT    O N N 221 
GLN H      H N N 222 
GLN H2     H N N 223 
GLN HA     H N N 224 
GLN HB2    H N N 225 
GLN HB3    H N N 226 
GLN HG2    H N N 227 
GLN HG3    H N N 228 
GLN HE21   H N N 229 
GLN HE22   H N N 230 
GLN HXT    H N N 231 
GLU N      N N N 232 
GLU CA     C N S 233 
GLU C      C N N 234 
GLU O      O N N 235 
GLU CB     C N N 236 
GLU CG     C N N 237 
GLU CD     C N N 238 
GLU OE1    O N N 239 
GLU OE2    O N N 240 
GLU OXT    O N N 241 
GLU H      H N N 242 
GLU H2     H N N 243 
GLU HA     H N N 244 
GLU HB2    H N N 245 
GLU HB3    H N N 246 
GLU HG2    H N N 247 
GLU HG3    H N N 248 
GLU HE2    H N N 249 
GLU HXT    H N N 250 
GLY N      N N N 251 
GLY CA     C N N 252 
GLY C      C N N 253 
GLY O      O N N 254 
GLY OXT    O N N 255 
GLY H      H N N 256 
GLY H2     H N N 257 
GLY HA2    H N N 258 
GLY HA3    H N N 259 
GLY HXT    H N N 260 
HIS N      N N N 261 
HIS CA     C N S 262 
HIS C      C N N 263 
HIS O      O N N 264 
HIS CB     C N N 265 
HIS CG     C Y N 266 
HIS ND1    N Y N 267 
HIS CD2    C Y N 268 
HIS CE1    C Y N 269 
HIS NE2    N Y N 270 
HIS OXT    O N N 271 
HIS H      H N N 272 
HIS H2     H N N 273 
HIS HA     H N N 274 
HIS HB2    H N N 275 
HIS HB3    H N N 276 
HIS HD1    H N N 277 
HIS HD2    H N N 278 
HIS HE1    H N N 279 
HIS HE2    H N N 280 
HIS HXT    H N N 281 
HOH O      O N N 282 
HOH H1     H N N 283 
HOH H2     H N N 284 
ILE N      N N N 285 
ILE CA     C N S 286 
ILE C      C N N 287 
ILE O      O N N 288 
ILE CB     C N S 289 
ILE CG1    C N N 290 
ILE CG2    C N N 291 
ILE CD1    C N N 292 
ILE OXT    O N N 293 
ILE H      H N N 294 
ILE H2     H N N 295 
ILE HA     H N N 296 
ILE HB     H N N 297 
ILE HG12   H N N 298 
ILE HG13   H N N 299 
ILE HG21   H N N 300 
ILE HG22   H N N 301 
ILE HG23   H N N 302 
ILE HD11   H N N 303 
ILE HD12   H N N 304 
ILE HD13   H N N 305 
ILE HXT    H N N 306 
LEU N      N N N 307 
LEU CA     C N S 308 
LEU C      C N N 309 
LEU O      O N N 310 
LEU CB     C N N 311 
LEU CG     C N N 312 
LEU CD1    C N N 313 
LEU CD2    C N N 314 
LEU OXT    O N N 315 
LEU H      H N N 316 
LEU H2     H N N 317 
LEU HA     H N N 318 
LEU HB2    H N N 319 
LEU HB3    H N N 320 
LEU HG     H N N 321 
LEU HD11   H N N 322 
LEU HD12   H N N 323 
LEU HD13   H N N 324 
LEU HD21   H N N 325 
LEU HD22   H N N 326 
LEU HD23   H N N 327 
LEU HXT    H N N 328 
LYS N      N N N 329 
LYS CA     C N S 330 
LYS C      C N N 331 
LYS O      O N N 332 
LYS CB     C N N 333 
LYS CG     C N N 334 
LYS CD     C N N 335 
LYS CE     C N N 336 
LYS NZ     N N N 337 
LYS OXT    O N N 338 
LYS H      H N N 339 
LYS H2     H N N 340 
LYS HA     H N N 341 
LYS HB2    H N N 342 
LYS HB3    H N N 343 
LYS HG2    H N N 344 
LYS HG3    H N N 345 
LYS HD2    H N N 346 
LYS HD3    H N N 347 
LYS HE2    H N N 348 
LYS HE3    H N N 349 
LYS HZ1    H N N 350 
LYS HZ2    H N N 351 
LYS HZ3    H N N 352 
LYS HXT    H N N 353 
MET N      N N N 354 
MET CA     C N S 355 
MET C      C N N 356 
MET O      O N N 357 
MET CB     C N N 358 
MET CG     C N N 359 
MET SD     S N N 360 
MET CE     C N N 361 
MET OXT    O N N 362 
MET H      H N N 363 
MET H2     H N N 364 
MET HA     H N N 365 
MET HB2    H N N 366 
MET HB3    H N N 367 
MET HG2    H N N 368 
MET HG3    H N N 369 
MET HE1    H N N 370 
MET HE2    H N N 371 
MET HE3    H N N 372 
MET HXT    H N N 373 
PHE N      N N N 374 
PHE CA     C N S 375 
PHE C      C N N 376 
PHE O      O N N 377 
PHE CB     C N N 378 
PHE CG     C Y N 379 
PHE CD1    C Y N 380 
PHE CD2    C Y N 381 
PHE CE1    C Y N 382 
PHE CE2    C Y N 383 
PHE CZ     C Y N 384 
PHE OXT    O N N 385 
PHE H      H N N 386 
PHE H2     H N N 387 
PHE HA     H N N 388 
PHE HB2    H N N 389 
PHE HB3    H N N 390 
PHE HD1    H N N 391 
PHE HD2    H N N 392 
PHE HE1    H N N 393 
PHE HE2    H N N 394 
PHE HZ     H N N 395 
PHE HXT    H N N 396 
PRO N      N N N 397 
PRO CA     C N S 398 
PRO C      C N N 399 
PRO O      O N N 400 
PRO CB     C N N 401 
PRO CG     C N N 402 
PRO CD     C N N 403 
PRO OXT    O N N 404 
PRO H      H N N 405 
PRO HA     H N N 406 
PRO HB2    H N N 407 
PRO HB3    H N N 408 
PRO HG2    H N N 409 
PRO HG3    H N N 410 
PRO HD2    H N N 411 
PRO HD3    H N N 412 
PRO HXT    H N N 413 
SER N      N N N 414 
SER CA     C N S 415 
SER C      C N N 416 
SER O      O N N 417 
SER CB     C N N 418 
SER OG     O N N 419 
SER OXT    O N N 420 
SER H      H N N 421 
SER H2     H N N 422 
SER HA     H N N 423 
SER HB2    H N N 424 
SER HB3    H N N 425 
SER HG     H N N 426 
SER HXT    H N N 427 
THR N      N N N 428 
THR CA     C N S 429 
THR C      C N N 430 
THR O      O N N 431 
THR CB     C N R 432 
THR OG1    O N N 433 
THR CG2    C N N 434 
THR OXT    O N N 435 
THR H      H N N 436 
THR H2     H N N 437 
THR HA     H N N 438 
THR HB     H N N 439 
THR HG1    H N N 440 
THR HG21   H N N 441 
THR HG22   H N N 442 
THR HG23   H N N 443 
THR HXT    H N N 444 
TRP N      N N N 445 
TRP CA     C N S 446 
TRP C      C N N 447 
TRP O      O N N 448 
TRP CB     C N N 449 
TRP CG     C Y N 450 
TRP CD1    C Y N 451 
TRP CD2    C Y N 452 
TRP NE1    N Y N 453 
TRP CE2    C Y N 454 
TRP CE3    C Y N 455 
TRP CZ2    C Y N 456 
TRP CZ3    C Y N 457 
TRP CH2    C Y N 458 
TRP OXT    O N N 459 
TRP H      H N N 460 
TRP H2     H N N 461 
TRP HA     H N N 462 
TRP HB2    H N N 463 
TRP HB3    H N N 464 
TRP HD1    H N N 465 
TRP HE1    H N N 466 
TRP HE3    H N N 467 
TRP HZ2    H N N 468 
TRP HZ3    H N N 469 
TRP HH2    H N N 470 
TRP HXT    H N N 471 
TYR N      N N N 472 
TYR CA     C N S 473 
TYR C      C N N 474 
TYR O      O N N 475 
TYR CB     C N N 476 
TYR CG     C Y N 477 
TYR CD1    C Y N 478 
TYR CD2    C Y N 479 
TYR CE1    C Y N 480 
TYR CE2    C Y N 481 
TYR CZ     C Y N 482 
TYR OH     O N N 483 
TYR OXT    O N N 484 
TYR H      H N N 485 
TYR H2     H N N 486 
TYR HA     H N N 487 
TYR HB2    H N N 488 
TYR HB3    H N N 489 
TYR HD1    H N N 490 
TYR HD2    H N N 491 
TYR HE1    H N N 492 
TYR HE2    H N N 493 
TYR HH     H N N 494 
TYR HXT    H N N 495 
VAL N      N N N 496 
VAL CA     C N S 497 
VAL C      C N N 498 
VAL O      O N N 499 
VAL CB     C N N 500 
VAL CG1    C N N 501 
VAL CG2    C N N 502 
VAL OXT    O N N 503 
VAL H      H N N 504 
VAL H2     H N N 505 
VAL HA     H N N 506 
VAL HB     H N N 507 
VAL HG11   H N N 508 
VAL HG12   H N N 509 
VAL HG13   H N N 510 
VAL HG21   H N N 511 
VAL HG22   H N N 512 
VAL HG23   H N N 513 
VAL HXT    H N N 514 
# 
loop_
_chem_comp_bond.comp_id 
_chem_comp_bond.atom_id_1 
_chem_comp_bond.atom_id_2 
_chem_comp_bond.value_order 
_chem_comp_bond.pdbx_aromatic_flag 
_chem_comp_bond.pdbx_stereo_config 
_chem_comp_bond.pdbx_ordinal 
ALA N     CA     sing N N 1   
ALA N     H      sing N N 2   
ALA N     H2     sing N N 3   
ALA CA    C      sing N N 4   
ALA CA    CB     sing N N 5   
ALA CA    HA     sing N N 6   
ALA C     O      doub N N 7   
ALA C     OXT    sing N N 8   
ALA CB    HB1    sing N N 9   
ALA CB    HB2    sing N N 10  
ALA CB    HB3    sing N N 11  
ALA OXT   HXT    sing N N 12  
ARG N     CA     sing N N 13  
ARG N     H      sing N N 14  
ARG N     H2     sing N N 15  
ARG CA    C      sing N N 16  
ARG CA    CB     sing N N 17  
ARG CA    HA     sing N N 18  
ARG C     O      doub N N 19  
ARG C     OXT    sing N N 20  
ARG CB    CG     sing N N 21  
ARG CB    HB2    sing N N 22  
ARG CB    HB3    sing N N 23  
ARG CG    CD     sing N N 24  
ARG CG    HG2    sing N N 25  
ARG CG    HG3    sing N N 26  
ARG CD    NE     sing N N 27  
ARG CD    HD2    sing N N 28  
ARG CD    HD3    sing N N 29  
ARG NE    CZ     sing N N 30  
ARG NE    HE     sing N N 31  
ARG CZ    NH1    sing N N 32  
ARG CZ    NH2    doub N N 33  
ARG NH1   HH11   sing N N 34  
ARG NH1   HH12   sing N N 35  
ARG NH2   HH21   sing N N 36  
ARG NH2   HH22   sing N N 37  
ARG OXT   HXT    sing N N 38  
ASN N     CA     sing N N 39  
ASN N     H      sing N N 40  
ASN N     H2     sing N N 41  
ASN CA    C      sing N N 42  
ASN CA    CB     sing N N 43  
ASN CA    HA     sing N N 44  
ASN C     O      doub N N 45  
ASN C     OXT    sing N N 46  
ASN CB    CG     sing N N 47  
ASN CB    HB2    sing N N 48  
ASN CB    HB3    sing N N 49  
ASN CG    OD1    doub N N 50  
ASN CG    ND2    sing N N 51  
ASN ND2   HD21   sing N N 52  
ASN ND2   HD22   sing N N 53  
ASN OXT   HXT    sing N N 54  
ASP N     CA     sing N N 55  
ASP N     H      sing N N 56  
ASP N     H2     sing N N 57  
ASP CA    C      sing N N 58  
ASP CA    CB     sing N N 59  
ASP CA    HA     sing N N 60  
ASP C     O      doub N N 61  
ASP C     OXT    sing N N 62  
ASP CB    CG     sing N N 63  
ASP CB    HB2    sing N N 64  
ASP CB    HB3    sing N N 65  
ASP CG    OD1    doub N N 66  
ASP CG    OD2    sing N N 67  
ASP OD2   HD2    sing N N 68  
ASP OXT   HXT    sing N N 69  
FAD PA    O1A    doub N N 70  
FAD PA    O2A    sing N N 71  
FAD PA    O5B    sing N N 72  
FAD PA    O3P    sing N N 73  
FAD O2A   HOA2   sing N N 74  
FAD O5B   C5B    sing N N 75  
FAD C5B   C4B    sing N N 76  
FAD C5B   H51A   sing N N 77  
FAD C5B   H52A   sing N N 78  
FAD C4B   O4B    sing N N 79  
FAD C4B   C3B    sing N N 80  
FAD C4B   H4B    sing N N 81  
FAD O4B   C1B    sing N N 82  
FAD C3B   O3B    sing N N 83  
FAD C3B   C2B    sing N N 84  
FAD C3B   H3B    sing N N 85  
FAD O3B   HO3A   sing N N 86  
FAD C2B   O2B    sing N N 87  
FAD C2B   C1B    sing N N 88  
FAD C2B   H2B    sing N N 89  
FAD O2B   HO2A   sing N N 90  
FAD C1B   N9A    sing N N 91  
FAD C1B   H1B    sing N N 92  
FAD N9A   C8A    sing Y N 93  
FAD N9A   C4A    sing Y N 94  
FAD C8A   N7A    doub Y N 95  
FAD C8A   H8A    sing N N 96  
FAD N7A   C5A    sing Y N 97  
FAD C5A   C6A    sing Y N 98  
FAD C5A   C4A    doub Y N 99  
FAD C6A   N6A    sing N N 100 
FAD C6A   N1A    doub Y N 101 
FAD N6A   H61A   sing N N 102 
FAD N6A   H62A   sing N N 103 
FAD N1A   C2A    sing Y N 104 
FAD C2A   N3A    doub Y N 105 
FAD C2A   H2A    sing N N 106 
FAD N3A   C4A    sing Y N 107 
FAD N1    C2     sing N N 108 
FAD N1    C10    doub N N 109 
FAD C2    O2     doub N N 110 
FAD C2    N3     sing N N 111 
FAD N3    C4     sing N N 112 
FAD N3    HN3    sing N N 113 
FAD C4    O4     doub N N 114 
FAD C4    C4X    sing N N 115 
FAD C4X   N5     doub N N 116 
FAD C4X   C10    sing N N 117 
FAD N5    C5X    sing N N 118 
FAD C5X   C6     doub Y N 119 
FAD C5X   C9A    sing Y N 120 
FAD C6    C7     sing Y N 121 
FAD C6    H6     sing N N 122 
FAD C7    C7M    sing N N 123 
FAD C7    C8     doub Y N 124 
FAD C7M   HM71   sing N N 125 
FAD C7M   HM72   sing N N 126 
FAD C7M   HM73   sing N N 127 
FAD C8    C8M    sing N N 128 
FAD C8    C9     sing Y N 129 
FAD C8M   HM81   sing N N 130 
FAD C8M   HM82   sing N N 131 
FAD C8M   HM83   sing N N 132 
FAD C9    C9A    doub Y N 133 
FAD C9    H9     sing N N 134 
FAD C9A   N10    sing N N 135 
FAD N10   C10    sing N N 136 
FAD N10   "C1'"  sing N N 137 
FAD "C1'" "C2'"  sing N N 138 
FAD "C1'" "H1'1" sing N N 139 
FAD "C1'" "H1'2" sing N N 140 
FAD "C2'" "O2'"  sing N N 141 
FAD "C2'" "C3'"  sing N N 142 
FAD "C2'" "H2'"  sing N N 143 
FAD "O2'" "HO2'" sing N N 144 
FAD "C3'" "O3'"  sing N N 145 
FAD "C3'" "C4'"  sing N N 146 
FAD "C3'" "H3'"  sing N N 147 
FAD "O3'" "HO3'" sing N N 148 
FAD "C4'" "O4'"  sing N N 149 
FAD "C4'" "C5'"  sing N N 150 
FAD "C4'" "H4'"  sing N N 151 
FAD "O4'" "HO4'" sing N N 152 
FAD "C5'" "O5'"  sing N N 153 
FAD "C5'" "H5'1" sing N N 154 
FAD "C5'" "H5'2" sing N N 155 
FAD "O5'" P      sing N N 156 
FAD P     O1P    doub N N 157 
FAD P     O2P    sing N N 158 
FAD P     O3P    sing N N 159 
FAD O2P   HOP2   sing N N 160 
FMN N1    C2     sing N N 161 
FMN N1    C10    doub N N 162 
FMN C2    O2     doub N N 163 
FMN C2    N3     sing N N 164 
FMN N3    C4     sing N N 165 
FMN N3    HN3    sing N N 166 
FMN C4    O4     doub N N 167 
FMN C4    C4A    sing N N 168 
FMN C4A   N5     doub N N 169 
FMN C4A   C10    sing N N 170 
FMN N5    C5A    sing N N 171 
FMN C5A   C6     doub Y N 172 
FMN C5A   C9A    sing Y N 173 
FMN C6    C7     sing Y N 174 
FMN C6    H6     sing N N 175 
FMN C7    C7M    sing N N 176 
FMN C7    C8     doub Y N 177 
FMN C7M   HM71   sing N N 178 
FMN C7M   HM72   sing N N 179 
FMN C7M   HM73   sing N N 180 
FMN C8    C8M    sing N N 181 
FMN C8    C9     sing Y N 182 
FMN C8M   HM81   sing N N 183 
FMN C8M   HM82   sing N N 184 
FMN C8M   HM83   sing N N 185 
FMN C9    C9A    doub Y N 186 
FMN C9    H9     sing N N 187 
FMN C9A   N10    sing N N 188 
FMN N10   C10    sing N N 189 
FMN N10   "C1'"  sing N N 190 
FMN "C1'" "C2'"  sing N N 191 
FMN "C1'" "H1'1" sing N N 192 
FMN "C1'" "H1'2" sing N N 193 
FMN "C2'" "O2'"  sing N N 194 
FMN "C2'" "C3'"  sing N N 195 
FMN "C2'" "H2'"  sing N N 196 
FMN "O2'" "HO2'" sing N N 197 
FMN "C3'" "O3'"  sing N N 198 
FMN "C3'" "C4'"  sing N N 199 
FMN "C3'" "H3'"  sing N N 200 
FMN "O3'" "HO3'" sing N N 201 
FMN "C4'" "O4'"  sing N N 202 
FMN "C4'" "C5'"  sing N N 203 
FMN "C4'" "H4'"  sing N N 204 
FMN "O4'" "HO4'" sing N N 205 
FMN "C5'" "O5'"  sing N N 206 
FMN "C5'" "H5'1" sing N N 207 
FMN "C5'" "H5'2" sing N N 208 
FMN "O5'" P      sing N N 209 
FMN P     O1P    doub N N 210 
FMN P     O2P    sing N N 211 
FMN P     O3P    sing N N 212 
FMN O2P   HOP2   sing N N 213 
FMN O3P   HOP3   sing N N 214 
GLN N     CA     sing N N 215 
GLN N     H      sing N N 216 
GLN N     H2     sing N N 217 
GLN CA    C      sing N N 218 
GLN CA    CB     sing N N 219 
GLN CA    HA     sing N N 220 
GLN C     O      doub N N 221 
GLN C     OXT    sing N N 222 
GLN CB    CG     sing N N 223 
GLN CB    HB2    sing N N 224 
GLN CB    HB3    sing N N 225 
GLN CG    CD     sing N N 226 
GLN CG    HG2    sing N N 227 
GLN CG    HG3    sing N N 228 
GLN CD    OE1    doub N N 229 
GLN CD    NE2    sing N N 230 
GLN NE2   HE21   sing N N 231 
GLN NE2   HE22   sing N N 232 
GLN OXT   HXT    sing N N 233 
GLU N     CA     sing N N 234 
GLU N     H      sing N N 235 
GLU N     H2     sing N N 236 
GLU CA    C      sing N N 237 
GLU CA    CB     sing N N 238 
GLU CA    HA     sing N N 239 
GLU C     O      doub N N 240 
GLU C     OXT    sing N N 241 
GLU CB    CG     sing N N 242 
GLU CB    HB2    sing N N 243 
GLU CB    HB3    sing N N 244 
GLU CG    CD     sing N N 245 
GLU CG    HG2    sing N N 246 
GLU CG    HG3    sing N N 247 
GLU CD    OE1    doub N N 248 
GLU CD    OE2    sing N N 249 
GLU OE2   HE2    sing N N 250 
GLU OXT   HXT    sing N N 251 
GLY N     CA     sing N N 252 
GLY N     H      sing N N 253 
GLY N     H2     sing N N 254 
GLY CA    C      sing N N 255 
GLY CA    HA2    sing N N 256 
GLY CA    HA3    sing N N 257 
GLY C     O      doub N N 258 
GLY C     OXT    sing N N 259 
GLY OXT   HXT    sing N N 260 
HIS N     CA     sing N N 261 
HIS N     H      sing N N 262 
HIS N     H2     sing N N 263 
HIS CA    C      sing N N 264 
HIS CA    CB     sing N N 265 
HIS CA    HA     sing N N 266 
HIS C     O      doub N N 267 
HIS C     OXT    sing N N 268 
HIS CB    CG     sing N N 269 
HIS CB    HB2    sing N N 270 
HIS CB    HB3    sing N N 271 
HIS CG    ND1    sing Y N 272 
HIS CG    CD2    doub Y N 273 
HIS ND1   CE1    doub Y N 274 
HIS ND1   HD1    sing N N 275 
HIS CD2   NE2    sing Y N 276 
HIS CD2   HD2    sing N N 277 
HIS CE1   NE2    sing Y N 278 
HIS CE1   HE1    sing N N 279 
HIS NE2   HE2    sing N N 280 
HIS OXT   HXT    sing N N 281 
HOH O     H1     sing N N 282 
HOH O     H2     sing N N 283 
ILE N     CA     sing N N 284 
ILE N     H      sing N N 285 
ILE N     H2     sing N N 286 
ILE CA    C      sing N N 287 
ILE CA    CB     sing N N 288 
ILE CA    HA     sing N N 289 
ILE C     O      doub N N 290 
ILE C     OXT    sing N N 291 
ILE CB    CG1    sing N N 292 
ILE CB    CG2    sing N N 293 
ILE CB    HB     sing N N 294 
ILE CG1   CD1    sing N N 295 
ILE CG1   HG12   sing N N 296 
ILE CG1   HG13   sing N N 297 
ILE CG2   HG21   sing N N 298 
ILE CG2   HG22   sing N N 299 
ILE CG2   HG23   sing N N 300 
ILE CD1   HD11   sing N N 301 
ILE CD1   HD12   sing N N 302 
ILE CD1   HD13   sing N N 303 
ILE OXT   HXT    sing N N 304 
LEU N     CA     sing N N 305 
LEU N     H      sing N N 306 
LEU N     H2     sing N N 307 
LEU CA    C      sing N N 308 
LEU CA    CB     sing N N 309 
LEU CA    HA     sing N N 310 
LEU C     O      doub N N 311 
LEU C     OXT    sing N N 312 
LEU CB    CG     sing N N 313 
LEU CB    HB2    sing N N 314 
LEU CB    HB3    sing N N 315 
LEU CG    CD1    sing N N 316 
LEU CG    CD2    sing N N 317 
LEU CG    HG     sing N N 318 
LEU CD1   HD11   sing N N 319 
LEU CD1   HD12   sing N N 320 
LEU CD1   HD13   sing N N 321 
LEU CD2   HD21   sing N N 322 
LEU CD2   HD22   sing N N 323 
LEU CD2   HD23   sing N N 324 
LEU OXT   HXT    sing N N 325 
LYS N     CA     sing N N 326 
LYS N     H      sing N N 327 
LYS N     H2     sing N N 328 
LYS CA    C      sing N N 329 
LYS CA    CB     sing N N 330 
LYS CA    HA     sing N N 331 
LYS C     O      doub N N 332 
LYS C     OXT    sing N N 333 
LYS CB    CG     sing N N 334 
LYS CB    HB2    sing N N 335 
LYS CB    HB3    sing N N 336 
LYS CG    CD     sing N N 337 
LYS CG    HG2    sing N N 338 
LYS CG    HG3    sing N N 339 
LYS CD    CE     sing N N 340 
LYS CD    HD2    sing N N 341 
LYS CD    HD3    sing N N 342 
LYS CE    NZ     sing N N 343 
LYS CE    HE2    sing N N 344 
LYS CE    HE3    sing N N 345 
LYS NZ    HZ1    sing N N 346 
LYS NZ    HZ2    sing N N 347 
LYS NZ    HZ3    sing N N 348 
LYS OXT   HXT    sing N N 349 
MET N     CA     sing N N 350 
MET N     H      sing N N 351 
MET N     H2     sing N N 352 
MET CA    C      sing N N 353 
MET CA    CB     sing N N 354 
MET CA    HA     sing N N 355 
MET C     O      doub N N 356 
MET C     OXT    sing N N 357 
MET CB    CG     sing N N 358 
MET CB    HB2    sing N N 359 
MET CB    HB3    sing N N 360 
MET CG    SD     sing N N 361 
MET CG    HG2    sing N N 362 
MET CG    HG3    sing N N 363 
MET SD    CE     sing N N 364 
MET CE    HE1    sing N N 365 
MET CE    HE2    sing N N 366 
MET CE    HE3    sing N N 367 
MET OXT   HXT    sing N N 368 
PHE N     CA     sing N N 369 
PHE N     H      sing N N 370 
PHE N     H2     sing N N 371 
PHE CA    C      sing N N 372 
PHE CA    CB     sing N N 373 
PHE CA    HA     sing N N 374 
PHE C     O      doub N N 375 
PHE C     OXT    sing N N 376 
PHE CB    CG     sing N N 377 
PHE CB    HB2    sing N N 378 
PHE CB    HB3    sing N N 379 
PHE CG    CD1    doub Y N 380 
PHE CG    CD2    sing Y N 381 
PHE CD1   CE1    sing Y N 382 
PHE CD1   HD1    sing N N 383 
PHE CD2   CE2    doub Y N 384 
PHE CD2   HD2    sing N N 385 
PHE CE1   CZ     doub Y N 386 
PHE CE1   HE1    sing N N 387 
PHE CE2   CZ     sing Y N 388 
PHE CE2   HE2    sing N N 389 
PHE CZ    HZ     sing N N 390 
PHE OXT   HXT    sing N N 391 
PRO N     CA     sing N N 392 
PRO N     CD     sing N N 393 
PRO N     H      sing N N 394 
PRO CA    C      sing N N 395 
PRO CA    CB     sing N N 396 
PRO CA    HA     sing N N 397 
PRO C     O      doub N N 398 
PRO C     OXT    sing N N 399 
PRO CB    CG     sing N N 400 
PRO CB    HB2    sing N N 401 
PRO CB    HB3    sing N N 402 
PRO CG    CD     sing N N 403 
PRO CG    HG2    sing N N 404 
PRO CG    HG3    sing N N 405 
PRO CD    HD2    sing N N 406 
PRO CD    HD3    sing N N 407 
PRO OXT   HXT    sing N N 408 
SER N     CA     sing N N 409 
SER N     H      sing N N 410 
SER N     H2     sing N N 411 
SER CA    C      sing N N 412 
SER CA    CB     sing N N 413 
SER CA    HA     sing N N 414 
SER C     O      doub N N 415 
SER C     OXT    sing N N 416 
SER CB    OG     sing N N 417 
SER CB    HB2    sing N N 418 
SER CB    HB3    sing N N 419 
SER OG    HG     sing N N 420 
SER OXT   HXT    sing N N 421 
THR N     CA     sing N N 422 
THR N     H      sing N N 423 
THR N     H2     sing N N 424 
THR CA    C      sing N N 425 
THR CA    CB     sing N N 426 
THR CA    HA     sing N N 427 
THR C     O      doub N N 428 
THR C     OXT    sing N N 429 
THR CB    OG1    sing N N 430 
THR CB    CG2    sing N N 431 
THR CB    HB     sing N N 432 
THR OG1   HG1    sing N N 433 
THR CG2   HG21   sing N N 434 
THR CG2   HG22   sing N N 435 
THR CG2   HG23   sing N N 436 
THR OXT   HXT    sing N N 437 
TRP N     CA     sing N N 438 
TRP N     H      sing N N 439 
TRP N     H2     sing N N 440 
TRP CA    C      sing N N 441 
TRP CA    CB     sing N N 442 
TRP CA    HA     sing N N 443 
TRP C     O      doub N N 444 
TRP C     OXT    sing N N 445 
TRP CB    CG     sing N N 446 
TRP CB    HB2    sing N N 447 
TRP CB    HB3    sing N N 448 
TRP CG    CD1    doub Y N 449 
TRP CG    CD2    sing Y N 450 
TRP CD1   NE1    sing Y N 451 
TRP CD1   HD1    sing N N 452 
TRP CD2   CE2    doub Y N 453 
TRP CD2   CE3    sing Y N 454 
TRP NE1   CE2    sing Y N 455 
TRP NE1   HE1    sing N N 456 
TRP CE2   CZ2    sing Y N 457 
TRP CE3   CZ3    doub Y N 458 
TRP CE3   HE3    sing N N 459 
TRP CZ2   CH2    doub Y N 460 
TRP CZ2   HZ2    sing N N 461 
TRP CZ3   CH2    sing Y N 462 
TRP CZ3   HZ3    sing N N 463 
TRP CH2   HH2    sing N N 464 
TRP OXT   HXT    sing N N 465 
TYR N     CA     sing N N 466 
TYR N     H      sing N N 467 
TYR N     H2     sing N N 468 
TYR CA    C      sing N N 469 
TYR CA    CB     sing N N 470 
TYR CA    HA     sing N N 471 
TYR C     O      doub N N 472 
TYR C     OXT    sing N N 473 
TYR CB    CG     sing N N 474 
TYR CB    HB2    sing N N 475 
TYR CB    HB3    sing N N 476 
TYR CG    CD1    doub Y N 477 
TYR CG    CD2    sing Y N 478 
TYR CD1   CE1    sing Y N 479 
TYR CD1   HD1    sing N N 480 
TYR CD2   CE2    doub Y N 481 
TYR CD2   HD2    sing N N 482 
TYR CE1   CZ     doub Y N 483 
TYR CE1   HE1    sing N N 484 
TYR CE2   CZ     sing Y N 485 
TYR CE2   HE2    sing N N 486 
TYR CZ    OH     sing N N 487 
TYR OH    HH     sing N N 488 
TYR OXT   HXT    sing N N 489 
VAL N     CA     sing N N 490 
VAL N     H      sing N N 491 
VAL N     H2     sing N N 492 
VAL CA    C      sing N N 493 
VAL CA    CB     sing N N 494 
VAL CA    HA     sing N N 495 
VAL C     O      doub N N 496 
VAL C     OXT    sing N N 497 
VAL CB    CG1    sing N N 498 
VAL CB    CG2    sing N N 499 
VAL CB    HB     sing N N 500 
VAL CG1   HG11   sing N N 501 
VAL CG1   HG12   sing N N 502 
VAL CG1   HG13   sing N N 503 
VAL CG2   HG21   sing N N 504 
VAL CG2   HG22   sing N N 505 
VAL CG2   HG23   sing N N 506 
VAL OXT   HXT    sing N N 507 
# 
_atom_sites.entry_id                    1YOA 
_atom_sites.fract_transf_matrix[1][1]   0.00598612 
_atom_sites.fract_transf_matrix[1][2]   -0.00321804 
_atom_sites.fract_transf_matrix[1][3]   0.00322118 
_atom_sites.fract_transf_matrix[2][1]   0.00312866 
_atom_sites.fract_transf_matrix[2][2]   -0.00095860 
_atom_sites.fract_transf_matrix[2][3]   -0.00677185 
_atom_sites.fract_transf_matrix[3][1]   0.00330806 
_atom_sites.fract_transf_matrix[3][2]   0.00672984 
_atom_sites.fract_transf_matrix[3][3]   0.00057570 
_atom_sites.fract_transf_vector[1]      0.165361 
_atom_sites.fract_transf_vector[2]      0.380650 
_atom_sites.fract_transf_vector[3]      0.098152 
# 
loop_
_atom_type.symbol 
C 
N 
O 
P 
S 
# 
loop_
_atom_site.group_PDB 
_atom_site.id 
_atom_site.type_symbol 
_atom_site.label_atom_id 
_atom_site.label_alt_id 
_atom_site.label_comp_id 
_atom_site.label_asym_id 
_atom_site.label_entity_id 
_atom_site.label_seq_id 
_atom_site.pdbx_PDB_ins_code 
_atom_site.Cartn_x 
_atom_site.Cartn_y 
_atom_site.Cartn_z 
_atom_site.occupancy 
_atom_site.B_iso_or_equiv 
_atom_site.pdbx_formal_charge 
_atom_site.auth_seq_id 
_atom_site.auth_comp_id 
_atom_site.auth_asym_id 
_atom_site.auth_atom_id 
_atom_site.pdbx_PDB_model_num 
ATOM   1    N N     . MET A 1 1   ? 30.288  9.151   -2.636  1.00 36.11 ? 1   MET A N     1 
ATOM   2    C CA    . MET A 1 1   ? 30.168  7.667   -2.623  1.00 35.71 ? 1   MET A CA    1 
ATOM   3    C C     . MET A 1 1   ? 30.054  7.120   -4.047  1.00 34.81 ? 1   MET A C     1 
ATOM   4    O O     . MET A 1 1   ? 29.894  7.882   -4.999  1.00 35.22 ? 1   MET A O     1 
ATOM   5    C CB    . MET A 1 1   ? 28.946  7.259   -1.781  1.00 36.21 ? 1   MET A CB    1 
ATOM   6    C CG    . MET A 1 1   ? 27.609  7.142   -2.531  1.00 37.86 ? 1   MET A CG    1 
ATOM   7    S SD    . MET A 1 1   ? 26.224  6.616   -1.427  1.00 40.51 ? 1   MET A SD    1 
ATOM   8    C CE    . MET A 1 1   ? 25.091  7.995   -1.541  1.00 41.95 ? 1   MET A CE    1 
ATOM   9    N N     . ASN A 1 2   ? 30.123  5.803   -4.189  1.00 33.16 ? 2   ASN A N     1 
ATOM   10   C CA    . ASN A 1 2   ? 29.888  5.146   -5.469  1.00 32.83 ? 2   ASN A CA    1 
ATOM   11   C C     . ASN A 1 2   ? 28.379  5.129   -5.785  1.00 32.45 ? 2   ASN A C     1 
ATOM   12   O O     . ASN A 1 2   ? 27.665  4.227   -5.344  1.00 31.47 ? 2   ASN A O     1 
ATOM   13   C CB    . ASN A 1 2   ? 30.459  3.721   -5.434  1.00 32.67 ? 2   ASN A CB    1 
ATOM   14   C CG    . ASN A 1 2   ? 30.431  3.039   -6.791  1.00 32.83 ? 2   ASN A CG    1 
ATOM   15   O OD1   . ASN A 1 2   ? 29.608  3.357   -7.651  1.00 30.32 ? 2   ASN A OD1   1 
ATOM   16   N ND2   . ASN A 1 2   ? 31.332  2.083   -6.986  1.00 32.94 ? 2   ASN A ND2   1 
ATOM   17   N N     . LEU A 1 3   ? 27.911  6.111   -6.559  1.00 31.59 ? 3   LEU A N     1 
ATOM   18   C CA    . LEU A 1 3   ? 26.475  6.273   -6.822  1.00 31.58 ? 3   LEU A CA    1 
ATOM   19   C C     . LEU A 1 3   ? 25.888  5.210   -7.719  1.00 30.73 ? 3   LEU A C     1 
ATOM   20   O O     . LEU A 1 3   ? 24.747  4.786   -7.493  1.00 30.03 ? 3   LEU A O     1 
ATOM   21   C CB    . LEU A 1 3   ? 26.171  7.643   -7.438  1.00 32.11 ? 3   LEU A CB    1 
ATOM   22   C CG    . LEU A 1 3   ? 26.087  8.858   -6.519  1.00 33.66 ? 3   LEU A CG    1 
ATOM   23   C CD1   . LEU A 1 3   ? 25.244  8.622   -5.257  1.00 34.60 ? 3   LEU A CD1   1 
ATOM   24   C CD2   . LEU A 1 3   ? 27.458  9.312   -6.144  1.00 36.81 ? 3   LEU A CD2   1 
ATOM   25   N N     . GLU A 1 4   ? 26.644  4.767   -8.727  1.00 29.53 ? 4   GLU A N     1 
ATOM   26   C CA    . GLU A 1 4   ? 26.162  3.700   -9.592  1.00 29.91 ? 4   GLU A CA    1 
ATOM   27   C C     . GLU A 1 4   ? 25.931  2.429   -8.767  1.00 27.82 ? 4   GLU A C     1 
ATOM   28   O O     . GLU A 1 4   ? 24.925  1.743   -8.943  1.00 27.46 ? 4   GLU A O     1 
ATOM   29   C CB    . GLU A 1 4   ? 27.109  3.443   -10.768 1.00 30.51 ? 4   GLU A CB    1 
ATOM   30   C CG    . GLU A 1 4   ? 26.727  4.264   -11.993 1.00 35.32 ? 4   GLU A CG    1 
ATOM   31   C CD    . GLU A 1 4   ? 25.480  3.722   -12.688 1.00 40.45 ? 4   GLU A CD    1 
ATOM   32   O OE1   . GLU A 1 4   ? 25.599  2.692   -13.411 1.00 46.22 ? 4   GLU A OE1   1 
ATOM   33   O OE2   . GLU A 1 4   ? 24.373  4.310   -12.507 1.00 41.84 ? 4   GLU A OE2   1 
ATOM   34   N N     . ALA A 1 5   ? 26.851  2.147   -7.855  1.00 26.11 ? 5   ALA A N     1 
ATOM   35   C CA    . ALA A 1 5   ? 26.760  0.967   -7.014  1.00 25.01 ? 5   ALA A CA    1 
ATOM   36   C C     . ALA A 1 5   ? 25.587  1.059   -6.027  1.00 23.66 ? 5   ALA A C     1 
ATOM   37   O O     . ALA A 1 5   ? 24.899  0.077   -5.816  1.00 23.96 ? 5   ALA A O     1 
ATOM   38   C CB    . ALA A 1 5   ? 28.102  0.723   -6.250  1.00 24.62 ? 5   ALA A CB    1 
ATOM   39   N N     . LYS A 1 6   ? 25.394  2.210   -5.402  1.00 23.03 ? 6   LYS A N     1 
ATOM   40   C CA    . LYS A 1 6   ? 24.256  2.438   -4.497  1.00 23.30 ? 6   LYS A CA    1 
ATOM   41   C C     . LYS A 1 6   ? 22.915  2.153   -5.193  1.00 22.45 ? 6   LYS A C     1 
ATOM   42   O O     . LYS A 1 6   ? 22.024  1.491   -4.620  1.00 19.81 ? 6   LYS A O     1 
ATOM   43   C CB    . LYS A 1 6   ? 24.275  3.857   -3.968  1.00 22.97 ? 6   LYS A CB    1 
ATOM   44   C CG    . LYS A 1 6   ? 23.122  4.241   -3.068  1.00 26.53 ? 6   LYS A CG    1 
ATOM   45   C CD    . LYS A 1 6   ? 22.004  4.951   -3.833  1.00 28.10 ? 6   LYS A CD    1 
ATOM   46   C CE    . LYS A 1 6   ? 22.367  6.380   -4.167  1.00 31.22 ? 6   LYS A CE    1 
ATOM   47   N NZ    . LYS A 1 6   ? 21.195  7.067   -4.760  1.00 31.45 ? 6   LYS A NZ    1 
ATOM   48   N N     . LYS A 1 7   ? 22.782  2.639   -6.430  1.00 20.95 ? 7   LYS A N     1 
ATOM   49   C CA    . LYS A 1 7   ? 21.560  2.399   -7.200  1.00 21.36 ? 7   LYS A CA    1 
ATOM   50   C C     . LYS A 1 7   ? 21.332  0.935   -7.448  1.00 20.15 ? 7   LYS A C     1 
ATOM   51   O O     . LYS A 1 7   ? 20.205  0.453   -7.271  1.00 18.82 ? 7   LYS A O     1 
ATOM   52   C CB    . LYS A 1 7   ? 21.570  3.136   -8.555  1.00 22.33 ? 7   LYS A CB    1 
ATOM   53   C CG    . LYS A 1 7   ? 21.652  4.628   -8.435  1.00 27.55 ? 7   LYS A CG    1 
ATOM   54   C CD    . LYS A 1 7   ? 21.625  5.374   -9.824  1.00 32.63 ? 7   LYS A CD    1 
ATOM   55   C CE    . LYS A 1 7   ? 22.830  6.347   -9.987  1.00 36.29 ? 7   LYS A CE    1 
ATOM   56   N NZ    . LYS A 1 7   ? 23.338  6.428   -11.408 1.00 39.76 ? 7   LYS A NZ    1 
ATOM   57   N N     . LYS A 1 8   ? 22.386  0.231   -7.886  1.00 18.88 ? 8   LYS A N     1 
ATOM   58   C CA    . LYS A 1 8   ? 22.311  -1.193  -8.162  1.00 19.05 ? 8   LYS A CA    1 
ATOM   59   C C     . LYS A 1 8   ? 22.035  -2.016  -6.896  1.00 18.09 ? 8   LYS A C     1 
ATOM   60   O O     . LYS A 1 8   ? 21.260  -2.957  -6.940  1.00 18.12 ? 8   LYS A O     1 
ATOM   61   C CB    . LYS A 1 8   ? 23.556  -1.692  -8.858  1.00 19.58 ? 8   LYS A CB    1 
ATOM   62   C CG    . LYS A 1 8   ? 23.578  -1.395  -10.372 1.00 23.00 ? 8   LYS A CG    1 
ATOM   63   C CD    . LYS A 1 8   ? 24.965  -1.628  -10.947 1.00 25.79 ? 8   LYS A CD    1 
ATOM   64   C CE    . LYS A 1 8   ? 25.105  -1.054  -12.363 1.00 30.09 ? 8   LYS A CE    1 
ATOM   65   N NZ    . LYS A 1 8   ? 26.475  -0.522  -12.572 1.00 33.66 ? 8   LYS A NZ    1 
ATOM   66   N N     . VAL A 1 9   ? 22.652  -1.624  -5.779  1.00 17.56 ? 9   VAL A N     1 
ATOM   67   C CA    . VAL A 1 9   ? 22.433  -2.302  -4.503  1.00 16.73 ? 9   VAL A CA    1 
ATOM   68   C C     . VAL A 1 9   ? 20.985  -2.157  -4.043  1.00 16.26 ? 9   VAL A C     1 
ATOM   69   O O     . VAL A 1 9   ? 20.347  -3.148  -3.717  1.00 16.32 ? 9   VAL A O     1 
ATOM   70   C CB    . VAL A 1 9   ? 23.450  -1.813  -3.458  1.00 16.92 ? 9   VAL A CB    1 
ATOM   71   C CG1   . VAL A 1 9   ? 23.119  -2.327  -2.083  1.00 17.18 ? 9   VAL A CG1   1 
ATOM   72   C CG2   . VAL A 1 9   ? 24.838  -2.304  -3.876  1.00 14.58 ? 9   VAL A CG2   1 
ATOM   73   N N     . LEU A 1 10  ? 20.441  -0.942  -4.081  1.00 15.87 ? 10  LEU A N     1 
ATOM   74   C CA    . LEU A 1 10  ? 19.066  -0.721  -3.617  1.00 15.63 ? 10  LEU A CA    1 
ATOM   75   C C     . LEU A 1 10  ? 18.066  -1.417  -4.553  1.00 16.31 ? 10  LEU A C     1 
ATOM   76   O O     . LEU A 1 10  ? 17.037  -1.903  -4.101  1.00 14.99 ? 10  LEU A O     1 
ATOM   77   C CB    . LEU A 1 10  ? 18.764  0.765   -3.415  1.00 16.18 ? 10  LEU A CB    1 
ATOM   78   C CG    . LEU A 1 10  ? 19.509  1.499   -2.285  1.00 16.12 ? 10  LEU A CG    1 
ATOM   79   C CD1   . LEU A 1 10  ? 19.265  3.006   -2.272  1.00 18.34 ? 10  LEU A CD1   1 
ATOM   80   C CD2   . LEU A 1 10  ? 19.158  0.919   -0.901  1.00 18.44 ? 10  LEU A CD2   1 
ATOM   81   N N     . ARG A 1 11  ? 18.387  -1.490  -5.847  1.00 16.53 ? 11  ARG A N     1 
ATOM   82   C CA    . ARG A 1 11  ? 17.563  -2.211  -6.811  1.00 17.59 ? 11  ARG A CA    1 
ATOM   83   C C     . ARG A 1 11  ? 17.681  -3.732  -6.717  1.00 16.37 ? 11  ARG A C     1 
ATOM   84   O O     . ARG A 1 11  ? 16.946  -4.433  -7.373  1.00 16.52 ? 11  ARG A O     1 
ATOM   85   C CB    . ARG A 1 11  ? 17.860  -1.730  -8.238  1.00 18.84 ? 11  ARG A CB    1 
ATOM   86   C CG    . ARG A 1 11  ? 17.397  -0.333  -8.420  1.00 22.30 ? 11  ARG A CG    1 
ATOM   87   C CD    . ARG A 1 11  ? 17.415  0.163   -9.839  1.00 28.24 ? 11  ARG A CD    1 
ATOM   88   N NE    . ARG A 1 11  ? 16.794  1.480   -9.869  1.00 32.19 ? 11  ARG A NE    1 
ATOM   89   C CZ    . ARG A 1 11  ? 16.465  2.144   -10.977 1.00 37.36 ? 11  ARG A CZ    1 
ATOM   90   N NH1   . ARG A 1 11  ? 15.906  3.351   -10.873 1.00 39.46 ? 11  ARG A NH1   1 
ATOM   91   N NH2   . ARG A 1 11  ? 16.710  1.631   -12.176 1.00 38.54 ? 11  ARG A NH2   1 
ATOM   92   N N     . SER A 1 12  ? 18.578  -4.253  -5.871  1.00 15.32 ? 12  SER A N     1 
ATOM   93   C CA    . SER A 1 12  ? 18.629  -5.707  -5.629  1.00 14.77 ? 12  SER A CA    1 
ATOM   94   C C     . SER A 1 12  ? 17.625  -6.163  -4.549  1.00 14.53 ? 12  SER A C     1 
ATOM   95   O O     . SER A 1 12  ? 17.504  -7.359  -4.298  1.00 15.03 ? 12  SER A O     1 
ATOM   96   C CB    . SER A 1 12  ? 20.047  -6.145  -5.219  1.00 14.82 ? 12  SER A CB    1 
ATOM   97   O OG    . SER A 1 12  ? 20.346  -5.786  -3.876  1.00 14.82 ? 12  SER A OG    1 
ATOM   98   N N     . PHE A 1 13  ? 16.943  -5.217  -3.910  1.00 13.48 ? 13  PHE A N     1 
ATOM   99   C CA    . PHE A 1 13  ? 15.977  -5.499  -2.829  1.00 13.06 ? 13  PHE A CA    1 
ATOM   100  C C     . PHE A 1 13  ? 14.729  -6.117  -3.449  1.00 14.29 ? 13  PHE A C     1 
ATOM   101  O O     . PHE A 1 13  ? 14.304  -5.721  -4.556  1.00 14.00 ? 13  PHE A O     1 
ATOM   102  C CB    . PHE A 1 13  ? 15.566  -4.224  -2.076  1.00 12.80 ? 13  PHE A CB    1 
ATOM   103  C CG    . PHE A 1 13  ? 16.607  -3.658  -1.131  1.00 12.18 ? 13  PHE A CG    1 
ATOM   104  C CD1   . PHE A 1 13  ? 17.952  -4.010  -1.201  1.00 14.38 ? 13  PHE A CD1   1 
ATOM   105  C CD2   . PHE A 1 13  ? 16.212  -2.730  -0.186  1.00 14.17 ? 13  PHE A CD2   1 
ATOM   106  C CE1   . PHE A 1 13  ? 18.865  -3.449  -0.326  1.00 15.64 ? 13  PHE A CE1   1 
ATOM   107  C CE2   . PHE A 1 13  ? 17.134  -2.171  0.690   1.00 16.39 ? 13  PHE A CE2   1 
ATOM   108  C CZ    . PHE A 1 13  ? 18.458  -2.534  0.598   1.00 13.82 ? 13  PHE A CZ    1 
ATOM   109  N N     . THR A 1 14  ? 14.140  -7.059  -2.730  1.00 13.75 ? 14  THR A N     1 
ATOM   110  C CA    . THR A 1 14  ? 12.955  -7.794  -3.184  1.00 13.82 ? 14  THR A CA    1 
ATOM   111  C C     . THR A 1 14  ? 11.715  -7.242  -2.504  1.00 13.15 ? 14  THR A C     1 
ATOM   112  O O     . THR A 1 14  ? 11.717  -7.040  -1.290  1.00 11.91 ? 14  THR A O     1 
ATOM   113  C CB    . THR A 1 14  ? 13.141  -9.260  -2.836  1.00 13.77 ? 14  THR A CB    1 
ATOM   114  O OG1   . THR A 1 14  ? 14.119  -9.829  -3.717  1.00 14.10 ? 14  THR A OG1   1 
ATOM   115  C CG2   . THR A 1 14  ? 11.852  -10.080 -3.080  1.00 14.55 ? 14  THR A CG2   1 
ATOM   116  N N     . TYR A 1 15  ? 10.672  -6.967  -3.298  1.00 12.77 ? 15  TYR A N     1 
ATOM   117  C CA    . TYR A 1 15  ? 9.404   -6.488  -2.765  1.00 13.55 ? 15  TYR A CA    1 
ATOM   118  C C     . TYR A 1 15  ? 8.194   -7.209  -3.341  1.00 13.38 ? 15  TYR A C     1 
ATOM   119  O O     . TYR A 1 15  ? 8.246   -7.794  -4.412  1.00 13.94 ? 15  TYR A O     1 
ATOM   120  C CB    . TYR A 1 15  ? 9.231   -5.005  -3.101  1.00 13.77 ? 15  TYR A CB    1 
ATOM   121  C CG    . TYR A 1 15  ? 10.326  -4.096  -2.629  1.00 12.81 ? 15  TYR A CG    1 
ATOM   122  C CD1   . TYR A 1 15  ? 11.291  -3.602  -3.521  1.00 15.81 ? 15  TYR A CD1   1 
ATOM   123  C CD2   . TYR A 1 15  ? 10.390  -3.693  -1.312  1.00 12.94 ? 15  TYR A CD2   1 
ATOM   124  C CE1   . TYR A 1 15  ? 12.283  -2.719  -3.091  1.00 13.54 ? 15  TYR A CE1   1 
ATOM   125  C CE2   . TYR A 1 15  ? 11.370  -2.822  -0.877  1.00 11.36 ? 15  TYR A CE2   1 
ATOM   126  C CZ    . TYR A 1 15  ? 12.303  -2.335  -1.777  1.00 13.78 ? 15  TYR A CZ    1 
ATOM   127  O OH    . TYR A 1 15  ? 13.254  -1.487  -1.315  1.00 13.35 ? 15  TYR A OH    1 
ATOM   128  N N     . GLY A 1 16  ? 7.096   -7.136  -2.609  1.00 13.39 ? 16  GLY A N     1 
ATOM   129  C CA    . GLY A 1 16  ? 5.809   -7.482  -3.131  1.00 13.01 ? 16  GLY A CA    1 
ATOM   130  C C     . GLY A 1 16  ? 5.154   -6.245  -3.684  1.00 13.89 ? 16  GLY A C     1 
ATOM   131  O O     . GLY A 1 16  ? 5.732   -5.145  -3.658  1.00 14.15 ? 16  GLY A O     1 
ATOM   132  N N     . LEU A 1 17  ? 3.933   -6.436  -4.147  1.00 13.27 ? 17  LEU A N     1 
ATOM   133  C CA    . LEU A 1 17  ? 3.104   -5.355  -4.642  1.00 14.00 ? 17  LEU A CA    1 
ATOM   134  C C     . LEU A 1 17  ? 1.787   -5.354  -3.911  1.00 12.79 ? 17  LEU A C     1 
ATOM   135  O O     . LEU A 1 17  ? 1.137   -6.395  -3.756  1.00 13.52 ? 17  LEU A O     1 
ATOM   136  C CB    . LEU A 1 17  ? 2.925   -5.462  -6.145  1.00 14.28 ? 17  LEU A CB    1 
ATOM   137  C CG    . LEU A 1 17  ? 4.119   -4.972  -6.962  1.00 18.42 ? 17  LEU A CG    1 
ATOM   138  C CD1   . LEU A 1 17  ? 4.037   -5.529  -8.352  1.00 19.51 ? 17  LEU A CD1   1 
ATOM   139  C CD2   . LEU A 1 17  ? 4.154   -3.448  -6.983  1.00 22.01 ? 17  LEU A CD2   1 
ATOM   140  N N     . TYR A 1 18  ? 1.400   -4.171  -3.469  1.00 12.58 ? 18  TYR A N     1 
ATOM   141  C CA    . TYR A 1 18  ? 0.276   -3.973  -2.548  1.00 11.84 ? 18  TYR A CA    1 
ATOM   142  C C     . TYR A 1 18  ? -0.476  -2.728  -2.994  1.00 12.23 ? 18  TYR A C     1 
ATOM   143  O O     . TYR A 1 18  ? 0.090   -1.854  -3.693  1.00 11.63 ? 18  TYR A O     1 
ATOM   144  C CB    . TYR A 1 18  ? 0.750   -3.756  -1.094  1.00 11.99 ? 18  TYR A CB    1 
ATOM   145  C CG    . TYR A 1 18  ? 1.806   -4.718  -0.620  1.00 12.19 ? 18  TYR A CG    1 
ATOM   146  C CD1   . TYR A 1 18  ? 1.460   -5.901  0.025   1.00 13.24 ? 18  TYR A CD1   1 
ATOM   147  C CD2   . TYR A 1 18  ? 3.154   -4.475  -0.868  1.00 11.54 ? 18  TYR A CD2   1 
ATOM   148  C CE1   . TYR A 1 18  ? 2.458   -6.816  0.424   1.00 12.05 ? 18  TYR A CE1   1 
ATOM   149  C CE2   . TYR A 1 18  ? 4.148   -5.381  -0.460  1.00 13.03 ? 18  TYR A CE2   1 
ATOM   150  C CZ    . TYR A 1 18  ? 3.794   -6.531  0.182   1.00 11.82 ? 18  TYR A CZ    1 
ATOM   151  O OH    . TYR A 1 18  ? 4.768   -7.430  0.595   1.00 12.96 ? 18  TYR A OH    1 
ATOM   152  N N     . VAL A 1 19  ? -1.745  -2.649  -2.623  1.00 11.72 ? 19  VAL A N     1 
ATOM   153  C CA    . VAL A 1 19  ? -2.491  -1.397  -2.795  1.00 12.55 ? 19  VAL A CA    1 
ATOM   154  C C     . VAL A 1 19  ? -2.802  -0.837  -1.460  1.00 12.51 ? 19  VAL A C     1 
ATOM   155  O O     . VAL A 1 19  ? -3.339  -1.519  -0.599  1.00 12.57 ? 19  VAL A O     1 
ATOM   156  C CB    . VAL A 1 19  ? -3.786  -1.594  -3.606  1.00 12.56 ? 19  VAL A CB    1 
ATOM   157  C CG1   . VAL A 1 19  ? -4.536  -0.252  -3.753  1.00 15.22 ? 19  VAL A CG1   1 
ATOM   158  C CG2   . VAL A 1 19  ? -3.461  -2.201  -4.925  1.00 13.35 ? 19  VAL A CG2   1 
ATOM   159  N N     . LEU A 1 20  ? -2.412  0.416   -1.254  1.00 12.99 ? 20  LEU A N     1 
ATOM   160  C CA    . LEU A 1 20  ? -2.656  1.105   -0.006  1.00 13.48 ? 20  LEU A CA    1 
ATOM   161  C C     . LEU A 1 20  ? -3.819  2.074   -0.235  1.00 13.83 ? 20  LEU A C     1 
ATOM   162  O O     . LEU A 1 20  ? -3.840  2.739   -1.252  1.00 14.23 ? 20  LEU A O     1 
ATOM   163  C CB    . LEU A 1 20  ? -1.396  1.893   0.405   1.00 14.74 ? 20  LEU A CB    1 
ATOM   164  C CG    . LEU A 1 20  ? -1.607  2.306   1.867   1.00 17.42 ? 20  LEU A CG    1 
ATOM   165  C CD1   . LEU A 1 20  ? -0.480  1.914   2.772   1.00 21.65 ? 20  LEU A CD1   1 
ATOM   166  C CD2   . LEU A 1 20  ? -1.893  3.769   1.905   1.00 22.55 ? 20  LEU A CD2   1 
ATOM   167  N N     . THR A 1 21  ? -4.795  2.082   0.647   1.00 14.37 ? 21  THR A N     1 
ATOM   168  C CA    . THR A 1 21  ? -5.889  3.059   0.556   1.00 15.36 ? 21  THR A CA    1 
ATOM   169  C C     . THR A 1 21  ? -6.048  3.899   1.800   1.00 15.53 ? 21  THR A C     1 
ATOM   170  O O     . THR A 1 21  ? -5.664  3.524   2.909   1.00 14.16 ? 21  THR A O     1 
ATOM   171  C CB    . THR A 1 21  ? -7.211  2.404   0.178   1.00 15.56 ? 21  THR A CB    1 
ATOM   172  O OG1   . THR A 1 21  ? -7.689  1.580   1.227   1.00 16.24 ? 21  THR A OG1   1 
ATOM   173  C CG2   . THR A 1 21  ? -7.081  1.458   -1.020  1.00 15.87 ? 21  THR A CG2   1 
ATOM   174  N N     . ALA A 1 22  ? -6.714  5.034   1.606   1.00 15.61 ? 22  ALA A N     1 
ATOM   175  C CA    . ALA A 1 22  ? -6.916  6.003   2.648   1.00 16.11 ? 22  ALA A CA    1 
ATOM   176  C C     . ALA A 1 22  ? -8.142  6.838   2.277   1.00 16.56 ? 22  ALA A C     1 
ATOM   177  O O     . ALA A 1 22  ? -8.516  6.935   1.105   1.00 15.74 ? 22  ALA A O     1 
ATOM   178  C CB    . ALA A 1 22  ? -5.699  6.897   2.778   1.00 15.45 ? 22  ALA A CB    1 
ATOM   179  N N     . LYS A 1 23  ? -8.753  7.443   3.271   1.00 18.84 ? 23  LYS A N     1 
ATOM   180  C CA    . LYS A 1 23  ? -9.898  8.301   2.981   1.00 20.20 ? 23  LYS A CA    1 
ATOM   181  C C     . LYS A 1 23  ? -10.257 9.230   4.129   1.00 20.60 ? 23  LYS A C     1 
ATOM   182  O O     . LYS A 1 23  ? -9.961  8.949   5.298   1.00 20.26 ? 23  LYS A O     1 
ATOM   183  C CB    . LYS A 1 23  ? -11.072 7.422   2.584   1.00 21.74 ? 23  LYS A CB    1 
ATOM   184  C CG    . LYS A 1 23  ? -11.834 6.840   3.684   1.00 26.20 ? 23  LYS A CG    1 
ATOM   185  C CD    . LYS A 1 23  ? -13.252 7.372   3.715   1.00 28.10 ? 23  LYS A CD    1 
ATOM   186  C CE    . LYS A 1 23  ? -14.141 6.791   2.613   1.00 29.10 ? 23  LYS A CE    1 
ATOM   187  N NZ    . LYS A 1 23  ? -15.289 7.726   2.319   1.00 29.21 ? 23  LYS A NZ    1 
ATOM   188  N N     . ASP A 1 24  ? -10.867 10.352  3.756   1.00 20.64 ? 24  ASP A N     1 
ATOM   189  C CA    . ASP A 1 24  ? -11.378 11.338  4.684   1.00 21.55 ? 24  ASP A CA    1 
ATOM   190  C C     . ASP A 1 24  ? -12.575 11.972  4.006   1.00 21.22 ? 24  ASP A C     1 
ATOM   191  O O     . ASP A 1 24  ? -12.407 12.816  3.153   1.00 20.64 ? 24  ASP A O     1 
ATOM   192  C CB    . ASP A 1 24  ? -10.303 12.380  4.961   1.00 21.28 ? 24  ASP A CB    1 
ATOM   193  C CG    . ASP A 1 24  ? -10.690 13.347  6.037   1.00 24.18 ? 24  ASP A CG    1 
ATOM   194  O OD1   . ASP A 1 24  ? -10.042 14.391  6.098   1.00 25.94 ? 24  ASP A OD1   1 
ATOM   195  O OD2   . ASP A 1 24  ? -11.592 13.150  6.866   1.00 24.92 ? 24  ASP A OD2   1 
ATOM   196  N N     . GLY A 1 25  ? -13.768 11.533  4.374   1.00 22.88 ? 25  GLY A N     1 
ATOM   197  C CA    . GLY A 1 25  ? -15.004 11.986  3.724   1.00 22.87 ? 25  GLY A CA    1 
ATOM   198  C C     . GLY A 1 25  ? -14.990 11.636  2.246   1.00 23.34 ? 25  GLY A C     1 
ATOM   199  O O     . GLY A 1 25  ? -14.754 10.482  1.883   1.00 23.62 ? 25  GLY A O     1 
ATOM   200  N N     . ASP A 1 26  ? -15.189 12.633  1.378   1.00 23.18 ? 26  ASP A N     1 
ATOM   201  C CA    . ASP A 1 26  ? -15.164 12.392  -0.061  1.00 23.64 ? 26  ASP A CA    1 
ATOM   202  C C     . ASP A 1 26  ? -13.762 12.288  -0.663  1.00 22.50 ? 26  ASP A C     1 
ATOM   203  O O     . ASP A 1 26  ? -13.627 11.932  -1.822  1.00 21.00 ? 26  ASP A O     1 
ATOM   204  C CB    . ASP A 1 26  ? -15.953 13.469  -0.808  1.00 24.09 ? 26  ASP A CB    1 
ATOM   205  C CG    . ASP A 1 26  ? -17.440 13.351  -0.596  1.00 28.75 ? 26  ASP A CG    1 
ATOM   206  O OD1   . ASP A 1 26  ? -17.869 12.439  0.148   1.00 31.40 ? 26  ASP A OD1   1 
ATOM   207  O OD2   . ASP A 1 26  ? -18.258 14.106  -1.170  1.00 30.19 ? 26  ASP A OD2   1 
ATOM   208  N N     . GLU A 1 27  ? -12.720 12.604  0.106   1.00 22.19 ? 27  GLU A N     1 
ATOM   209  C CA    . GLU A 1 27  ? -11.360 12.379  -0.365  1.00 22.74 ? 27  GLU A CA    1 
ATOM   210  C C     . GLU A 1 27  ? -11.008 10.913  -0.204  1.00 22.02 ? 27  GLU A C     1 
ATOM   211  O O     . GLU A 1 27  ? -11.070 10.380  0.899   1.00 20.55 ? 27  GLU A O     1 
ATOM   212  C CB    . GLU A 1 27  ? -10.371 13.198  0.418   1.00 23.33 ? 27  GLU A CB    1 
ATOM   213  C CG    . GLU A 1 27  ? -10.421 14.645  0.073   1.00 25.76 ? 27  GLU A CG    1 
ATOM   214  C CD    . GLU A 1 27  ? -9.308  15.416  0.728   1.00 28.06 ? 27  GLU A CD    1 
ATOM   215  O OE1   . GLU A 1 27  ? -9.600  16.104  1.718   1.00 32.17 ? 27  GLU A OE1   1 
ATOM   216  O OE2   . GLU A 1 27  ? -8.174  15.319  0.251   1.00 29.33 ? 27  GLU A OE2   1 
ATOM   217  N N     . VAL A 1 28  ? -10.689 10.285  -1.328  1.00 22.51 ? 28  VAL A N     1 
ATOM   218  C CA    . VAL A 1 28  ? -10.287 8.883   -1.377  1.00 22.29 ? 28  VAL A CA    1 
ATOM   219  C C     . VAL A 1 28  ? -9.017  8.795   -2.213  1.00 21.42 ? 28  VAL A C     1 
ATOM   220  O O     . VAL A 1 28  ? -8.885  9.455   -3.250  1.00 22.00 ? 28  VAL A O     1 
ATOM   221  C CB    . VAL A 1 28  ? -11.388 7.979   -2.021  1.00 22.95 ? 28  VAL A CB    1 
ATOM   222  C CG1   . VAL A 1 28  ? -10.912 6.555   -2.140  1.00 24.17 ? 28  VAL A CG1   1 
ATOM   223  C CG2   . VAL A 1 28  ? -12.617 8.006   -1.249  1.00 23.18 ? 28  VAL A CG2   1 
ATOM   224  N N     . ALA A 1 29  ? -8.067  7.981   -1.741  1.00 19.06 ? 29  ALA A N     1 
ATOM   225  C CA    . ALA A 1 29  ? -6.827  7.727   -2.449  1.00 18.97 ? 29  ALA A CA    1 
ATOM   226  C C     . ALA A 1 29  ? -6.496  6.244   -2.381  1.00 17.77 ? 29  ALA A C     1 
ATOM   227  O O     . ALA A 1 29  ? -6.779  5.585   -1.397  1.00 16.49 ? 29  ALA A O     1 
ATOM   228  C CB    . ALA A 1 29  ? -5.679  8.556   -1.849  1.00 19.46 ? 29  ALA A CB    1 
ATOM   229  N N     . ALA A 1 30  ? -5.943  5.735   -3.464  1.00 17.44 ? 30  ALA A N     1 
ATOM   230  C CA    . ALA A 1 30  ? -5.507  4.359   -3.545  1.00 17.13 ? 30  ALA A CA    1 
ATOM   231  C C     . ALA A 1 30  ? -4.273  4.369   -4.416  1.00 16.93 ? 30  ALA A C     1 
ATOM   232  O O     . ALA A 1 30  ? -4.240  5.049   -5.436  1.00 18.29 ? 30  ALA A O     1 
ATOM   233  C CB    . ALA A 1 30  ? -6.596  3.477   -4.143  1.00 16.85 ? 30  ALA A CB    1 
ATOM   234  N N     . GLY A 1 31  ? -3.228  3.659   -3.997  1.00 15.49 ? 31  GLY A N     1 
ATOM   235  C CA    . GLY A 1 31  ? -2.025  3.605   -4.792  1.00 14.82 ? 31  GLY A CA    1 
ATOM   236  C C     . GLY A 1 31  ? -1.273  2.313   -4.640  1.00 14.45 ? 31  GLY A C     1 
ATOM   237  O O     . GLY A 1 31  ? -1.273  1.703   -3.557  1.00 12.42 ? 31  GLY A O     1 
ATOM   238  N N     . THR A 1 32  ? -0.649  1.881   -5.724  1.00 13.69 ? 32  THR A N     1 
ATOM   239  C CA    . THR A 1 32  ? 0.204   0.697   -5.667  1.00 14.21 ? 32  THR A CA    1 
ATOM   240  C C     . THR A 1 32  ? 1.535   1.065   -5.028  1.00 14.03 ? 32  THR A C     1 
ATOM   241  O O     . THR A 1 32  ? 2.180   2.062   -5.396  1.00 13.05 ? 32  THR A O     1 
ATOM   242  C CB    . THR A 1 32  ? 0.445   0.163   -7.058  1.00 14.51 ? 32  THR A CB    1 
ATOM   243  O OG1   . THR A 1 32  ? -0.803  -0.248  -7.632  1.00 15.98 ? 32  THR A OG1   1 
ATOM   244  C CG2   . THR A 1 32  ? 1.324   -1.126  -7.037  1.00 14.32 ? 32  THR A CG2   1 
ATOM   245  N N     . VAL A 1 33  ? 1.942   0.249   -4.070  1.00 13.24 ? 33  VAL A N     1 
ATOM   246  C CA    . VAL A 1 33  ? 3.171   0.452   -3.315  1.00 12.44 ? 33  VAL A CA    1 
ATOM   247  C C     . VAL A 1 33  ? 3.993   -0.842  -3.229  1.00 12.99 ? 33  VAL A C     1 
ATOM   248  O O     . VAL A 1 33  ? 3.462   -1.961  -3.307  1.00 12.36 ? 33  VAL A O     1 
ATOM   249  C CB    . VAL A 1 33  ? 2.906   1.008   -1.891  1.00 11.50 ? 33  VAL A CB    1 
ATOM   250  C CG1   . VAL A 1 33  ? 2.223   2.397   -1.977  1.00 12.51 ? 33  VAL A CG1   1 
ATOM   251  C CG2   . VAL A 1 33  ? 2.115   0.073   -1.026  1.00 12.04 ? 33  VAL A CG2   1 
ATOM   252  N N     . ASN A 1 34  ? 5.301   -0.661  -3.071  1.00 13.06 ? 34  ASN A N     1 
ATOM   253  C CA    . ASN A 1 34  ? 6.200   -1.767  -2.810  1.00 13.25 ? 34  ASN A CA    1 
ATOM   254  C C     . ASN A 1 34  ? 6.971   -1.695  -1.494  1.00 12.85 ? 34  ASN A C     1 
ATOM   255  O O     . ASN A 1 34  ? 7.384   -2.736  -0.984  1.00 12.17 ? 34  ASN A O     1 
ATOM   256  C CB    . ASN A 1 34  ? 7.122   -2.005  -3.986  1.00 15.81 ? 34  ASN A CB    1 
ATOM   257  C CG    . ASN A 1 34  ? 8.185   -1.007  -4.118  1.00 20.52 ? 34  ASN A CG    1 
ATOM   258  O OD1   . ASN A 1 34  ? 9.337   -1.367  -4.365  1.00 34.46 ? 34  ASN A OD1   1 
ATOM   259  N ND2   . ASN A 1 34  ? 7.835   0.263   -4.051  1.00 28.19 ? 34  ASN A ND2   1 
ATOM   260  N N     . TRP A 1 35  ? 7.216   -0.494  -0.999  1.00 12.15 ? 35  TRP A N     1 
ATOM   261  C CA    . TRP A 1 35  ? 8.070   -0.295  0.181   1.00 12.25 ? 35  TRP A CA    1 
ATOM   262  C C     . TRP A 1 35  ? 7.287   -0.600  1.451   1.00 12.48 ? 35  TRP A C     1 
ATOM   263  O O     . TRP A 1 35  ? 6.839   0.280   2.165   1.00 12.99 ? 35  TRP A O     1 
ATOM   264  C CB    . TRP A 1 35  ? 8.638   1.128   0.177   1.00 12.83 ? 35  TRP A CB    1 
ATOM   265  C CG    . TRP A 1 35  ? 9.659   1.369   -0.895  1.00 10.31 ? 35  TRP A CG    1 
ATOM   266  C CD1   . TRP A 1 35  ? 10.175  0.482   -1.756  1.00 12.03 ? 35  TRP A CD1   1 
ATOM   267  C CD2   . TRP A 1 35  ? 10.308  2.626   -1.174  1.00 10.44 ? 35  TRP A CD2   1 
ATOM   268  N NE1   . TRP A 1 35  ? 11.094  1.092   -2.573  1.00 11.52 ? 35  TRP A NE1   1 
ATOM   269  C CE2   . TRP A 1 35  ? 11.200  2.408   -2.216  1.00 11.66 ? 35  TRP A CE2   1 
ATOM   270  C CE3   . TRP A 1 35  ? 10.211  3.904   -0.630  1.00 11.68 ? 35  TRP A CE3   1 
ATOM   271  C CZ2   . TRP A 1 35  ? 11.978  3.437   -2.773  1.00 13.21 ? 35  TRP A CZ2   1 
ATOM   272  C CZ3   . TRP A 1 35  ? 11.007  4.942   -1.169  1.00 11.18 ? 35  TRP A CZ3   1 
ATOM   273  C CH2   . TRP A 1 35  ? 11.878  4.689   -2.206  1.00 13.44 ? 35  TRP A CH2   1 
ATOM   274  N N     . VAL A 1 36  ? 7.151   -1.894  1.731   1.00 11.79 ? 36  VAL A N     1 
ATOM   275  C CA    . VAL A 1 36  ? 6.290   -2.376  2.810   1.00 11.84 ? 36  VAL A CA    1 
ATOM   276  C C     . VAL A 1 36  ? 7.039   -3.517  3.528   1.00 11.82 ? 36  VAL A C     1 
ATOM   277  O O     . VAL A 1 36  ? 7.564   -4.450  2.875   1.00 11.56 ? 36  VAL A O     1 
ATOM   278  C CB    . VAL A 1 36  ? 4.960   -2.947  2.244   1.00 12.30 ? 36  VAL A CB    1 
ATOM   279  C CG1   . VAL A 1 36  ? 4.131   -3.633  3.315   1.00 14.12 ? 36  VAL A CG1   1 
ATOM   280  C CG2   . VAL A 1 36  ? 4.140   -1.868  1.548   1.00 13.18 ? 36  VAL A CG2   1 
ATOM   281  N N     . THR A 1 37  ? 7.047   -3.466  4.852   1.00 12.14 ? 37  THR A N     1 
ATOM   282  C CA    . THR A 1 37  ? 7.577   -4.586  5.632   1.00 12.01 ? 37  THR A CA    1 
ATOM   283  C C     . THR A 1 37  ? 6.849   -4.685  6.983   1.00 12.52 ? 37  THR A C     1 
ATOM   284  O O     . THR A 1 37  ? 6.446   -3.692  7.543   1.00 11.85 ? 37  THR A O     1 
ATOM   285  C CB    . THR A 1 37  ? 9.109   -4.473  5.842   1.00 12.36 ? 37  THR A CB    1 
ATOM   286  O OG1   . THR A 1 37  ? 9.586   -5.546  6.701   1.00 11.29 ? 37  THR A OG1   1 
ATOM   287  C CG2   . THR A 1 37  ? 9.476   -3.182  6.587   1.00 13.57 ? 37  THR A CG2   1 
ATOM   288  N N     . GLN A 1 38  ? 6.729   -5.893  7.523   1.00 13.38 ? 38  GLN A N     1 
ATOM   289  C CA    . GLN A 1 38  ? 6.321   -6.025  8.916   1.00 13.14 ? 38  GLN A CA    1 
ATOM   290  C C     . GLN A 1 38  ? 7.459   -5.410  9.791   1.00 13.49 ? 38  GLN A C     1 
ATOM   291  O O     . GLN A 1 38  ? 8.632   -5.368  9.375   1.00 14.06 ? 38  GLN A O     1 
ATOM   292  C CB    . GLN A 1 38  ? 5.995   -7.498  9.222   1.00 13.59 ? 38  GLN A CB    1 
ATOM   293  C CG    . GLN A 1 38  ? 5.496   -7.732  10.623  1.00 13.20 ? 38  GLN A CG    1 
ATOM   294  C CD    . GLN A 1 38  ? 4.867   -9.072  10.887  1.00 14.08 ? 38  GLN A CD    1 
ATOM   295  O OE1   . GLN A 1 38  ? 4.500   -9.345  12.072  1.00 19.10 ? 38  GLN A OE1   1 
ATOM   296  N NE2   . GLN A 1 38  ? 4.800   -9.927  9.903   1.00 10.14 ? 38  GLN A NE2   1 
ATOM   297  N N     . ALA A 1 39  ? 7.109   -4.879  10.966  1.00 12.84 ? 39  ALA A N     1 
ATOM   298  C CA    . ALA A 1 39  ? 8.051   -4.192  11.845  1.00 13.76 ? 39  ALA A CA    1 
ATOM   299  C C     . ALA A 1 39  ? 7.967   -4.607  13.349  1.00 14.20 ? 39  ALA A C     1 
ATOM   300  O O     . ALA A 1 39  ? 8.574   -3.967  14.170  1.00 14.05 ? 39  ALA A O     1 
ATOM   301  C CB    . ALA A 1 39  ? 7.890   -2.710  11.703  1.00 13.91 ? 39  ALA A CB    1 
ATOM   302  N N     . SER A 1 40  ? 7.200   -5.643  13.645  1.00 14.52 ? 40  SER A N     1 
ATOM   303  C CA    . SER A 1 40  ? 7.137   -6.297  14.986  1.00 16.99 ? 40  SER A CA    1 
ATOM   304  C C     . SER A 1 40  ? 6.001   -7.360  14.926  1.00 16.95 ? 40  SER A C     1 
ATOM   305  O O     . SER A 1 40  ? 5.094   -7.258  14.118  1.00 15.03 ? 40  SER A O     1 
ATOM   306  C CB    . SER A 1 40  ? 7.065   -5.232  16.117  1.00 17.12 ? 40  SER A CB    1 
ATOM   307  O OG    . SER A 1 40  ? 6.228   -5.628  17.180  1.00 27.68 ? 40  SER A OG    1 
ATOM   308  N N     . PHE A 1 41  ? 6.114   -8.440  15.704  1.00 17.67 ? 41  PHE A N     1 
ATOM   309  C CA    . PHE A 1 41  ? 5.062   -9.416  15.839  1.00 18.66 ? 41  PHE A CA    1 
ATOM   310  C C     . PHE A 1 41  ? 4.076   -8.899  16.887  1.00 20.07 ? 41  PHE A C     1 
ATOM   311  O O     . PHE A 1 41  ? 2.863   -8.967  16.682  1.00 19.68 ? 41  PHE A O     1 
ATOM   312  C CB    . PHE A 1 41  ? 5.638   -10.770 16.316  1.00 18.33 ? 41  PHE A CB    1 
ATOM   313  C CG    . PHE A 1 41  ? 6.535   -11.443 15.307  1.00 18.72 ? 41  PHE A CG    1 
ATOM   314  C CD1   . PHE A 1 41  ? 7.902   -11.520 15.521  1.00 19.39 ? 41  PHE A CD1   1 
ATOM   315  C CD2   . PHE A 1 41  ? 6.014   -11.997 14.149  1.00 17.87 ? 41  PHE A CD2   1 
ATOM   316  C CE1   . PHE A 1 41  ? 8.742   -12.188 14.595  1.00 18.74 ? 41  PHE A CE1   1 
ATOM   317  C CE2   . PHE A 1 41  ? 6.842   -12.631 13.213  1.00 20.08 ? 41  PHE A CE2   1 
ATOM   318  C CZ    . PHE A 1 41  ? 8.225   -12.735 13.461  1.00 20.95 ? 41  PHE A CZ    1 
ATOM   319  N N     . GLN A 1 42  ? 4.618   -8.405  18.002  1.00 21.44 ? 42  GLN A N     1 
ATOM   320  C CA    . GLN A 1 42  ? 3.833   -7.757  19.063  1.00 22.68 ? 42  GLN A CA    1 
ATOM   321  C C     . GLN A 1 42  ? 4.393   -6.367  19.319  1.00 21.18 ? 42  GLN A C     1 
ATOM   322  O O     . GLN A 1 42  ? 5.596   -6.207  19.611  1.00 21.22 ? 42  GLN A O     1 
ATOM   323  C CB    . GLN A 1 42  ? 3.865   -8.602  20.355  1.00 24.08 ? 42  GLN A CB    1 
ATOM   324  C CG    . GLN A 1 42  ? 3.354   -7.863  21.598  1.00 29.48 ? 42  GLN A CG    1 
ATOM   325  C CD    . GLN A 1 42  ? 3.317   -8.753  22.840  1.00 35.68 ? 42  GLN A CD    1 
ATOM   326  O OE1   . GLN A 1 42  ? 4.059   -9.755  22.929  1.00 41.13 ? 42  GLN A OE1   1 
ATOM   327  N NE2   . GLN A 1 42  ? 2.468   -8.390  23.806  1.00 39.63 ? 42  GLN A NE2   1 
ATOM   328  N N     . PRO A 1 43  ? 3.591   -5.324  19.143  1.00 19.83 ? 43  PRO A N     1 
ATOM   329  C CA    . PRO A 1 43  ? 2.283   -5.367  18.475  1.00 20.09 ? 43  PRO A CA    1 
ATOM   330  C C     . PRO A 1 43  ? 2.481   -5.703  17.002  1.00 19.57 ? 43  PRO A C     1 
ATOM   331  O O     . PRO A 1 43  ? 3.639   -5.670  16.557  1.00 18.52 ? 43  PRO A O     1 
ATOM   332  C CB    . PRO A 1 43  ? 1.764   -3.927  18.610  1.00 19.93 ? 43  PRO A CB    1 
ATOM   333  C CG    . PRO A 1 43  ? 2.756   -3.166  19.359  1.00 20.91 ? 43  PRO A CG    1 
ATOM   334  C CD    . PRO A 1 43  ? 3.990   -3.965  19.512  1.00 19.64 ? 43  PRO A CD    1 
ATOM   335  N N     . PRO A 1 44  ? 1.419   -6.061  16.277  1.00 19.57 ? 44  PRO A N     1 
ATOM   336  C CA    . PRO A 1 44  ? 1.556   -6.359  14.850  1.00 18.68 ? 44  PRO A CA    1 
ATOM   337  C C     . PRO A 1 44  ? 1.692   -5.067  14.052  1.00 18.16 ? 44  PRO A C     1 
ATOM   338  O O     . PRO A 1 44  ? 0.707   -4.438  13.708  1.00 18.22 ? 44  PRO A O     1 
ATOM   339  C CB    . PRO A 1 44  ? 0.279   -7.118  14.526  1.00 18.64 ? 44  PRO A CB    1 
ATOM   340  C CG    . PRO A 1 44  ? -0.743  -6.605  15.531  1.00 19.78 ? 44  PRO A CG    1 
ATOM   341  C CD    . PRO A 1 44  ? 0.036   -6.237  16.752  1.00 18.91 ? 44  PRO A CD    1 
ATOM   342  N N     . LEU A 1 45  ? 2.932   -4.686  13.763  1.00 16.50 ? 45  LEU A N     1 
ATOM   343  C CA    . LEU A 1 45  ? 3.220   -3.439  13.074  1.00 15.33 ? 45  LEU A CA    1 
ATOM   344  C C     . LEU A 1 45  ? 3.603   -3.649  11.621  1.00 14.89 ? 45  LEU A C     1 
ATOM   345  O O     . LEU A 1 45  ? 4.289   -4.598  11.293  1.00 14.29 ? 45  LEU A O     1 
ATOM   346  C CB    . LEU A 1 45  ? 4.360   -2.717  13.781  1.00 14.99 ? 45  LEU A CB    1 
ATOM   347  C CG    . LEU A 1 45  ? 4.114   -2.340  15.250  1.00 15.46 ? 45  LEU A CG    1 
ATOM   348  C CD1   . LEU A 1 45  ? 5.347   -1.733  15.784  1.00 14.34 ? 45  LEU A CD1   1 
ATOM   349  C CD2   . LEU A 1 45  ? 2.930   -1.392  15.414  1.00 19.13 ? 45  LEU A CD2   1 
ATOM   350  N N     . VAL A 1 46  ? 3.144   -2.757  10.750  1.00 14.06 ? 46  VAL A N     1 
ATOM   351  C CA    . VAL A 1 46  ? 3.562   -2.737  9.353   1.00 14.49 ? 46  VAL A CA    1 
ATOM   352  C C     . VAL A 1 46  ? 4.191   -1.370  9.151   1.00 13.93 ? 46  VAL A C     1 
ATOM   353  O O     . VAL A 1 46  ? 3.713   -0.381  9.689   1.00 14.43 ? 46  VAL A O     1 
ATOM   354  C CB    . VAL A 1 46  ? 2.391   -2.914  8.383   1.00 15.49 ? 46  VAL A CB    1 
ATOM   355  C CG1   . VAL A 1 46  ? 1.326   -1.892  8.622   1.00 18.00 ? 46  VAL A CG1   1 
ATOM   356  C CG2   . VAL A 1 46  ? 2.842   -2.806  6.917   1.00 18.51 ? 46  VAL A CG2   1 
ATOM   357  N N     . ALA A 1 47  ? 5.279   -1.335  8.407   1.00 13.42 ? 47  ALA A N     1 
ATOM   358  C CA    . ALA A 1 47  ? 5.929   -0.087  8.012   1.00 13.81 ? 47  ALA A CA    1 
ATOM   359  C C     . ALA A 1 47  ? 5.784   0.099   6.505   1.00 13.54 ? 47  ALA A C     1 
ATOM   360  O O     . ALA A 1 47  ? 5.968   -0.845  5.734   1.00 14.13 ? 47  ALA A O     1 
ATOM   361  C CB    . ALA A 1 47  ? 7.378   -0.112  8.375   1.00 14.15 ? 47  ALA A CB    1 
ATOM   362  N N     . VAL A 1 48  ? 5.470   1.327   6.090   1.00 14.71 ? 48  VAL A N     1 
ATOM   363  C CA    . VAL A 1 48  ? 5.300   1.676   4.672   1.00 14.94 ? 48  VAL A CA    1 
ATOM   364  C C     . VAL A 1 48  ? 6.080   2.955   4.352   1.00 14.38 ? 48  VAL A C     1 
ATOM   365  O O     . VAL A 1 48  ? 5.949   3.950   5.065   1.00 15.42 ? 48  VAL A O     1 
ATOM   366  C CB    . VAL A 1 48  ? 3.833   1.912   4.316   1.00 15.87 ? 48  VAL A CB    1 
ATOM   367  C CG1   . VAL A 1 48  ? 3.670   2.116   2.814   1.00 16.67 ? 48  VAL A CG1   1 
ATOM   368  C CG2   . VAL A 1 48  ? 2.977   0.736   4.772   1.00 18.09 ? 48  VAL A CG2   1 
ATOM   369  N N     . GLY A 1 49  ? 6.884   2.917   3.293   1.00 13.64 ? 49  GLY A N     1 
ATOM   370  C CA    . GLY A 1 49  ? 7.520   4.109   2.737   1.00 14.52 ? 49  GLY A CA    1 
ATOM   371  C C     . GLY A 1 49  ? 6.549   4.810   1.786   1.00 15.39 ? 49  GLY A C     1 
ATOM   372  O O     . GLY A 1 49  ? 6.272   4.296   0.692   1.00 14.93 ? 49  GLY A O     1 
ATOM   373  N N     . LEU A 1 50  ? 6.070   5.980   2.197   1.00 17.01 ? 50  LEU A N     1 
ATOM   374  C CA    . LEU A 1 50  ? 4.987   6.688   1.515   1.00 18.26 ? 50  LEU A CA    1 
ATOM   375  C C     . LEU A 1 50  ? 5.470   8.049   1.031   1.00 18.64 ? 50  LEU A C     1 
ATOM   376  O O     . LEU A 1 50  ? 5.919   8.875   1.830   1.00 16.64 ? 50  LEU A O     1 
ATOM   377  C CB    . LEU A 1 50  ? 3.840   6.907   2.488   1.00 19.33 ? 50  LEU A CB    1 
ATOM   378  C CG    . LEU A 1 50  ? 2.481   6.257   2.267   1.00 22.36 ? 50  LEU A CG    1 
ATOM   379  C CD1   . LEU A 1 50  ? 1.466   6.925   3.144   1.00 20.79 ? 50  LEU A CD1   1 
ATOM   380  C CD2   . LEU A 1 50  ? 2.048   6.245   0.822   1.00 23.07 ? 50  LEU A CD2   1 
ATOM   381  N N     . LYS A 1 51  ? 5.375   8.275   -0.278  1.00 20.33 ? 51  LYS A N     1 
ATOM   382  C CA    . LYS A 1 51  ? 5.841   9.518   -0.914  1.00 21.23 ? 51  LYS A CA    1 
ATOM   383  C C     . LYS A 1 51  ? 5.174   10.722  -0.275  1.00 21.61 ? 51  LYS A C     1 
ATOM   384  O O     . LYS A 1 51  ? 3.953   10.796  -0.188  1.00 20.22 ? 51  LYS A O     1 
ATOM   385  C CB    . LYS A 1 51  ? 5.585   9.494   -2.439  1.00 22.33 ? 51  LYS A CB    1 
ATOM   386  C CG    . LYS A 1 51  ? 6.061   10.738  -3.175  1.00 26.71 ? 51  LYS A CG    1 
ATOM   387  C CD    . LYS A 1 51  ? 5.965   10.621  -4.716  1.00 31.42 ? 51  LYS A CD    1 
ATOM   388  C CE    . LYS A 1 51  ? 6.448   11.934  -5.413  1.00 33.44 ? 51  LYS A CE    1 
ATOM   389  N NZ    . LYS A 1 51  ? 7.734   12.521  -4.860  1.00 36.27 ? 51  LYS A NZ    1 
ATOM   390  N N     . ARG A 1 52  ? 5.991   11.669  0.168   1.00 22.77 ? 52  ARG A N     1 
ATOM   391  C CA    . ARG A 1 52  ? 5.519   12.808  0.933   1.00 25.10 ? 52  ARG A CA    1 
ATOM   392  C C     . ARG A 1 52  ? 4.546   13.637  0.077   1.00 25.80 ? 52  ARG A C     1 
ATOM   393  O O     . ARG A 1 52  ? 3.558   14.156  0.595   1.00 26.66 ? 52  ARG A O     1 
ATOM   394  C CB    . ARG A 1 52  ? 6.710   13.665  1.400   1.00 26.00 ? 52  ARG A CB    1 
ATOM   395  C CG    . ARG A 1 52  ? 6.369   15.119  1.744   1.00 30.65 ? 52  ARG A CG    1 
ATOM   396  C CD    . ARG A 1 52  ? 7.402   15.824  2.640   1.00 35.13 ? 52  ARG A CD    1 
ATOM   397  N NE    . ARG A 1 52  ? 7.453   15.177  3.948   1.00 40.28 ? 52  ARG A NE    1 
ATOM   398  C CZ    . ARG A 1 52  ? 6.515   15.270  4.892   1.00 42.40 ? 52  ARG A CZ    1 
ATOM   399  N NH1   . ARG A 1 52  ? 5.440   16.037  4.736   1.00 42.70 ? 52  ARG A NH1   1 
ATOM   400  N NH2   . ARG A 1 52  ? 6.665   14.588  6.023   1.00 44.66 ? 52  ARG A NH2   1 
ATOM   401  N N     . ASP A 1 53  ? 4.865   13.728  -1.209  1.00 27.16 ? 53  ASP A N     1 
ATOM   402  C CA    . ASP A 1 53  ? 4.137   14.530  -2.203  1.00 28.66 ? 53  ASP A CA    1 
ATOM   403  C C     . ASP A 1 53  ? 3.113   13.633  -2.888  1.00 27.35 ? 53  ASP A C     1 
ATOM   404  O O     . ASP A 1 53  ? 3.209   13.350  -4.104  1.00 29.39 ? 53  ASP A O     1 
ATOM   405  C CB    . ASP A 1 53  ? 5.124   15.099  -3.235  1.00 29.65 ? 53  ASP A CB    1 
ATOM   406  C CG    . ASP A 1 53  ? 5.904   16.287  -2.696  1.00 33.99 ? 53  ASP A CG    1 
ATOM   407  O OD1   . ASP A 1 53  ? 6.527   17.028  -3.511  1.00 41.10 ? 53  ASP A OD1   1 
ATOM   408  O OD2   . ASP A 1 53  ? 5.950   16.573  -1.474  1.00 39.70 ? 53  ASP A OD2   1 
ATOM   409  N N     . SER A 1 54  ? 2.174   13.131  -2.090  1.00 24.69 ? 54  SER A N     1 
ATOM   410  C CA    . SER A 1 54  ? 1.104   12.283  -2.612  1.00 22.07 ? 54  SER A CA    1 
ATOM   411  C C     . SER A 1 54  ? -0.186  12.465  -1.810  1.00 20.36 ? 54  SER A C     1 
ATOM   412  O O     . SER A 1 54  ? -0.185  12.841  -0.625  1.00 18.07 ? 54  SER A O     1 
ATOM   413  C CB    . SER A 1 54  ? 1.557   10.810  -2.664  1.00 22.05 ? 54  SER A CB    1 
ATOM   414  O OG    . SER A 1 54  ? 1.612   10.251  -1.359  1.00 20.25 ? 54  SER A OG    1 
ATOM   415  N N     . HIS A 1 55  ? -1.319  12.185  -2.462  1.00 19.28 ? 55  HIS A N     1 
ATOM   416  C CA    . HIS A 1 55  ? -2.608  12.296  -1.812  1.00 18.45 ? 55  HIS A CA    1 
ATOM   417  C C     . HIS A 1 55  ? -2.724  11.234  -0.726  1.00 17.64 ? 55  HIS A C     1 
ATOM   418  O O     . HIS A 1 55  ? -3.239  11.504  0.344   1.00 16.56 ? 55  HIS A O     1 
ATOM   419  C CB    . HIS A 1 55  ? -3.733  12.186  -2.859  1.00 19.07 ? 55  HIS A CB    1 
ATOM   420  C CG    . HIS A 1 55  ? -5.065  12.678  -2.392  1.00 19.70 ? 55  HIS A CG    1 
ATOM   421  N ND1   . HIS A 1 55  ? -6.227  12.432  -3.101  1.00 21.22 ? 55  HIS A ND1   1 
ATOM   422  C CD2   . HIS A 1 55  ? -5.436  13.374  -1.290  1.00 20.58 ? 55  HIS A CD2   1 
ATOM   423  C CE1   . HIS A 1 55  ? -7.248  12.971  -2.461  1.00 20.96 ? 55  HIS A CE1   1 
ATOM   424  N NE2   . HIS A 1 55  ? -6.797  13.542  -1.355  1.00 20.48 ? 55  HIS A NE2   1 
ATOM   425  N N     . LEU A 1 56  ? -2.221  10.029  -0.990  1.00 16.69 ? 56  LEU A N     1 
ATOM   426  C CA    . LEU A 1 56  ? -2.202  8.992   0.038   1.00 17.45 ? 56  LEU A CA    1 
ATOM   427  C C     . LEU A 1 56  ? -1.544  9.486   1.306   1.00 16.12 ? 56  LEU A C     1 
ATOM   428  O O     . LEU A 1 56  ? -2.076  9.318   2.393   1.00 17.01 ? 56  LEU A O     1 
ATOM   429  C CB    . LEU A 1 56  ? -1.473  7.743   -0.451  1.00 17.46 ? 56  LEU A CB    1 
ATOM   430  C CG    . LEU A 1 56  ? -2.267  6.717   -1.247  1.00 18.97 ? 56  LEU A CG    1 
ATOM   431  C CD1   . LEU A 1 56  ? -1.301  5.675   -1.823  1.00 20.07 ? 56  LEU A CD1   1 
ATOM   432  C CD2   . LEU A 1 56  ? -3.338  6.102   -0.409  1.00 17.87 ? 56  LEU A CD2   1 
ATOM   433  N N     . HIS A 1 57  ? -0.377  10.099  1.173   1.00 16.85 ? 57  HIS A N     1 
ATOM   434  C CA    . HIS A 1 57  ? 0.342   10.589  2.352   1.00 17.48 ? 57  HIS A CA    1 
ATOM   435  C C     . HIS A 1 57  ? -0.494  11.598  3.117   1.00 17.97 ? 57  HIS A C     1 
ATOM   436  O O     . HIS A 1 57  ? -0.616  11.533  4.334   1.00 18.20 ? 57  HIS A O     1 
ATOM   437  C CB    . HIS A 1 57  ? 1.682   11.208  1.927   1.00 17.46 ? 57  HIS A CB    1 
ATOM   438  C CG    . HIS A 1 57  ? 2.594   11.553  3.066   1.00 19.96 ? 57  HIS A CG    1 
ATOM   439  N ND1   . HIS A 1 57  ? 2.370   12.627  3.901   1.00 23.37 ? 57  HIS A ND1   1 
ATOM   440  C CD2   . HIS A 1 57  ? 3.763   10.997  3.476   1.00 22.37 ? 57  HIS A CD2   1 
ATOM   441  C CE1   . HIS A 1 57  ? 3.334   12.685  4.805   1.00 25.39 ? 57  HIS A CE1   1 
ATOM   442  N NE2   . HIS A 1 57  ? 4.192   11.708  4.567   1.00 22.45 ? 57  HIS A NE2   1 
ATOM   443  N N     . ALA A 1 58  ? -1.104  12.530  2.385   1.00 18.37 ? 58  ALA A N     1 
ATOM   444  C CA    . ALA A 1 58  ? -1.864  13.600  3.017   1.00 18.75 ? 58  ALA A CA    1 
ATOM   445  C C     . ALA A 1 58  ? -2.984  13.026  3.871   1.00 17.92 ? 58  ALA A C     1 
ATOM   446  O O     . ALA A 1 58  ? -3.155  13.399  5.040   1.00 17.81 ? 58  ALA A O     1 
ATOM   447  C CB    . ALA A 1 58  ? -2.397  14.561  1.945   1.00 18.68 ? 58  ALA A CB    1 
ATOM   448  N N     . LEU A 1 59  ? -3.703  12.048  3.327   1.00 17.53 ? 59  LEU A N     1 
ATOM   449  C CA    . LEU A 1 59  ? -4.809  11.419  4.023   1.00 17.83 ? 59  LEU A CA    1 
ATOM   450  C C     . LEU A 1 59  ? -4.353  10.555  5.179   1.00 17.69 ? 59  LEU A C     1 
ATOM   451  O O     . LEU A 1 59  ? -5.005  10.535  6.222   1.00 17.95 ? 59  LEU A O     1 
ATOM   452  C CB    . LEU A 1 59  ? -5.664  10.563  3.071   1.00 17.90 ? 59  LEU A CB    1 
ATOM   453  C CG    . LEU A 1 59  ? -6.383  11.363  1.976   1.00 20.49 ? 59  LEU A CG    1 
ATOM   454  C CD1   . LEU A 1 59  ? -7.190  10.471  1.023   1.00 22.36 ? 59  LEU A CD1   1 
ATOM   455  C CD2   . LEU A 1 59  ? -7.262  12.429  2.595   1.00 23.85 ? 59  LEU A CD2   1 
ATOM   456  N N     . VAL A 1 60  ? -3.268  9.809   4.989   1.00 18.87 ? 60  VAL A N     1 
ATOM   457  C CA    . VAL A 1 60  ? -2.804  8.899   6.048   1.00 18.90 ? 60  VAL A CA    1 
ATOM   458  C C     . VAL A 1 60  ? -2.326  9.726   7.233   1.00 20.64 ? 60  VAL A C     1 
ATOM   459  O O     . VAL A 1 60  ? -2.645  9.410   8.372   1.00 21.29 ? 60  VAL A O     1 
ATOM   460  C CB    . VAL A 1 60  ? -1.704  7.931   5.560   1.00 18.77 ? 60  VAL A CB    1 
ATOM   461  C CG1   . VAL A 1 60  ? -1.122  7.124   6.746   1.00 18.49 ? 60  VAL A CG1   1 
ATOM   462  C CG2   . VAL A 1 60  ? -2.269  6.969   4.517   1.00 17.45 ? 60  VAL A CG2   1 
ATOM   463  N N     . GLU A 1 61  ? -1.572  10.782  6.961   1.00 22.08 ? 61  GLU A N     1 
ATOM   464  C CA    . GLU A 1 61  ? -1.046  11.638  8.036   1.00 23.59 ? 61  GLU A CA    1 
ATOM   465  C C     . GLU A 1 61  ? -2.179  12.366  8.773   1.00 23.46 ? 61  GLU A C     1 
ATOM   466  O O     . GLU A 1 61  ? -2.172  12.485  9.985   1.00 23.36 ? 61  GLU A O     1 
ATOM   467  C CB    . GLU A 1 61  ? -0.054  12.658  7.480   1.00 24.65 ? 61  GLU A CB    1 
ATOM   468  C CG    . GLU A 1 61  ? 0.470   13.615  8.560   1.00 27.56 ? 61  GLU A CG    1 
ATOM   469  C CD    . GLU A 1 61  ? 1.788   14.274  8.218   1.00 30.52 ? 61  GLU A CD    1 
ATOM   470  O OE1   . GLU A 1 61  ? 1.945   14.741  7.080   1.00 30.64 ? 61  GLU A OE1   1 
ATOM   471  O OE2   . GLU A 1 61  ? 2.672   14.343  9.115   1.00 35.15 ? 61  GLU A OE2   1 
ATOM   472  N N     . ARG A 1 62  ? -3.177  12.829  8.030   1.00 23.16 ? 62  ARG A N     1 
ATOM   473  C CA    . ARG A 1 62  ? -4.312  13.556  8.596   1.00 23.36 ? 62  ARG A CA    1 
ATOM   474  C C     . ARG A 1 62  ? -5.261  12.702  9.454   1.00 22.70 ? 62  ARG A C     1 
ATOM   475  O O     . ARG A 1 62  ? -5.716  13.137  10.509  1.00 22.87 ? 62  ARG A O     1 
ATOM   476  C CB    . ARG A 1 62  ? -5.125  14.214  7.447   1.00 24.15 ? 62  ARG A CB    1 
ATOM   477  C CG    . ARG A 1 62  ? -5.552  15.642  7.722   1.00 28.30 ? 62  ARG A CG    1 
ATOM   478  C CD    . ARG A 1 62  ? -5.782  16.441  6.456   1.00 31.69 ? 62  ARG A CD    1 
ATOM   479  N NE    . ARG A 1 62  ? -6.980  15.953  5.796   1.00 32.54 ? 62  ARG A NE    1 
ATOM   480  C CZ    . ARG A 1 62  ? -7.185  15.929  4.486   1.00 33.37 ? 62  ARG A CZ    1 
ATOM   481  N NH1   . ARG A 1 62  ? -6.265  16.352  3.622   1.00 33.22 ? 62  ARG A NH1   1 
ATOM   482  N NH2   . ARG A 1 62  ? -8.339  15.474  4.030   1.00 31.93 ? 62  ARG A NH2   1 
ATOM   483  N N     . THR A 1 63  ? -5.566  11.484  9.012   1.00 20.92 ? 63  THR A N     1 
ATOM   484  C CA    . THR A 1 63  ? -6.542  10.639  9.680   1.00 20.31 ? 63  THR A CA    1 
ATOM   485  C C     . THR A 1 63  ? -5.918  9.570   10.572  1.00 19.49 ? 63  THR A C     1 
ATOM   486  O O     . THR A 1 63  ? -6.582  9.049   11.439  1.00 19.63 ? 63  THR A O     1 
ATOM   487  C CB    . THR A 1 63  ? -7.408  9.904   8.634   1.00 20.75 ? 63  THR A CB    1 
ATOM   488  O OG1   . THR A 1 63  ? -6.571  9.037   7.855   1.00 18.96 ? 63  THR A OG1   1 
ATOM   489  C CG2   . THR A 1 63  ? -8.032  10.899  7.600   1.00 20.65 ? 63  THR A CG2   1 
ATOM   490  N N     . GLY A 1 64  ? -4.659  9.225   10.321  1.00 19.05 ? 64  GLY A N     1 
ATOM   491  C CA    . GLY A 1 64  ? -3.986  8.182   11.084  1.00 19.12 ? 64  GLY A CA    1 
ATOM   492  C C     . GLY A 1 64  ? -4.468  6.771   10.776  1.00 18.98 ? 64  GLY A C     1 
ATOM   493  O O     . GLY A 1 64  ? -4.289  5.863   11.584  1.00 18.87 ? 64  GLY A O     1 
ATOM   494  N N     . LYS A 1 65  ? -5.094  6.590   9.616   1.00 18.35 ? 65  LYS A N     1 
ATOM   495  C CA    . LYS A 1 65  ? -5.742  5.341   9.250   1.00 18.56 ? 65  LYS A CA    1 
ATOM   496  C C     . LYS A 1 65  ? -5.323  4.926   7.858   1.00 17.45 ? 65  LYS A C     1 
ATOM   497  O O     . LYS A 1 65  ? -5.235  5.769   6.954   1.00 18.55 ? 65  LYS A O     1 
ATOM   498  C CB    . LYS A 1 65  ? -7.281  5.496   9.318   1.00 19.26 ? 65  LYS A CB    1 
ATOM   499  C CG    . LYS A 1 65  ? -7.780  5.764   10.757  1.00 23.55 ? 65  LYS A CG    1 
ATOM   500  C CD    . LYS A 1 65  ? -9.171  6.372   10.803  1.00 29.14 ? 65  LYS A CD    1 
ATOM   501  C CE    . LYS A 1 65  ? -9.541  6.835   12.235  1.00 32.22 ? 65  LYS A CE    1 
ATOM   502  N NZ    . LYS A 1 65  ? -8.384  6.714   13.212  1.00 33.64 ? 65  LYS A NZ    1 
ATOM   503  N N     . LEU A 1 66  ? -5.092  3.627   7.665   1.00 16.26 ? 66  LEU A N     1 
ATOM   504  C CA    . LEU A 1 66  ? -4.796  3.099   6.339   1.00 15.45 ? 66  LEU A CA    1 
ATOM   505  C C     . LEU A 1 66  ? -5.264  1.657   6.167   1.00 15.22 ? 66  LEU A C     1 
ATOM   506  O O     . LEU A 1 66  ? -5.478  0.947   7.132   1.00 16.08 ? 66  LEU A O     1 
ATOM   507  C CB    . LEU A 1 66  ? -3.291  3.219   6.072   1.00 15.81 ? 66  LEU A CB    1 
ATOM   508  C CG    . LEU A 1 66  ? -2.324  2.358   6.894   1.00 14.99 ? 66  LEU A CG    1 
ATOM   509  C CD1   . LEU A 1 66  ? -2.234  0.945   6.325   1.00 16.22 ? 66  LEU A CD1   1 
ATOM   510  C CD2   . LEU A 1 66  ? -0.931  3.004   6.944   1.00 16.02 ? 66  LEU A CD2   1 
ATOM   511  N N     . ALA A 1 67  ? -5.469  1.251   4.923   1.00 14.72 ? 67  ALA A N     1 
ATOM   512  C CA    . ALA A 1 67  ? -5.722  -0.142  4.595   1.00 14.80 ? 67  ALA A CA    1 
ATOM   513  C C     . ALA A 1 67  ? -4.710  -0.567  3.571   1.00 15.07 ? 67  ALA A C     1 
ATOM   514  O O     . ALA A 1 67  ? -4.244  0.226   2.776   1.00 14.54 ? 67  ALA A O     1 
ATOM   515  C CB    . ALA A 1 67  ? -7.142  -0.343  4.088   1.00 14.10 ? 67  ALA A CB    1 
ATOM   516  N N     . LEU A 1 68  ? -4.335  -1.838  3.618   1.00 14.84 ? 68  LEU A N     1 
ATOM   517  C CA    . LEU A 1 68  ? -3.355  -2.372  2.718   1.00 14.14 ? 68  LEU A CA    1 
ATOM   518  C C     . LEU A 1 68  ? -3.842  -3.727  2.227   1.00 14.72 ? 68  LEU A C     1 
ATOM   519  O O     . LEU A 1 68  ? -4.300  -4.534  3.018   1.00 14.11 ? 68  LEU A O     1 
ATOM   520  C CB    . LEU A 1 68  ? -2.017  -2.485  3.445   1.00 14.47 ? 68  LEU A CB    1 
ATOM   521  C CG    . LEU A 1 68  ? -0.814  -2.939  2.619   1.00 15.87 ? 68  LEU A CG    1 
ATOM   522  C CD1   . LEU A 1 68  ? -0.319  -1.896  1.655   1.00 15.26 ? 68  LEU A CD1   1 
ATOM   523  C CD2   . LEU A 1 68  ? 0.314   -3.261  3.580   1.00 17.17 ? 68  LEU A CD2   1 
ATOM   524  N N     . MET A 1 69  ? -3.811  -3.937  0.915   1.00 15.38 ? 69  MET A N     1 
ATOM   525  C CA    . MET A 1 69  ? -4.221  -5.217  0.322   1.00 15.73 ? 69  MET A CA    1 
ATOM   526  C C     . MET A 1 69  ? -3.044  -5.799  -0.465  1.00 14.94 ? 69  MET A C     1 
ATOM   527  O O     . MET A 1 69  ? -2.340  -5.079  -1.169  1.00 14.56 ? 69  MET A O     1 
ATOM   528  C CB    . MET A 1 69  ? -5.382  -5.000  -0.621  1.00 16.07 ? 69  MET A CB    1 
ATOM   529  C CG    . MET A 1 69  ? -6.670  -4.525  0.019   1.00 16.02 ? 69  MET A CG    1 
ATOM   530  S SD    . MET A 1 69  ? -7.232  -2.920  -0.630  1.00 16.97 ? 69  MET A SD    1 
ATOM   531  C CE    . MET A 1 69  ? -6.653  -1.834  0.635   1.00 13.34 ? 69  MET A CE    1 
ATOM   532  N N     . THR A 1 70  ? -2.859  -7.102  -0.365  1.00 13.82 ? 70  THR A N     1 
ATOM   533  C CA    . THR A 1 70  ? -1.870  -7.809  -1.166  1.00 13.89 ? 70  THR A CA    1 
ATOM   534  C C     . THR A 1 70  ? -2.407  -8.231  -2.509  1.00 13.30 ? 70  THR A C     1 
ATOM   535  O O     . THR A 1 70  ? -3.378  -8.953  -2.595  1.00 14.03 ? 70  THR A O     1 
ATOM   536  C CB    . THR A 1 70  ? -1.399  -9.070  -0.424  1.00 12.76 ? 70  THR A CB    1 
ATOM   537  O OG1   . THR A 1 70  ? -1.026  -8.715  0.914   1.00 14.74 ? 70  THR A OG1   1 
ATOM   538  C CG2   . THR A 1 70  ? -0.136  -9.680  -1.095  1.00 12.93 ? 70  THR A CG2   1 
ATOM   539  N N     . LEU A 1 71  ? -1.724  -7.831  -3.564  1.00 14.25 ? 71  LEU A N     1 
ATOM   540  C CA    . LEU A 1 71  ? -2.062  -8.290  -4.903  1.00 15.26 ? 71  LEU A CA    1 
ATOM   541  C C     . LEU A 1 71  ? -1.703  -9.790  -5.088  1.00 16.08 ? 71  LEU A C     1 
ATOM   542  O O     . LEU A 1 71  ? -0.620  -10.249 -4.666  1.00 16.73 ? 71  LEU A O     1 
ATOM   543  C CB    . LEU A 1 71  ? -1.365  -7.405  -5.930  1.00 14.72 ? 71  LEU A CB    1 
ATOM   544  C CG    . LEU A 1 71  ? -1.949  -5.984  -6.003  1.00 14.86 ? 71  LEU A CG    1 
ATOM   545  C CD1   . LEU A 1 71  ? -0.913  -4.959  -6.433  1.00 14.89 ? 71  LEU A CD1   1 
ATOM   546  C CD2   . LEU A 1 71  ? -3.140  -5.962  -6.971  1.00 15.03 ? 71  LEU A CD2   1 
ATOM   547  N N     . ALA A 1 72  ? -2.613  -10.548 -5.703  1.00 17.12 ? 72  ALA A N     1 
ATOM   548  C CA    . ALA A 1 72  ? -2.337  -11.911 -6.163  1.00 17.76 ? 72  ALA A CA    1 
ATOM   549  C C     . ALA A 1 72  ? -1.389  -11.984 -7.343  1.00 18.33 ? 72  ALA A C     1 
ATOM   550  O O     . ALA A 1 72  ? -1.237  -11.041 -8.113  1.00 19.95 ? 72  ALA A O     1 
ATOM   551  C CB    . ALA A 1 72  ? -3.673  -12.644 -6.527  1.00 17.62 ? 72  ALA A CB    1 
ATOM   552  N N     . HIS A 1 73  ? -0.806  -13.161 -7.533  1.00 19.23 ? 73  HIS A N     1 
ATOM   553  C CA    . HIS A 1 73  ? 0.155   -13.416 -8.605  1.00 20.10 ? 73  HIS A CA    1 
ATOM   554  C C     . HIS A 1 73  ? -0.384  -13.072 -10.015 1.00 20.73 ? 73  HIS A C     1 
ATOM   555  O O     . HIS A 1 73  ? 0.388   -12.722 -10.885 1.00 20.75 ? 73  HIS A O     1 
ATOM   556  C CB    . HIS A 1 73  ? 0.602   -14.898 -8.561  1.00 20.94 ? 73  HIS A CB    1 
ATOM   557  C CG    . HIS A 1 73  ? -0.507  -15.861 -8.865  1.00 22.78 ? 73  HIS A CG    1 
ATOM   558  N ND1   . HIS A 1 73  ? -0.823  -16.250 -10.148 1.00 28.48 ? 73  HIS A ND1   1 
ATOM   559  C CD2   . HIS A 1 73  ? -1.392  -16.491 -8.055  1.00 26.31 ? 73  HIS A CD2   1 
ATOM   560  C CE1   . HIS A 1 73  ? -1.853  -17.083 -10.119 1.00 27.32 ? 73  HIS A CE1   1 
ATOM   561  N NE2   . HIS A 1 73  ? -2.232  -17.231 -8.862  1.00 27.33 ? 73  HIS A NE2   1 
ATOM   562  N N     . ASP A 1 74  ? -1.698  -13.177 -10.229 1.00 21.09 ? 74  ASP A N     1 
ATOM   563  C CA    . ASP A 1 74  ? -2.301  -12.919 -11.550 1.00 21.83 ? 74  ASP A CA    1 
ATOM   564  C C     . ASP A 1 74  ? -2.940  -11.530 -11.685 1.00 21.38 ? 74  ASP A C     1 
ATOM   565  O O     . ASP A 1 74  ? -3.769  -11.289 -12.574 1.00 20.65 ? 74  ASP A O     1 
ATOM   566  C CB    . ASP A 1 74  ? -3.354  -13.988 -11.878 1.00 22.70 ? 74  ASP A CB    1 
ATOM   567  C CG    . ASP A 1 74  ? -4.499  -14.009 -10.896 1.00 23.75 ? 74  ASP A CG    1 
ATOM   568  O OD1   . ASP A 1 74  ? -4.385  -13.488 -9.756  1.00 24.34 ? 74  ASP A OD1   1 
ATOM   569  O OD2   . ASP A 1 74  ? -5.589  -14.562 -11.171 1.00 28.66 ? 74  ASP A OD2   1 
ATOM   570  N N     . GLN A 1 75  ? -2.537  -10.608 -10.822 1.00 20.33 ? 75  GLN A N     1 
ATOM   571  C CA    . GLN A 1 75  ? -3.187  -9.307  -10.750 1.00 18.98 ? 75  GLN A CA    1 
ATOM   572  C C     . GLN A 1 75  ? -2.267  -8.146  -11.105 1.00 18.95 ? 75  GLN A C     1 
ATOM   573  O O     . GLN A 1 75  ? -2.475  -7.055  -10.634 1.00 17.93 ? 75  GLN A O     1 
ATOM   574  C CB    . GLN A 1 75  ? -3.832  -9.110  -9.383  1.00 17.72 ? 75  GLN A CB    1 
ATOM   575  C CG    . GLN A 1 75  ? -4.952  -10.130 -9.134  1.00 19.14 ? 75  GLN A CG    1 
ATOM   576  C CD    . GLN A 1 75  ? -5.728  -9.936  -7.840  1.00 15.31 ? 75  GLN A CD    1 
ATOM   577  O OE1   . GLN A 1 75  ? -5.168  -9.527  -6.812  1.00 16.50 ? 75  GLN A OE1   1 
ATOM   578  N NE2   . GLN A 1 75  ? -7.026  -10.245 -7.880  1.00 14.21 ? 75  GLN A NE2   1 
ATOM   579  N N     . LYS A 1 76  ? -1.297  -8.352  -11.995 1.00 19.67 ? 76  LYS A N     1 
ATOM   580  C CA    . LYS A 1 76  ? -0.417  -7.266  -12.427 1.00 21.35 ? 76  LYS A CA    1 
ATOM   581  C C     . LYS A 1 76  ? -1.259  -6.108  -13.054 1.00 21.08 ? 76  LYS A C     1 
ATOM   582  O O     . LYS A 1 76  ? -0.939  -4.938  -12.897 1.00 21.15 ? 76  LYS A O     1 
ATOM   583  C CB    . LYS A 1 76  ? 0.647   -7.796  -13.402 1.00 21.98 ? 76  LYS A CB    1 
ATOM   584  C CG    . LYS A 1 76  ? 1.485   -6.730  -14.124 1.00 26.16 ? 76  LYS A CG    1 
ATOM   585  C CD    . LYS A 1 76  ? 2.364   -7.402  -15.173 1.00 30.90 ? 76  LYS A CD    1 
ATOM   586  C CE    . LYS A 1 76  ? 3.404   -6.458  -15.746 1.00 34.31 ? 76  LYS A CE    1 
ATOM   587  N NZ    . LYS A 1 76  ? 4.190   -7.089  -16.859 1.00 36.13 ? 76  LYS A NZ    1 
ATOM   588  N N     . ALA A 1 77  ? -2.359  -6.461  -13.715 1.00 21.75 ? 77  ALA A N     1 
ATOM   589  C CA    . ALA A 1 77  ? -3.247  -5.492  -14.361 1.00 21.39 ? 77  ALA A CA    1 
ATOM   590  C C     . ALA A 1 77  ? -3.888  -4.576  -13.337 1.00 20.99 ? 77  ALA A C     1 
ATOM   591  O O     . ALA A 1 77  ? -4.072  -3.388  -13.592 1.00 21.19 ? 77  ALA A O     1 
ATOM   592  C CB    . ALA A 1 77  ? -4.322  -6.215  -15.173 1.00 22.64 ? 77  ALA A CB    1 
ATOM   593  N N     . ILE A 1 78  ? -4.204  -5.117  -12.160 1.00 19.50 ? 78  ILE A N     1 
ATOM   594  C CA    . ILE A 1 78  ? -4.752  -4.303  -11.092 1.00 18.48 ? 78  ILE A CA    1 
ATOM   595  C C     . ILE A 1 78  ? -3.687  -3.351  -10.551 1.00 18.31 ? 78  ILE A C     1 
ATOM   596  O O     . ILE A 1 78  ? -3.964  -2.175  -10.299 1.00 18.39 ? 78  ILE A O     1 
ATOM   597  C CB    . ILE A 1 78  ? -5.362  -5.180  -9.972  1.00 17.67 ? 78  ILE A CB    1 
ATOM   598  C CG1   . ILE A 1 78  ? -6.353  -6.185  -10.576 1.00 17.16 ? 78  ILE A CG1   1 
ATOM   599  C CG2   . ILE A 1 78  ? -6.026  -4.300  -8.894  1.00 17.92 ? 78  ILE A CG2   1 
ATOM   600  C CD1   . ILE A 1 78  ? -7.191  -6.932  -9.607  1.00 18.35 ? 78  ILE A CD1   1 
ATOM   601  N N     . ALA A 1 79  ? -2.475  -3.859  -10.336 1.00 17.41 ? 79  ALA A N     1 
ATOM   602  C CA    . ALA A 1 79  ? -1.387  -3.023  -9.871  1.00 17.05 ? 79  ALA A CA    1 
ATOM   603  C C     . ALA A 1 79  ? -1.183  -1.815  -10.790 1.00 17.93 ? 79  ALA A C     1 
ATOM   604  O O     . ALA A 1 79  ? -1.056  -0.694  -10.313 1.00 17.53 ? 79  ALA A O     1 
ATOM   605  C CB    . ALA A 1 79  ? -0.106  -3.823  -9.765  1.00 17.03 ? 79  ALA A CB    1 
ATOM   606  N N     . GLN A 1 80  ? -1.201  -2.068  -12.100 1.00 18.78 ? 80  GLN A N     1 
ATOM   607  C CA    . GLN A 1 80  ? -1.054  -1.045  -13.127 1.00 20.71 ? 80  GLN A CA    1 
ATOM   608  C C     . GLN A 1 80  ? -2.099  0.068   -12.977 1.00 19.96 ? 80  GLN A C     1 
ATOM   609  O O     . GLN A 1 80  ? -1.796  1.268   -13.128 1.00 20.69 ? 80  GLN A O     1 
ATOM   610  C CB    . GLN A 1 80  ? -1.178  -1.672  -14.516 1.00 22.09 ? 80  GLN A CB    1 
ATOM   611  C CG    . GLN A 1 80  ? -0.342  -1.033  -15.605 1.00 28.26 ? 80  GLN A CG    1 
ATOM   612  C CD    . GLN A 1 80  ? 0.462   -2.060  -16.401 1.00 33.05 ? 80  GLN A CD    1 
ATOM   613  O OE1   . GLN A 1 80  ? 0.094   -3.239  -16.467 1.00 35.20 ? 80  GLN A OE1   1 
ATOM   614  N NE2   . GLN A 1 80  ? 1.565   -1.610  -17.000 1.00 35.48 ? 80  GLN A NE2   1 
ATOM   615  N N     . ASP A 1 81  ? -3.317  -0.328  -12.649 1.00 19.76 ? 81  ASP A N     1 
ATOM   616  C CA    . ASP A 1 81  ? -4.422  0.612   -12.529 1.00 19.84 ? 81  ASP A CA    1 
ATOM   617  C C     . ASP A 1 81  ? -4.284  1.588   -11.360 1.00 19.36 ? 81  ASP A C     1 
ATOM   618  O O     . ASP A 1 81  ? -4.971  2.604   -11.328 1.00 19.12 ? 81  ASP A O     1 
ATOM   619  C CB    . ASP A 1 81  ? -5.764  -0.143  -12.437 1.00 19.79 ? 81  ASP A CB    1 
ATOM   620  C CG    . ASP A 1 81  ? -6.157  -0.820  -13.735 1.00 20.94 ? 81  ASP A CG    1 
ATOM   621  O OD1   . ASP A 1 81  ? -5.651  -0.437  -14.807 1.00 23.05 ? 81  ASP A OD1   1 
ATOM   622  O OD2   . ASP A 1 81  ? -6.962  -1.787  -13.769 1.00 20.88 ? 81  ASP A OD2   1 
ATOM   623  N N     . PHE A 1 82  ? -3.407  1.310   -10.393 1.00 19.63 ? 82  PHE A N     1 
ATOM   624  C CA    . PHE A 1 82  ? -3.235  2.217   -9.266  1.00 19.81 ? 82  PHE A CA    1 
ATOM   625  C C     . PHE A 1 82  ? -1.889  2.937   -9.216  1.00 21.03 ? 82  PHE A C     1 
ATOM   626  O O     . PHE A 1 82  ? -1.489  3.454   -8.173  1.00 20.27 ? 82  PHE A O     1 
ATOM   627  C CB    . PHE A 1 82  ? -3.569  1.494   -7.963  1.00 20.11 ? 82  PHE A CB    1 
ATOM   628  C CG    . PHE A 1 82  ? -5.010  1.104   -7.886  1.00 18.31 ? 82  PHE A CG    1 
ATOM   629  C CD1   . PHE A 1 82  ? -5.971  2.055   -7.597  1.00 16.75 ? 82  PHE A CD1   1 
ATOM   630  C CD2   . PHE A 1 82  ? -5.415  -0.193  -8.154  1.00 17.40 ? 82  PHE A CD2   1 
ATOM   631  C CE1   . PHE A 1 82  ? -7.347  1.708   -7.555  1.00 16.43 ? 82  PHE A CE1   1 
ATOM   632  C CE2   . PHE A 1 82  ? -6.757  -0.554  -8.123  1.00 16.92 ? 82  PHE A CE2   1 
ATOM   633  C CZ    . PHE A 1 82  ? -7.729  0.393   -7.811  1.00 15.86 ? 82  PHE A CZ    1 
ATOM   634  N N     . PHE A 1 83  ? -1.241  3.013   -10.377 1.00 21.87 ? 83  PHE A N     1 
ATOM   635  C CA    . PHE A 1 83  ? -0.169  3.974   -10.601 1.00 22.88 ? 83  PHE A CA    1 
ATOM   636  C C     . PHE A 1 83  ? -0.685  5.318   -11.137 1.00 25.15 ? 83  PHE A C     1 
ATOM   637  O O     . PHE A 1 83  ? 0.089   6.245   -11.290 1.00 26.84 ? 83  PHE A O     1 
ATOM   638  C CB    . PHE A 1 83  ? 0.818   3.429   -11.617 1.00 22.93 ? 83  PHE A CB    1 
ATOM   639  C CG    . PHE A 1 83  ? 1.511   2.183   -11.207 1.00 22.10 ? 83  PHE A CG    1 
ATOM   640  C CD1   . PHE A 1 83  ? 1.978   2.012   -9.917  1.00 23.21 ? 83  PHE A CD1   1 
ATOM   641  C CD2   . PHE A 1 83  ? 1.785   1.197   -12.155 1.00 22.77 ? 83  PHE A CD2   1 
ATOM   642  C CE1   . PHE A 1 83  ? 2.651   0.830   -9.563  1.00 21.29 ? 83  PHE A CE1   1 
ATOM   643  C CE2   . PHE A 1 83  ? 2.430   0.037   -11.801 1.00 21.46 ? 83  PHE A CE2   1 
ATOM   644  C CZ    . PHE A 1 83  ? 2.862   -0.137  -10.500 1.00 20.62 ? 83  PHE A CZ    1 
ATOM   645  N N     . LYS A 1 84  ? -1.967  5.391   -11.478 1.00 26.30 ? 84  LYS A N     1 
ATOM   646  C CA    . LYS A 1 84  ? -2.594  6.636   -11.936 1.00 26.67 ? 84  LYS A CA    1 
ATOM   647  C C     . LYS A 1 84  ? -3.510  7.201   -10.850 1.00 26.71 ? 84  LYS A C     1 
ATOM   648  O O     . LYS A 1 84  ? -3.872  6.468   -9.906  1.00 26.28 ? 84  LYS A O     1 
ATOM   649  C CB    . LYS A 1 84  ? -3.363  6.358   -13.215 1.00 27.49 ? 84  LYS A CB    1 
ATOM   650  C CG    . LYS A 1 84  ? -4.599  5.494   -13.045 1.00 28.78 ? 84  LYS A CG    1 
ATOM   651  C CD    . LYS A 1 84  ? -4.949  4.796   -14.343 1.00 33.19 ? 84  LYS A CD    1 
ATOM   652  C CE    . LYS A 1 84  ? -6.349  4.212   -14.292 1.00 33.20 ? 84  LYS A CE    1 
ATOM   653  N NZ    . LYS A 1 84  ? -6.879  3.928   -15.643 1.00 36.22 ? 84  LYS A NZ    1 
ATOM   654  N N     . PRO A 1 85  ? -3.896  8.481   -10.954 1.00 25.55 ? 85  PRO A N     1 
ATOM   655  C CA    . PRO A 1 85  ? -4.724  9.092   -9.916  1.00 24.71 ? 85  PRO A CA    1 
ATOM   656  C C     . PRO A 1 85  ? -6.028  8.313   -9.733  1.00 22.88 ? 85  PRO A C     1 
ATOM   657  O O     . PRO A 1 85  ? -6.502  7.667   -10.659 1.00 23.29 ? 85  PRO A O     1 
ATOM   658  C CB    . PRO A 1 85  ? -4.968  10.512  -10.455 1.00 25.54 ? 85  PRO A CB    1 
ATOM   659  C CG    . PRO A 1 85  ? -3.811  10.749  -11.332 1.00 25.92 ? 85  PRO A CG    1 
ATOM   660  C CD    . PRO A 1 85  ? -3.606  9.447   -12.037 1.00 26.35 ? 85  PRO A CD    1 
ATOM   661  N N     . THR A 1 86  ? -6.551  8.352   -8.521  1.00 22.41 ? 86  THR A N     1 
ATOM   662  C CA    . THR A 1 86  ? -7.711  7.576   -8.141  1.00 21.48 ? 86  THR A CA    1 
ATOM   663  C C     . THR A 1 86  ? -9.013  8.263   -8.546  1.00 20.20 ? 86  THR A C     1 
ATOM   664  O O     . THR A 1 86  ? -9.331  9.325   -8.017  1.00 20.49 ? 86  THR A O     1 
ATOM   665  C CB    . THR A 1 86  ? -7.732  7.405   -6.628  1.00 21.68 ? 86  THR A CB    1 
ATOM   666  O OG1   . THR A 1 86  ? -6.499  6.803   -6.197  1.00 23.08 ? 86  THR A OG1   1 
ATOM   667  C CG2   . THR A 1 86  ? -8.801  6.421   -6.240  1.00 22.21 ? 86  THR A CG2   1 
ATOM   668  N N     . VAL A 1 87  ? -9.792  7.608   -9.413  1.00 18.59 ? 87  VAL A N     1 
ATOM   669  C CA    . VAL A 1 87  ? -11.129 8.076   -9.760  1.00 17.77 ? 87  VAL A CA    1 
ATOM   670  C C     . VAL A 1 87  ? -12.161 7.076   -9.277  1.00 17.58 ? 87  VAL A C     1 
ATOM   671  O O     . VAL A 1 87  ? -12.032 5.865   -9.558  1.00 16.57 ? 87  VAL A O     1 
ATOM   672  C CB    . VAL A 1 87  ? -11.262 8.264   -11.284 1.00 18.02 ? 87  VAL A CB    1 
ATOM   673  C CG1   . VAL A 1 87  ? -12.630 8.845   -11.642 1.00 17.71 ? 87  VAL A CG1   1 
ATOM   674  C CG2   . VAL A 1 87  ? -10.140 9.197   -11.784 1.00 18.82 ? 87  VAL A CG2   1 
ATOM   675  N N     . ARG A 1 88  ? -13.158 7.569   -8.544  1.00 17.53 ? 88  ARG A N     1 
ATOM   676  C CA    . ARG A 1 88  ? -14.268 6.748   -8.042  1.00 18.30 ? 88  ARG A CA    1 
ATOM   677  C C     . ARG A 1 88  ? -15.401 6.684   -9.063  1.00 18.91 ? 88  ARG A C     1 
ATOM   678  O O     . ARG A 1 88  ? -15.947 7.716   -9.511  1.00 17.05 ? 88  ARG A O     1 
ATOM   679  C CB    . ARG A 1 88  ? -14.760 7.259   -6.699  1.00 19.07 ? 88  ARG A CB    1 
ATOM   680  C CG    . ARG A 1 88  ? -15.898 6.464   -6.036  1.00 22.97 ? 88  ARG A CG    1 
ATOM   681  C CD    . ARG A 1 88  ? -16.570 7.252   -4.925  1.00 29.80 ? 88  ARG A CD    1 
ATOM   682  N NE    . ARG A 1 88  ? -17.395 6.458   -4.035  1.00 38.19 ? 88  ARG A NE    1 
ATOM   683  C CZ    . ARG A 1 88  ? -18.716 6.320   -4.077  1.00 41.76 ? 88  ARG A CZ    1 
ATOM   684  N NH1   . ARG A 1 88  ? -19.432 6.884   -5.007  1.00 44.32 ? 88  ARG A NH1   1 
ATOM   685  N NH2   . ARG A 1 88  ? -19.329 5.555   -3.179  1.00 46.32 ? 88  ARG A NH2   1 
ATOM   686  N N     . GLU A 1 89  ? -15.743 5.445   -9.418  1.00 19.40 ? 89  GLU A N     1 
ATOM   687  C CA    . GLU A 1 89  ? -16.833 5.138   -10.317 1.00 20.34 ? 89  GLU A CA    1 
ATOM   688  C C     . GLU A 1 89  ? -17.831 4.313   -9.521  1.00 20.52 ? 89  GLU A C     1 
ATOM   689  O O     . GLU A 1 89  ? -17.850 3.082   -9.580  1.00 21.55 ? 89  GLU A O     1 
ATOM   690  C CB    . GLU A 1 89  ? -16.297 4.411   -11.539 1.00 20.61 ? 89  GLU A CB    1 
ATOM   691  C CG    . GLU A 1 89  ? -15.238 5.191   -12.336 1.00 22.85 ? 89  GLU A CG    1 
ATOM   692  C CD    . GLU A 1 89  ? -13.923 4.427   -12.571 1.00 27.90 ? 89  GLU A CD    1 
ATOM   693  O OE1   . GLU A 1 89  ? -13.772 3.305   -12.037 1.00 30.31 ? 89  GLU A OE1   1 
ATOM   694  O OE2   . GLU A 1 89  ? -13.037 4.968   -13.272 1.00 29.30 ? 89  GLU A OE2   1 
ATOM   695  N N     . GLY A 1 90  ? -18.658 5.011   -8.754  1.00 20.71 ? 90  GLY A N     1 
ATOM   696  C CA    . GLY A 1 90  ? -19.637 4.388   -7.885  1.00 20.71 ? 90  GLY A CA    1 
ATOM   697  C C     . GLY A 1 90  ? -18.950 3.534   -6.837  1.00 21.08 ? 90  GLY A C     1 
ATOM   698  O O     . GLY A 1 90  ? -18.192 4.028   -6.012  1.00 19.44 ? 90  GLY A O     1 
ATOM   699  N N     . ASP A 1 91  ? -19.183 2.228   -6.890  1.00 20.52 ? 91  ASP A N     1 
ATOM   700  C CA    . ASP A 1 91  ? -18.526 1.319   -5.937  1.00 21.39 ? 91  ASP A CA    1 
ATOM   701  C C     . ASP A 1 91  ? -17.203 0.691   -6.451  1.00 20.44 ? 91  ASP A C     1 
ATOM   702  O O     . ASP A 1 91  ? -16.757 -0.367  -5.962  1.00 18.79 ? 91  ASP A O     1 
ATOM   703  C CB    . ASP A 1 91  ? -19.517 0.260   -5.450  1.00 22.30 ? 91  ASP A CB    1 
ATOM   704  C CG    . ASP A 1 91  ? -19.748 -0.791  -6.438  1.00 24.73 ? 91  ASP A CG    1 
ATOM   705  O OD1   . ASP A 1 91  ? -19.636 -0.497  -7.650  1.00 27.50 ? 91  ASP A OD1   1 
ATOM   706  O OD2   . ASP A 1 91  ? -19.989 -1.987  -6.097  1.00 31.59 ? 91  ASP A OD2   1 
ATOM   707  N N     . ARG A 1 92  ? -16.577 1.363   -7.417  1.00 19.42 ? 92  ARG A N     1 
ATOM   708  C CA    . ARG A 1 92  ? -15.306 0.970   -7.982  1.00 18.85 ? 92  ARG A CA    1 
ATOM   709  C C     . ARG A 1 92  ? -14.313 2.143   -7.886  1.00 18.54 ? 92  ARG A C     1 
ATOM   710  O O     . ARG A 1 92  ? -14.733 3.307   -7.904  1.00 17.10 ? 92  ARG A O     1 
ATOM   711  C CB    . ARG A 1 92  ? -15.480 0.582   -9.439  1.00 19.27 ? 92  ARG A CB    1 
ATOM   712  C CG    . ARG A 1 92  ? -16.516 -0.567  -9.663  1.00 22.70 ? 92  ARG A CG    1 
ATOM   713  C CD    . ARG A 1 92  ? -16.727 -0.901  -11.104 1.00 26.33 ? 92  ARG A CD    1 
ATOM   714  N NE    . ARG A 1 92  ? -17.944 -1.689  -11.313 1.00 28.08 ? 92  ARG A NE    1 
ATOM   715  C CZ    . ARG A 1 92  ? -18.413 -2.044  -12.503 1.00 32.15 ? 92  ARG A CZ    1 
ATOM   716  N NH1   . ARG A 1 92  ? -17.779 -1.686  -13.615 1.00 34.67 ? 92  ARG A NH1   1 
ATOM   717  N NH2   . ARG A 1 92  ? -19.529 -2.758  -12.593 1.00 33.11 ? 92  ARG A NH2   1 
ATOM   718  N N     . LEU A 1 93  ? -13.028 1.811   -7.753  1.00 17.20 ? 93  LEU A N     1 
ATOM   719  C CA    . LEU A 1 93  ? -11.918 2.758   -7.861  1.00 16.61 ? 93  LEU A CA    1 
ATOM   720  C C     . LEU A 1 93  ? -11.077 2.319   -9.048  1.00 16.78 ? 93  LEU A C     1 
ATOM   721  O O     . LEU A 1 93  ? -10.602 1.198   -9.100  1.00 15.63 ? 93  LEU A O     1 
ATOM   722  C CB    . LEU A 1 93  ? -11.051 2.755   -6.589  1.00 15.93 ? 93  LEU A CB    1 
ATOM   723  C CG    . LEU A 1 93  ? -11.664 3.200   -5.273  1.00 17.75 ? 93  LEU A CG    1 
ATOM   724  C CD1   . LEU A 1 93  ? -10.633 3.131   -4.195  1.00 17.93 ? 93  LEU A CD1   1 
ATOM   725  C CD2   . LEU A 1 93  ? -12.336 4.626   -5.294  1.00 18.25 ? 93  LEU A CD2   1 
ATOM   726  N N     . ASN A 1 94  ? -10.934 3.180   -10.047 1.00 15.99 ? 94  ASN A N     1 
ATOM   727  C CA    . ASN A 1 94  ? -10.210 2.823   -11.255 1.00 17.26 ? 94  ASN A CA    1 
ATOM   728  C C     . ASN A 1 94  ? -10.598 1.453   -11.865 1.00 17.94 ? 94  ASN A C     1 
ATOM   729  O O     . ASN A 1 94  ? -9.733  0.671   -12.303 1.00 16.46 ? 94  ASN A O     1 
ATOM   730  C CB    . ASN A 1 94  ? -8.697  2.922   -10.999 1.00 17.94 ? 94  ASN A CB    1 
ATOM   731  C CG    . ASN A 1 94  ? -8.247  4.340   -10.838 1.00 19.96 ? 94  ASN A CG    1 
ATOM   732  O OD1   . ASN A 1 94  ? -9.067  5.253   -10.918 1.00 20.81 ? 94  ASN A OD1   1 
ATOM   733  N ND2   . ASN A 1 94  ? -6.948  4.548   -10.647 1.00 19.44 ? 94  ASN A ND2   1 
ATOM   734  N N     . GLY A 1 95  ? -11.906 1.176   -11.875 1.00 18.74 ? 95  GLY A N     1 
ATOM   735  C CA    . GLY A 1 95  ? -12.427 -0.022  -12.516 1.00 18.79 ? 95  GLY A CA    1 
ATOM   736  C C     . GLY A 1 95  ? -12.599 -1.199  -11.580 1.00 19.24 ? 95  GLY A C     1 
ATOM   737  O O     . GLY A 1 95  ? -13.140 -2.238  -11.988 1.00 20.17 ? 95  GLY A O     1 
ATOM   738  N N     . HIS A 1 96  ? -12.194 -1.049  -10.314 1.00 17.52 ? 96  HIS A N     1 
ATOM   739  C CA    . HIS A 1 96  ? -12.122 -2.180  -9.385  1.00 16.94 ? 96  HIS A CA    1 
ATOM   740  C C     . HIS A 1 96  ? -13.033 -2.008  -8.188  1.00 16.58 ? 96  HIS A C     1 
ATOM   741  O O     . HIS A 1 96  ? -12.896 -1.063  -7.413  1.00 15.28 ? 96  HIS A O     1 
ATOM   742  C CB    . HIS A 1 96  ? -10.650 -2.387  -8.952  1.00 16.77 ? 96  HIS A CB    1 
ATOM   743  C CG    . HIS A 1 96  ? -9.735  -2.632  -10.097 1.00 16.24 ? 96  HIS A CG    1 
ATOM   744  N ND1   . HIS A 1 96  ? -9.547  -3.883  -10.638 1.00 14.85 ? 96  HIS A ND1   1 
ATOM   745  C CD2   . HIS A 1 96  ? -8.981  -1.784  -10.835 1.00 13.61 ? 96  HIS A CD2   1 
ATOM   746  C CE1   . HIS A 1 96  ? -8.716  -3.792  -11.657 1.00 16.53 ? 96  HIS A CE1   1 
ATOM   747  N NE2   . HIS A 1 96  ? -8.362  -2.529  -11.802 1.00 16.85 ? 96  HIS A NE2   1 
ATOM   748  N N     . PRO A 1 97  ? -13.975 -2.937  -7.990  1.00 15.84 ? 97  PRO A N     1 
ATOM   749  C CA    . PRO A 1 97  ? -14.926 -2.826  -6.888  1.00 16.60 ? 97  PRO A CA    1 
ATOM   750  C C     . PRO A 1 97  ? -14.306 -2.757  -5.511  1.00 16.29 ? 97  PRO A C     1 
ATOM   751  O O     . PRO A 1 97  ? -13.330 -3.474  -5.273  1.00 17.04 ? 97  PRO A O     1 
ATOM   752  C CB    . PRO A 1 97  ? -15.756 -4.122  -7.004  1.00 16.74 ? 97  PRO A CB    1 
ATOM   753  C CG    . PRO A 1 97  ? -15.556 -4.568  -8.351  1.00 18.86 ? 97  PRO A CG    1 
ATOM   754  C CD    . PRO A 1 97  ? -14.217 -4.119  -8.829  1.00 17.48 ? 97  PRO A CD    1 
ATOM   755  N N     . PHE A 1 98  ? -14.843 -1.929  -4.631  1.00 15.99 ? 98  PHE A N     1 
ATOM   756  C CA    . PHE A 1 98  ? -14.396 -1.883  -3.256  1.00 16.99 ? 98  PHE A CA    1 
ATOM   757  C C     . PHE A 1 98  ? -15.572 -1.982  -2.308  1.00 18.39 ? 98  PHE A C     1 
ATOM   758  O O     . PHE A 1 98  ? -16.727 -1.737  -2.695  1.00 17.68 ? 98  PHE A O     1 
ATOM   759  C CB    . PHE A 1 98  ? -13.585 -0.617  -2.974  1.00 16.96 ? 98  PHE A CB    1 
ATOM   760  C CG    . PHE A 1 98  ? -14.385 0.639   -3.036  1.00 15.81 ? 98  PHE A CG    1 
ATOM   761  C CD1   . PHE A 1 98  ? -14.661 1.231   -4.270  1.00 14.39 ? 98  PHE A CD1   1 
ATOM   762  C CD2   . PHE A 1 98  ? -14.874 1.216   -1.897  1.00 18.57 ? 98  PHE A CD2   1 
ATOM   763  C CE1   . PHE A 1 98  ? -15.405 2.399   -4.329  1.00 17.33 ? 98  PHE A CE1   1 
ATOM   764  C CE2   . PHE A 1 98  ? -15.626 2.403   -1.956  1.00 21.12 ? 98  PHE A CE2   1 
ATOM   765  C CZ    . PHE A 1 98  ? -15.892 2.971   -3.170  1.00 19.03 ? 98  PHE A CZ    1 
ATOM   766  N N     . GLU A 1 99  ? -15.266 -2.333  -1.068  1.00 18.57 ? 99  GLU A N     1 
ATOM   767  C CA    . GLU A 1 99  ? -16.198 -2.284  0.046   1.00 20.81 ? 99  GLU A CA    1 
ATOM   768  C C     . GLU A 1 99  ? -15.533 -1.532  1.195   1.00 20.81 ? 99  GLU A C     1 
ATOM   769  O O     . GLU A 1 99  ? -14.299 -1.552  1.322   1.00 21.68 ? 99  GLU A O     1 
ATOM   770  C CB    . GLU A 1 99  ? -16.617 -3.708  0.486   1.00 20.74 ? 99  GLU A CB    1 
ATOM   771  C CG    . GLU A 1 99  ? -15.423 -4.600  0.896   1.00 24.47 ? 99  GLU A CG    1 
ATOM   772  C CD    . GLU A 1 99  ? -15.801 -5.987  1.439   1.00 29.11 ? 99  GLU A CD    1 
ATOM   773  O OE1   . GLU A 1 99  ? -14.870 -6.737  1.898   1.00 28.41 ? 99  GLU A OE1   1 
ATOM   774  O OE2   . GLU A 1 99  ? -17.010 -6.339  1.389   1.00 28.20 ? 99  GLU A OE2   1 
ATOM   775  N N     . PRO A 1 100 ? -16.317 -0.886  2.056   1.00 22.05 ? 100 PRO A N     1 
ATOM   776  C CA    . PRO A 1 100 ? -15.761 -0.233  3.247   1.00 21.86 ? 100 PRO A CA    1 
ATOM   777  C C     . PRO A 1 100 ? -15.219 -1.215  4.280   1.00 21.85 ? 100 PRO A C     1 
ATOM   778  O O     . PRO A 1 100 ? -15.864 -2.214  4.625   1.00 20.95 ? 100 PRO A O     1 
ATOM   779  C CB    . PRO A 1 100 ? -16.962 0.541   3.819   1.00 22.41 ? 100 PRO A CB    1 
ATOM   780  C CG    . PRO A 1 100 ? -17.934 0.588   2.661   1.00 23.85 ? 100 PRO A CG    1 
ATOM   781  C CD    . PRO A 1 100 ? -17.786 -0.710  1.975   1.00 22.25 ? 100 PRO A CD    1 
ATOM   782  N N     . SER A 1 101 ? -14.025 -0.928  4.786   1.00 21.73 ? 101 SER A N     1 
ATOM   783  C CA    . SER A 1 101 ? -13.428 -1.768  5.826   1.00 21.87 ? 101 SER A CA    1 
ATOM   784  C C     . SER A 1 101 ? -14.232 -1.631  7.131   1.00 23.54 ? 101 SER A C     1 
ATOM   785  O O     . SER A 1 101 ? -14.835 -0.581  7.392   1.00 23.48 ? 101 SER A O     1 
ATOM   786  C CB    . SER A 1 101 ? -11.982 -1.376  6.044   1.00 21.79 ? 101 SER A CB    1 
ATOM   787  O OG    . SER A 1 101 ? -11.913 -0.125  6.677   1.00 18.92 ? 101 SER A OG    1 
ATOM   788  N N     . PRO A 1 102 ? -14.281 -2.690  7.932   1.00 25.27 ? 102 PRO A N     1 
ATOM   789  C CA    . PRO A 1 102 ? -15.230 -2.752  9.068   1.00 26.03 ? 102 PRO A CA    1 
ATOM   790  C C     . PRO A 1 102 ? -14.992 -1.808  10.249  1.00 26.55 ? 102 PRO A C     1 
ATOM   791  O O     . PRO A 1 102 ? -15.931 -1.440  10.946  1.00 26.45 ? 102 PRO A O     1 
ATOM   792  C CB    . PRO A 1 102 ? -15.153 -4.217  9.507   1.00 26.05 ? 102 PRO A CB    1 
ATOM   793  C CG    . PRO A 1 102 ? -13.862 -4.735  8.991   1.00 26.33 ? 102 PRO A CG    1 
ATOM   794  C CD    . PRO A 1 102 ? -13.496 -3.926  7.796   1.00 24.94 ? 102 PRO A CD    1 
ATOM   795  N N     . THR A 1 103 ? -13.757 -1.402  10.484  1.00 26.88 ? 103 THR A N     1 
ATOM   796  C CA    . THR A 1 103 ? -13.447 -0.509  11.600  1.00 27.31 ? 103 THR A CA    1 
ATOM   797  C C     . THR A 1 103 ? -13.461 0.942   11.134  1.00 27.28 ? 103 THR A C     1 
ATOM   798  O O     . THR A 1 103 ? -14.134 1.796   11.732  1.00 27.95 ? 103 THR A O     1 
ATOM   799  C CB    . THR A 1 103 ? -12.068 -0.902  12.238  1.00 26.94 ? 103 THR A CB    1 
ATOM   800  O OG1   . THR A 1 103 ? -11.916 -2.330  12.209  1.00 27.49 ? 103 THR A OG1   1 
ATOM   801  C CG2   . THR A 1 103 ? -12.013 -0.554  13.719  1.00 28.28 ? 103 THR A CG2   1 
ATOM   802  N N     . PHE A 1 104 ? -12.755 1.229   10.036  1.00 26.95 ? 104 PHE A N     1 
ATOM   803  C CA    . PHE A 1 104 ? -12.521 2.603   9.612   1.00 26.36 ? 104 PHE A CA    1 
ATOM   804  C C     . PHE A 1 104 ? -13.234 3.044   8.330   1.00 25.37 ? 104 PHE A C     1 
ATOM   805  O O     . PHE A 1 104 ? -13.138 4.207   7.958   1.00 26.50 ? 104 PHE A O     1 
ATOM   806  C CB    . PHE A 1 104 ? -11.011 2.831   9.444   1.00 26.50 ? 104 PHE A CB    1 
ATOM   807  C CG    . PHE A 1 104 ? -10.209 2.556   10.693  1.00 27.68 ? 104 PHE A CG    1 
ATOM   808  C CD1   . PHE A 1 104 ? -10.643 3.011   11.937  1.00 28.50 ? 104 PHE A CD1   1 
ATOM   809  C CD2   . PHE A 1 104 ? -9.014  1.852   10.623  1.00 29.53 ? 104 PHE A CD2   1 
ATOM   810  C CE1   . PHE A 1 104 ? -9.906  2.763   13.071  1.00 28.97 ? 104 PHE A CE1   1 
ATOM   811  C CE2   . PHE A 1 104 ? -8.273  1.617   11.749  1.00 28.41 ? 104 PHE A CE2   1 
ATOM   812  C CZ    . PHE A 1 104 ? -8.717  2.073   12.981  1.00 28.85 ? 104 PHE A CZ    1 
ATOM   813  N N     . GLY A 1 105 ? -13.898 2.132   7.634   1.00 24.20 ? 105 GLY A N     1 
ATOM   814  C CA    . GLY A 1 105 ? -14.630 2.476   6.419   1.00 23.25 ? 105 GLY A CA    1 
ATOM   815  C C     . GLY A 1 105 ? -13.755 2.810   5.214   1.00 22.06 ? 105 GLY A C     1 
ATOM   816  O O     . GLY A 1 105 ? -14.187 3.472   4.280   1.00 20.96 ? 105 GLY A O     1 
ATOM   817  N N     . LEU A 1 106 ? -12.516 2.332   5.228   1.00 20.26 ? 106 LEU A N     1 
ATOM   818  C CA    . LEU A 1 106 ? -11.602 2.528   4.115   1.00 20.03 ? 106 LEU A CA    1 
ATOM   819  C C     . LEU A 1 106 ? -11.883 1.558   2.954   1.00 18.53 ? 106 LEU A C     1 
ATOM   820  O O     . LEU A 1 106 ? -12.335 0.443   3.170   1.00 18.23 ? 106 LEU A O     1 
ATOM   821  C CB    . LEU A 1 106 ? -10.162 2.315   4.609   1.00 20.34 ? 106 LEU A CB    1 
ATOM   822  C CG    . LEU A 1 106 ? -9.411  3.484   5.282   1.00 24.34 ? 106 LEU A CG    1 
ATOM   823  C CD1   . LEU A 1 106 ? -10.281 4.508   5.924   1.00 26.50 ? 106 LEU A CD1   1 
ATOM   824  C CD2   . LEU A 1 106 ? -8.388  2.973   6.278   1.00 24.82 ? 106 LEU A CD2   1 
ATOM   825  N N     . PRO A 1 107 ? -11.563 1.959   1.735   1.00 18.15 ? 107 PRO A N     1 
ATOM   826  C CA    . PRO A 1 107 ? -11.775 1.113   0.565   1.00 16.91 ? 107 PRO A CA    1 
ATOM   827  C C     . PRO A 1 107 ? -10.946 -0.172  0.583   1.00 16.88 ? 107 PRO A C     1 
ATOM   828  O O     . PRO A 1 107 ? -9.715  -0.108  0.682   1.00 15.16 ? 107 PRO A O     1 
ATOM   829  C CB    . PRO A 1 107 ? -11.349 2.024   -0.594  1.00 17.24 ? 107 PRO A CB    1 
ATOM   830  C CG    . PRO A 1 107 ? -11.385 3.374   -0.080  1.00 18.48 ? 107 PRO A CG    1 
ATOM   831  C CD    . PRO A 1 107 ? -11.013 3.275   1.357   1.00 18.39 ? 107 PRO A CD    1 
ATOM   832  N N     . LEU A 1 108 ? -11.640 -1.308  0.532   1.00 15.82 ? 108 LEU A N     1 
ATOM   833  C CA    . LEU A 1 108 ? -11.041 -2.624  0.399   1.00 16.70 ? 108 LEU A CA    1 
ATOM   834  C C     . LEU A 1 108 ? -11.410 -3.138  -0.994  1.00 16.06 ? 108 LEU A C     1 
ATOM   835  O O     . LEU A 1 108 ? -12.599 -3.292  -1.303  1.00 16.22 ? 108 LEU A O     1 
ATOM   836  C CB    . LEU A 1 108 ? -11.617 -3.532  1.473   1.00 16.76 ? 108 LEU A CB    1 
ATOM   837  C CG    . LEU A 1 108 ? -10.938 -3.806  2.810   1.00 19.36 ? 108 LEU A CG    1 
ATOM   838  C CD1   . LEU A 1 108 ? -9.975  -2.736  3.306   1.00 20.70 ? 108 LEU A CD1   1 
ATOM   839  C CD2   . LEU A 1 108 ? -11.892 -4.328  3.895   1.00 18.13 ? 108 LEU A CD2   1 
ATOM   840  N N     . LEU A 1 109 ? -10.415 -3.351  -1.844  1.00 14.22 ? 109 LEU A N     1 
ATOM   841  C CA    . LEU A 1 109 ? -10.622 -3.842  -3.198  1.00 14.25 ? 109 LEU A CA    1 
ATOM   842  C C     . LEU A 1 109 ? -11.021 -5.311  -3.075  1.00 14.53 ? 109 LEU A C     1 
ATOM   843  O O     . LEU A 1 109 ? -10.271 -6.115  -2.523  1.00 14.38 ? 109 LEU A O     1 
ATOM   844  C CB    . LEU A 1 109 ? -9.361  -3.698  -4.035  1.00 14.63 ? 109 LEU A CB    1 
ATOM   845  C CG    . LEU A 1 109 ? -8.851  -2.265  -4.309  1.00 14.65 ? 109 LEU A CG    1 
ATOM   846  C CD1   . LEU A 1 109 ? -7.662  -2.322  -5.203  1.00 15.06 ? 109 LEU A CD1   1 
ATOM   847  C CD2   . LEU A 1 109 ? -9.940  -1.395  -4.939  1.00 15.84 ? 109 LEU A CD2   1 
ATOM   848  N N     . THR A 1 110 ? -12.233 -5.650  -3.526  1.00 13.72 ? 110 THR A N     1 
ATOM   849  C CA    . THR A 1 110 ? -12.766 -6.987  -3.234  1.00 14.42 ? 110 THR A CA    1 
ATOM   850  C C     . THR A 1 110 ? -12.035 -8.107  -3.967  1.00 14.14 ? 110 THR A C     1 
ATOM   851  O O     . THR A 1 110 ? -12.073 -9.264  -3.512  1.00 15.21 ? 110 THR A O     1 
ATOM   852  C CB    . THR A 1 110 ? -14.271 -7.083  -3.576  1.00 13.63 ? 110 THR A CB    1 
ATOM   853  O OG1   . THR A 1 110 ? -14.458 -6.940  -4.984  1.00 13.39 ? 110 THR A OG1   1 
ATOM   854  C CG2   . THR A 1 110 ? -15.062 -5.976  -2.946  1.00 15.58 ? 110 THR A CG2   1 
ATOM   855  N N     . GLU A 1 111 ? -11.381 -7.785  -5.070  1.00 14.60 ? 111 GLU A N     1 
ATOM   856  C CA    . GLU A 1 111 ? -10.692 -8.756  -5.900  1.00 15.05 ? 111 GLU A CA    1 
ATOM   857  C C     . GLU A 1 111 ? -9.411  -9.291  -5.255  1.00 15.27 ? 111 GLU A C     1 
ATOM   858  O O     . GLU A 1 111 ? -8.923  -10.338 -5.653  1.00 14.16 ? 111 GLU A O     1 
ATOM   859  C CB    . GLU A 1 111 ? -10.357 -8.181  -7.263  1.00 15.65 ? 111 GLU A CB    1 
ATOM   860  C CG    . GLU A 1 111 ? -11.556 -7.858  -8.163  1.00 17.14 ? 111 GLU A CG    1 
ATOM   861  C CD    . GLU A 1 111 ? -11.176 -6.953  -9.329  1.00 18.93 ? 111 GLU A CD    1 
ATOM   862  O OE1   . GLU A 1 111 ? -10.983 -5.727  -9.092  1.00 20.24 ? 111 GLU A OE1   1 
ATOM   863  O OE2   . GLU A 1 111 ? -11.034 -7.456  -10.464 1.00 19.21 ? 111 GLU A OE2   1 
ATOM   864  N N     . LEU A 1 112 ? -8.857  -8.560  -4.287  1.00 14.98 ? 112 LEU A N     1 
ATOM   865  C CA    . LEU A 1 112 ? -7.501  -8.849  -3.776  1.00 14.64 ? 112 LEU A CA    1 
ATOM   866  C C     . LEU A 1 112 ? -7.663  -9.774  -2.586  1.00 14.84 ? 112 LEU A C     1 
ATOM   867  O O     . LEU A 1 112 ? -8.538  -9.563  -1.774  1.00 14.80 ? 112 LEU A O     1 
ATOM   868  C CB    . LEU A 1 112 ? -6.790  -7.551  -3.378  1.00 14.76 ? 112 LEU A CB    1 
ATOM   869  C CG    . LEU A 1 112 ? -6.012  -6.882  -4.525  1.00 14.11 ? 112 LEU A CG    1 
ATOM   870  C CD1   . LEU A 1 112 ? -6.852  -6.504  -5.732  1.00 17.20 ? 112 LEU A CD1   1 
ATOM   871  C CD2   . LEU A 1 112 ? -5.257  -5.641  -4.010  1.00 13.72 ? 112 LEU A CD2   1 
ATOM   872  N N     . PRO A 1 113 ? -6.835  -10.830 -2.501  1.00 14.65 ? 113 PRO A N     1 
ATOM   873  C CA    . PRO A 1 113 ? -7.075  -11.929 -1.546  1.00 14.67 ? 113 PRO A CA    1 
ATOM   874  C C     . PRO A 1 113 ? -6.821  -11.650 -0.042  1.00 14.92 ? 113 PRO A C     1 
ATOM   875  O O     . PRO A 1 113 ? -7.375  -12.357 0.825   1.00 15.66 ? 113 PRO A O     1 
ATOM   876  C CB    . PRO A 1 113 ? -6.174  -13.069 -2.093  1.00 15.52 ? 113 PRO A CB    1 
ATOM   877  C CG    . PRO A 1 113 ? -5.076  -12.389 -2.843  1.00 15.03 ? 113 PRO A CG    1 
ATOM   878  C CD    . PRO A 1 113 ? -5.725  -11.114 -3.416  1.00 14.17 ? 113 PRO A CD    1 
ATOM   879  N N     . TYR A 1 114 ? -5.998  -10.647 0.277   1.00 13.93 ? 114 TYR A N     1 
ATOM   880  C CA    . TYR A 1 114 ? -5.570  -10.371 1.633   1.00 13.41 ? 114 TYR A CA    1 
ATOM   881  C C     . TYR A 1 114 ? -5.706  -8.890  1.889   1.00 13.20 ? 114 TYR A C     1 
ATOM   882  O O     . TYR A 1 114 ? -5.362  -8.089  1.000   1.00 12.86 ? 114 TYR A O     1 
ATOM   883  C CB    . TYR A 1 114 ? -4.080  -10.739 1.836   1.00 12.81 ? 114 TYR A CB    1 
ATOM   884  C CG    . TYR A 1 114 ? -3.725  -12.178 1.596   1.00 14.96 ? 114 TYR A CG    1 
ATOM   885  C CD1   . TYR A 1 114 ? -3.938  -13.145 2.586   1.00 16.83 ? 114 TYR A CD1   1 
ATOM   886  C CD2   . TYR A 1 114 ? -3.135  -12.579 0.410   1.00 15.69 ? 114 TYR A CD2   1 
ATOM   887  C CE1   . TYR A 1 114 ? -3.604  -14.485 2.373   1.00 17.82 ? 114 TYR A CE1   1 
ATOM   888  C CE2   . TYR A 1 114 ? -2.785  -13.909 0.201   1.00 18.70 ? 114 TYR A CE2   1 
ATOM   889  C CZ    . TYR A 1 114 ? -3.036  -14.856 1.199   1.00 17.84 ? 114 TYR A CZ    1 
ATOM   890  O OH    . TYR A 1 114 ? -2.681  -16.166 0.988   1.00 19.52 ? 114 TYR A OH    1 
ATOM   891  N N     . TRP A 1 115 ? -6.240  -8.535  3.046   1.00 12.93 ? 115 TRP A N     1 
ATOM   892  C CA    . TRP A 1 115 ? -6.344  -7.143  3.461   1.00 13.56 ? 115 TRP A CA    1 
ATOM   893  C C     . TRP A 1 115 ? -6.164  -6.950  4.930   1.00 14.02 ? 115 TRP A C     1 
ATOM   894  O O     . TRP A 1 115 ? -6.420  -7.867  5.730   1.00 15.52 ? 115 TRP A O     1 
ATOM   895  C CB    . TRP A 1 115 ? -7.683  -6.508  2.994   1.00 13.10 ? 115 TRP A CB    1 
ATOM   896  C CG    . TRP A 1 115 ? -8.902  -7.056  3.705   1.00 13.30 ? 115 TRP A CG    1 
ATOM   897  C CD1   . TRP A 1 115 ? -9.730  -8.024  3.247   1.00 15.54 ? 115 TRP A CD1   1 
ATOM   898  C CD2   . TRP A 1 115 ? -9.404  -6.675  4.981   1.00 15.19 ? 115 TRP A CD2   1 
ATOM   899  N NE1   . TRP A 1 115 ? -10.713 -8.287  4.167   1.00 17.11 ? 115 TRP A NE1   1 
ATOM   900  C CE2   . TRP A 1 115 ? -10.542 -7.473  5.242   1.00 17.36 ? 115 TRP A CE2   1 
ATOM   901  C CE3   . TRP A 1 115 ? -9.021  -5.736  5.941   1.00 16.45 ? 115 TRP A CE3   1 
ATOM   902  C CZ2   . TRP A 1 115 ? -11.288 -7.355  6.406   1.00 17.67 ? 115 TRP A CZ2   1 
ATOM   903  C CZ3   . TRP A 1 115 ? -9.747  -5.633  7.096   1.00 17.27 ? 115 TRP A CZ3   1 
ATOM   904  C CH2   . TRP A 1 115 ? -10.886 -6.446  7.317   1.00 18.60 ? 115 TRP A CH2   1 
ATOM   905  N N     . LEU A 1 116 ? -5.706  -5.747  5.299   1.00 13.92 ? 116 LEU A N     1 
ATOM   906  C CA    . LEU A 1 116 ? -5.590  -5.307  6.662   1.00 14.70 ? 116 LEU A CA    1 
ATOM   907  C C     . LEU A 1 116 ? -5.969  -3.846  6.773   1.00 14.84 ? 116 LEU A C     1 
ATOM   908  O O     . LEU A 1 116 ? -5.795  -3.087  5.830   1.00 14.37 ? 116 LEU A O     1 
ATOM   909  C CB    . LEU A 1 116 ? -4.166  -5.520  7.241   1.00 15.46 ? 116 LEU A CB    1 
ATOM   910  C CG    . LEU A 1 116 ? -3.008  -4.733  6.597   1.00 16.54 ? 116 LEU A CG    1 
ATOM   911  C CD1   . LEU A 1 116 ? -2.806  -3.310  7.196   1.00 17.64 ? 116 LEU A CD1   1 
ATOM   912  C CD2   . LEU A 1 116 ? -1.732  -5.564  6.739   1.00 17.68 ? 116 LEU A CD2   1 
ATOM   913  N N     . GLU A 1 117 ? -6.494  -3.488  7.932   1.00 16.49 ? 117 GLU A N     1 
ATOM   914  C CA    . GLU A 1 117 ? -6.712  -2.104  8.371   1.00 17.35 ? 117 GLU A CA    1 
ATOM   915  C C     . GLU A 1 117 ? -5.740  -1.808  9.489   1.00 17.35 ? 117 GLU A C     1 
ATOM   916  O O     . GLU A 1 117 ? -5.506  -2.666  10.341  1.00 18.42 ? 117 GLU A O     1 
ATOM   917  C CB    . GLU A 1 117 ? -8.068  -1.965  9.041   1.00 18.88 ? 117 GLU A CB    1 
ATOM   918  C CG    . GLU A 1 117 ? -9.266  -1.962  8.181   1.00 23.31 ? 117 GLU A CG    1 
ATOM   919  C CD    . GLU A 1 117 ? -10.474 -1.681  9.048   1.00 26.25 ? 117 GLU A CD    1 
ATOM   920  O OE1   . GLU A 1 117 ? -10.912 -2.587  9.807   1.00 27.56 ? 117 GLU A OE1   1 
ATOM   921  O OE2   . GLU A 1 117 ? -10.963 -0.554  8.964   1.00 26.54 ? 117 GLU A OE2   1 
ATOM   922  N N     . ALA A 1 118 ? -5.213  -0.596  9.526   1.00 17.46 ? 118 ALA A N     1 
ATOM   923  C CA    . ALA A 1 118 ? -4.171  -0.249  10.486  1.00 18.29 ? 118 ALA A CA    1 
ATOM   924  C C     . ALA A 1 118 ? -4.265  1.205   10.966  1.00 18.89 ? 118 ALA A C     1 
ATOM   925  O O     . ALA A 1 118 ? -4.696  2.092   10.236  1.00 18.23 ? 118 ALA A O     1 
ATOM   926  C CB    . ALA A 1 118 ? -2.781  -0.565  9.892   1.00 18.30 ? 118 ALA A CB    1 
ATOM   927  N N     . GLU A 1 119 ? -3.873  1.426   12.217  1.00 19.25 ? 119 GLU A N     1 
ATOM   928  C CA    . GLU A 1 119 ? -3.842  2.737   12.822  1.00 20.67 ? 119 GLU A CA    1 
ATOM   929  C C     . GLU A 1 119 ? -2.398  3.172   12.929  1.00 20.12 ? 119 GLU A C     1 
ATOM   930  O O     . GLU A 1 119 ? -1.565  2.426   13.437  1.00 20.32 ? 119 GLU A O     1 
ATOM   931  C CB    . GLU A 1 119 ? -4.450  2.684   14.218  1.00 21.82 ? 119 GLU A CB    1 
ATOM   932  C CG    . GLU A 1 119 ? -4.705  4.047   14.833  1.00 27.53 ? 119 GLU A CG    1 
ATOM   933  C CD    . GLU A 1 119 ? -5.662  3.970   16.023  1.00 33.99 ? 119 GLU A CD    1 
ATOM   934  O OE1   . GLU A 1 119 ? -6.792  3.456   15.863  1.00 39.79 ? 119 GLU A OE1   1 
ATOM   935  O OE2   . GLU A 1 119 ? -5.279  4.418   17.131  1.00 40.03 ? 119 GLU A OE2   1 
ATOM   936  N N     . VAL A 1 120 ? -2.112  4.380   12.486  1.00 19.00 ? 120 VAL A N     1 
ATOM   937  C CA    . VAL A 1 120 ? -0.757  4.904   12.500  1.00 19.31 ? 120 VAL A CA    1 
ATOM   938  C C     . VAL A 1 120 ? -0.282  5.107   13.953  1.00 19.47 ? 120 VAL A C     1 
ATOM   939  O O     . VAL A 1 120 ? -1.000  5.660   14.768  1.00 18.56 ? 120 VAL A O     1 
ATOM   940  C CB    . VAL A 1 120 ? -0.667  6.225   11.707  1.00 19.27 ? 120 VAL A CB    1 
ATOM   941  C CG1   . VAL A 1 120 ? 0.728   6.821   11.802  1.00 19.89 ? 120 VAL A CG1   1 
ATOM   942  C CG2   . VAL A 1 120 ? -1.040  6.004   10.236  1.00 17.92 ? 120 VAL A CG2   1 
ATOM   943  N N     . ARG A 1 121 ? 0.901   4.587   14.260  1.00 18.89 ? 121 ARG A N     1 
ATOM   944  C CA    . ARG A 1 121 ? 1.520   4.713   15.580  1.00 20.00 ? 121 ARG A CA    1 
ATOM   945  C C     . ARG A 1 121 ? 2.664   5.696   15.564  1.00 20.49 ? 121 ARG A C     1 
ATOM   946  O O     . ARG A 1 121 ? 2.985   6.300   16.596  1.00 21.55 ? 121 ARG A O     1 
ATOM   947  C CB    . ARG A 1 121 ? 2.048   3.355   16.053  1.00 20.33 ? 121 ARG A CB    1 
ATOM   948  C CG    . ARG A 1 121 ? 0.975   2.386   16.412  1.00 22.57 ? 121 ARG A CG    1 
ATOM   949  C CD    . ARG A 1 121 ? 0.215   2.737   17.713  1.00 25.58 ? 121 ARG A CD    1 
ATOM   950  N NE    . ARG A 1 121 ? -0.903  1.820   17.890  1.00 27.94 ? 121 ARG A NE    1 
ATOM   951  C CZ    . ARG A 1 121 ? -2.187  2.154   17.831  1.00 32.30 ? 121 ARG A CZ    1 
ATOM   952  N NH1   . ARG A 1 121 ? -2.555  3.415   17.645  1.00 34.04 ? 121 ARG A NH1   1 
ATOM   953  N NH2   . ARG A 1 121 ? -3.119  1.216   17.978  1.00 32.17 ? 121 ARG A NH2   1 
ATOM   954  N N     . HIS A 1 122 ? 3.269   5.857   14.392  1.00 19.53 ? 122 HIS A N     1 
ATOM   955  C CA    . HIS A 1 122 ? 4.454   6.635   14.225  1.00 20.15 ? 122 HIS A CA    1 
ATOM   956  C C     . HIS A 1 122 ? 4.683   7.037   12.762  1.00 19.69 ? 122 HIS A C     1 
ATOM   957  O O     . HIS A 1 122 ? 4.461   6.260   11.854  1.00 18.58 ? 122 HIS A O     1 
ATOM   958  C CB    . HIS A 1 122 ? 5.623   5.786   14.721  1.00 20.23 ? 122 HIS A CB    1 
ATOM   959  C CG    . HIS A 1 122 ? 6.888   6.542   14.837  1.00 21.49 ? 122 HIS A CG    1 
ATOM   960  N ND1   . HIS A 1 122 ? 8.017   6.189   14.140  1.00 23.69 ? 122 HIS A ND1   1 
ATOM   961  C CD2   . HIS A 1 122 ? 7.204   7.655   15.538  1.00 24.37 ? 122 HIS A CD2   1 
ATOM   962  C CE1   . HIS A 1 122 ? 8.975   7.047   14.417  1.00 22.23 ? 122 HIS A CE1   1 
ATOM   963  N NE2   . HIS A 1 122 ? 8.519   7.934   15.277  1.00 24.79 ? 122 HIS A NE2   1 
ATOM   964  N N     . LEU A 1 123 ? 5.152   8.259   12.537  1.00 19.88 ? 123 LEU A N     1 
ATOM   965  C CA    . LEU A 1 123 ? 5.502   8.703   11.213  1.00 20.59 ? 123 LEU A CA    1 
ATOM   966  C C     . LEU A 1 123 ? 6.848   9.418   11.256  1.00 20.52 ? 123 LEU A C     1 
ATOM   967  O O     . LEU A 1 123 ? 7.005   10.440  11.947  1.00 20.89 ? 123 LEU A O     1 
ATOM   968  C CB    . LEU A 1 123 ? 4.386   9.592   10.642  1.00 21.53 ? 123 LEU A CB    1 
ATOM   969  C CG    . LEU A 1 123 ? 4.573   9.937   9.166   1.00 23.55 ? 123 LEU A CG    1 
ATOM   970  C CD1   . LEU A 1 123 ? 3.210   10.143  8.504   1.00 26.74 ? 123 LEU A CD1   1 
ATOM   971  C CD2   . LEU A 1 123 ? 5.441   11.185  8.986   1.00 25.59 ? 123 LEU A CD2   1 
ATOM   972  N N     . TYR A 1 124 ? 7.826   8.859   10.552  1.00 19.52 ? 124 TYR A N     1 
ATOM   973  C CA    . TYR A 1 124 ? 9.166   9.422   10.490  1.00 19.28 ? 124 TYR A CA    1 
ATOM   974  C C     . TYR A 1 124 ? 9.340   10.100  9.160   1.00 18.94 ? 124 TYR A C     1 
ATOM   975  O O     . TYR A 1 124 ? 9.392   9.427   8.131   1.00 17.71 ? 124 TYR A O     1 
ATOM   976  C CB    . TYR A 1 124 ? 10.256  8.353   10.672  1.00 18.43 ? 124 TYR A CB    1 
ATOM   977  C CG    . TYR A 1 124 ? 11.637  8.900   10.455  1.00 18.79 ? 124 TYR A CG    1 
ATOM   978  C CD1   . TYR A 1 124 ? 12.183  9.852   11.331  1.00 20.34 ? 124 TYR A CD1   1 
ATOM   979  C CD2   . TYR A 1 124 ? 12.408  8.500   9.373   1.00 17.65 ? 124 TYR A CD2   1 
ATOM   980  C CE1   . TYR A 1 124 ? 13.449  10.389  11.115  1.00 20.50 ? 124 TYR A CE1   1 
ATOM   981  C CE2   . TYR A 1 124 ? 13.684  9.040   9.164   1.00 19.27 ? 124 TYR A CE2   1 
ATOM   982  C CZ    . TYR A 1 124 ? 14.193  9.976   10.027  1.00 19.45 ? 124 TYR A CZ    1 
ATOM   983  O OH    . TYR A 1 124 ? 15.457  10.498  9.782   1.00 21.67 ? 124 TYR A OH    1 
ATOM   984  N N     . PRO A 1 125 ? 9.416   11.430  9.151   1.00 19.53 ? 125 PRO A N     1 
ATOM   985  C CA    . PRO A 1 125 ? 9.572   12.158  7.882   1.00 20.41 ? 125 PRO A CA    1 
ATOM   986  C C     . PRO A 1 125 ? 11.018  12.210  7.392   1.00 20.49 ? 125 PRO A C     1 
ATOM   987  O O     . PRO A 1 125 ? 11.682  13.264  7.414   1.00 20.67 ? 125 PRO A O     1 
ATOM   988  C CB    . PRO A 1 125 ? 9.036   13.560  8.234   1.00 20.94 ? 125 PRO A CB    1 
ATOM   989  C CG    . PRO A 1 125 ? 9.355   13.727  9.693   1.00 21.52 ? 125 PRO A CG    1 
ATOM   990  C CD    . PRO A 1 125 ? 9.322   12.351  10.307  1.00 20.05 ? 125 PRO A CD    1 
ATOM   991  N N     . GLY A 1 126 ? 11.520  11.080  6.902   1.00 20.77 ? 126 GLY A N     1 
ATOM   992  C CA    . GLY A 1 126 ? 12.937  10.947  6.630   1.00 20.38 ? 126 GLY A CA    1 
ATOM   993  C C     . GLY A 1 126 ? 13.473  11.617  5.394   1.00 20.68 ? 126 GLY A C     1 
ATOM   994  O O     . GLY A 1 126 ? 14.653  11.952  5.337   1.00 19.32 ? 126 GLY A O     1 
ATOM   995  N N     . GLY A 1 127 ? 12.628  11.769  4.373   1.00 20.61 ? 127 GLY A N     1 
ATOM   996  C CA    . GLY A 1 127 ? 13.080  12.314  3.110   1.00 20.36 ? 127 GLY A CA    1 
ATOM   997  C C     . GLY A 1 127 ? 11.907  12.520  2.179   1.00 19.81 ? 127 GLY A C     1 
ATOM   998  O O     . GLY A 1 127 ? 10.817  12.921  2.615   1.00 20.79 ? 127 GLY A O     1 
ATOM   999  N N     . ASP A 1 128 ? 12.115  12.227  0.907   1.00 18.63 ? 128 ASP A N     1 
ATOM   1000 C CA    . ASP A 1 128 ? 11.029  12.350  -0.064  1.00 18.60 ? 128 ASP A CA    1 
ATOM   1001 C C     . ASP A 1 128 ? 9.877   11.367  0.225   1.00 17.73 ? 128 ASP A C     1 
ATOM   1002 O O     . ASP A 1 128 ? 8.796   11.533  -0.306  1.00 17.43 ? 128 ASP A O     1 
ATOM   1003 C CB    . ASP A 1 128 ? 11.519  12.260  -1.513  1.00 17.95 ? 128 ASP A CB    1 
ATOM   1004 C CG    . ASP A 1 128 ? 12.351  11.033  -1.801  1.00 19.88 ? 128 ASP A CG    1 
ATOM   1005 O OD1   . ASP A 1 128 ? 13.261  11.131  -2.658  1.00 17.67 ? 128 ASP A OD1   1 
ATOM   1006 O OD2   . ASP A 1 128 ? 12.171  9.911   -1.263  1.00 19.22 ? 128 ASP A OD2   1 
ATOM   1007 N N     . HIS A 1 129 ? 10.126  10.360  1.068   1.00 16.37 ? 129 HIS A N     1 
ATOM   1008 C CA    . HIS A 1 129 ? 9.081   9.470   1.594   1.00 16.58 ? 129 HIS A CA    1 
ATOM   1009 C C     . HIS A 1 129 ? 9.116   9.547   3.109   1.00 16.99 ? 129 HIS A C     1 
ATOM   1010 O O     . HIS A 1 129 ? 10.206  9.730   3.704   1.00 18.27 ? 129 HIS A O     1 
ATOM   1011 C CB    . HIS A 1 129 ? 9.334   8.014   1.168   1.00 15.96 ? 129 HIS A CB    1 
ATOM   1012 C CG    . HIS A 1 129 ? 9.098   7.743   -0.282  1.00 14.38 ? 129 HIS A CG    1 
ATOM   1013 N ND1   . HIS A 1 129 ? 9.826   8.357   -1.282  1.00 15.11 ? 129 HIS A ND1   1 
ATOM   1014 C CD2   . HIS A 1 129 ? 8.238   6.902   -0.906  1.00 15.48 ? 129 HIS A CD2   1 
ATOM   1015 C CE1   . HIS A 1 129 ? 9.406   7.924   -2.454  1.00 15.81 ? 129 HIS A CE1   1 
ATOM   1016 N NE2   . HIS A 1 129 ? 8.449   7.029   -2.255  1.00 13.83 ? 129 HIS A NE2   1 
ATOM   1017 N N     . SER A 1 130 ? 7.955   9.438   3.736   1.00 16.29 ? 130 SER A N     1 
ATOM   1018 C CA    . SER A 1 130 ? 7.861   9.216   5.160   1.00 16.14 ? 130 SER A CA    1 
ATOM   1019 C C     . SER A 1 130 ? 7.746   7.721   5.430   1.00 16.88 ? 130 SER A C     1 
ATOM   1020 O O     . SER A 1 130 ? 7.144   7.004   4.656   1.00 16.54 ? 130 SER A O     1 
ATOM   1021 C CB    . SER A 1 130 ? 6.665   9.931   5.760   1.00 17.51 ? 130 SER A CB    1 
ATOM   1022 O OG    . SER A 1 130 ? 6.683   11.311  5.470   1.00 17.49 ? 130 SER A OG    1 
ATOM   1023 N N     . LEU A 1 131 ? 8.355   7.257   6.520   1.00 15.87 ? 131 LEU A N     1 
ATOM   1024 C CA    . LEU A 1 131 ? 8.199   5.885   6.968   1.00 15.73 ? 131 LEU A CA    1 
ATOM   1025 C C     . LEU A 1 131 ? 7.071   5.869   8.007   1.00 15.15 ? 131 LEU A C     1 
ATOM   1026 O O     . LEU A 1 131 ? 7.192   6.401   9.110   1.00 16.62 ? 131 LEU A O     1 
ATOM   1027 C CB    . LEU A 1 131 ? 9.533   5.347   7.481   1.00 16.72 ? 131 LEU A CB    1 
ATOM   1028 C CG    . LEU A 1 131 ? 9.669   3.824   7.642   1.00 20.41 ? 131 LEU A CG    1 
ATOM   1029 C CD1   . LEU A 1 131 ? 9.458   3.058   6.353   1.00 18.00 ? 131 LEU A CD1   1 
ATOM   1030 C CD2   . LEU A 1 131 ? 11.035  3.539   8.181   1.00 24.72 ? 131 LEU A CD2   1 
ATOM   1031 N N     . VAL A 1 132 ? 5.943   5.304   7.614   1.00 15.20 ? 132 VAL A N     1 
ATOM   1032 C CA    . VAL A 1 132 ? 4.724   5.282   8.409   1.00 15.33 ? 132 VAL A CA    1 
ATOM   1033 C C     . VAL A 1 132 ? 4.687   3.921   9.101   1.00 15.91 ? 132 VAL A C     1 
ATOM   1034 O O     . VAL A 1 132 ? 4.797   2.902   8.436   1.00 16.77 ? 132 VAL A O     1 
ATOM   1035 C CB    . VAL A 1 132 ? 3.499   5.401   7.494   1.00 15.63 ? 132 VAL A CB    1 
ATOM   1036 C CG1   . VAL A 1 132 ? 2.250   5.289   8.272   1.00 16.66 ? 132 VAL A CG1   1 
ATOM   1037 C CG2   . VAL A 1 132 ? 3.541   6.737   6.730   1.00 16.56 ? 132 VAL A CG2   1 
ATOM   1038 N N     . VAL A 1 133 ? 4.588   3.902   10.419  1.00 16.00 ? 133 VAL A N     1 
ATOM   1039 C CA    . VAL A 1 133 ? 4.463   2.638   11.125  1.00 15.96 ? 133 VAL A CA    1 
ATOM   1040 C C     . VAL A 1 133 ? 3.074   2.559   11.713  1.00 15.79 ? 133 VAL A C     1 
ATOM   1041 O O     . VAL A 1 133 ? 2.679   3.442   12.457  1.00 17.05 ? 133 VAL A O     1 
ATOM   1042 C CB    . VAL A 1 133 ? 5.532   2.491   12.232  1.00 16.20 ? 133 VAL A CB    1 
ATOM   1043 C CG1   . VAL A 1 133 ? 5.478   1.115   12.827  1.00 17.75 ? 133 VAL A CG1   1 
ATOM   1044 C CG2   . VAL A 1 133 ? 6.906   2.805   11.679  1.00 15.82 ? 133 VAL A CG2   1 
ATOM   1045 N N     . ALA A 1 134 ? 2.363   1.485   11.403  1.00 15.70 ? 134 ALA A N     1 
ATOM   1046 C CA    . ALA A 1 134 ? 0.965   1.324   11.783  1.00 15.91 ? 134 ALA A CA    1 
ATOM   1047 C C     . ALA A 1 134 ? 0.696   -0.048  12.400  1.00 15.85 ? 134 ALA A C     1 
ATOM   1048 O O     . ALA A 1 134 ? 1.299   -1.038  12.020  1.00 15.13 ? 134 ALA A O     1 
ATOM   1049 C CB    . ALA A 1 134 ? 0.084   1.542   10.548  1.00 15.15 ? 134 ALA A CB    1 
ATOM   1050 N N     . GLU A 1 135 ? -0.215  -0.094  13.369  1.00 16.48 ? 135 GLU A N     1 
ATOM   1051 C CA    . GLU A 1 135 ? -0.589  -1.339  14.026  1.00 17.03 ? 135 GLU A CA    1 
ATOM   1052 C C     . GLU A 1 135 ? -1.830  -1.929  13.360  1.00 17.69 ? 135 GLU A C     1 
ATOM   1053 O O     . GLU A 1 135 ? -2.815  -1.224  13.123  1.00 17.27 ? 135 GLU A O     1 
ATOM   1054 C CB    . GLU A 1 135 ? -0.828  -1.105  15.528  1.00 17.88 ? 135 GLU A CB    1 
ATOM   1055 C CG    . GLU A 1 135 ? -1.263  -2.362  16.261  1.00 19.07 ? 135 GLU A CG    1 
ATOM   1056 C CD    . GLU A 1 135 ? -1.316  -2.218  17.779  1.00 22.44 ? 135 GLU A CD    1 
ATOM   1057 O OE1   . GLU A 1 135 ? -0.948  -1.158  18.322  1.00 23.17 ? 135 GLU A OE1   1 
ATOM   1058 O OE2   . GLU A 1 135 ? -1.710  -3.205  18.427  1.00 21.76 ? 135 GLU A OE2   1 
ATOM   1059 N N     . VAL A 1 136 ? -1.784  -3.221  13.061  1.00 17.06 ? 136 VAL A N     1 
ATOM   1060 C CA    . VAL A 1 136 ? -2.883  -3.902  12.416  1.00 18.35 ? 136 VAL A CA    1 
ATOM   1061 C C     . VAL A 1 136 ? -4.027  -4.012  13.442  1.00 19.21 ? 136 VAL A C     1 
ATOM   1062 O O     . VAL A 1 136 ? -3.819  -4.492  14.549  1.00 18.80 ? 136 VAL A O     1 
ATOM   1063 C CB    . VAL A 1 136 ? -2.472  -5.284  11.898  1.00 17.90 ? 136 VAL A CB    1 
ATOM   1064 C CG1   . VAL A 1 136 ? -3.656  -6.035  11.327  1.00 19.17 ? 136 VAL A CG1   1 
ATOM   1065 C CG2   . VAL A 1 136 ? -1.380  -5.170  10.857  1.00 18.61 ? 136 VAL A CG2   1 
ATOM   1066 N N     . VAL A 1 137 ? -5.210  -3.526  13.087  1.00 20.11 ? 137 VAL A N     1 
ATOM   1067 C CA    . VAL A 1 137 ? -6.370  -3.587  13.996  1.00 21.50 ? 137 VAL A CA    1 
ATOM   1068 C C     . VAL A 1 137 ? -7.449  -4.563  13.519  1.00 21.16 ? 137 VAL A C     1 
ATOM   1069 O O     . VAL A 1 137 ? -8.203  -5.072  14.321  1.00 22.61 ? 137 VAL A O     1 
ATOM   1070 C CB    . VAL A 1 137 ? -6.963  -2.185  14.284  1.00 22.76 ? 137 VAL A CB    1 
ATOM   1071 C CG1   . VAL A 1 137 ? -5.944  -1.307  14.983  1.00 23.81 ? 137 VAL A CG1   1 
ATOM   1072 C CG2   . VAL A 1 137 ? -7.442  -1.523  13.034  1.00 23.54 ? 137 VAL A CG2   1 
ATOM   1073 N N     . GLU A 1 138 ? -7.490  -4.865  12.227  1.00 19.77 ? 138 GLU A N     1 
ATOM   1074 C CA    . GLU A 1 138 ? -8.354  -5.917  11.707  1.00 19.57 ? 138 GLU A CA    1 
ATOM   1075 C C     . GLU A 1 138 ? -7.783  -6.402  10.378  1.00 18.05 ? 138 GLU A C     1 
ATOM   1076 O O     . GLU A 1 138 ? -7.035  -5.686  9.725   1.00 15.72 ? 138 GLU A O     1 
ATOM   1077 C CB    . GLU A 1 138 ? -9.780  -5.373  11.520  1.00 20.18 ? 138 GLU A CB    1 
ATOM   1078 C CG    . GLU A 1 138 ? -10.825 -6.413  11.159  1.00 23.52 ? 138 GLU A CG    1 
ATOM   1079 C CD    . GLU A 1 138 ? -10.894 -7.605  12.105  1.00 27.52 ? 138 GLU A CD    1 
ATOM   1080 O OE1   . GLU A 1 138 ? -11.819 -7.662  12.948  1.00 29.45 ? 138 GLU A OE1   1 
ATOM   1081 O OE2   . GLU A 1 138 ? -10.053 -8.520  11.989  1.00 29.94 ? 138 GLU A OE2   1 
ATOM   1082 N N     . ALA A 1 139 ? -8.097  -7.624  10.005  1.00 16.90 ? 139 ALA A N     1 
ATOM   1083 C CA    . ALA A 1 139 ? -7.626  -8.204  8.755   1.00 17.40 ? 139 ALA A CA    1 
ATOM   1084 C C     . ALA A 1 139 ? -8.593  -9.256  8.257   1.00 18.34 ? 139 ALA A C     1 
ATOM   1085 O O     . ALA A 1 139 ? -9.449  -9.730  8.999   1.00 18.84 ? 139 ALA A O     1 
ATOM   1086 C CB    . ALA A 1 139 ? -6.238  -8.827  8.960   1.00 17.36 ? 139 ALA A CB    1 
ATOM   1087 N N     . GLY A 1 140 ? -8.462  -9.597  7.001   1.00 17.80 ? 140 GLY A N     1 
ATOM   1088 C CA    . GLY A 1 140 ? -9.269  -10.613 6.379   1.00 18.45 ? 140 GLY A CA    1 
ATOM   1089 C C     . GLY A 1 140 ? -8.581  -11.327 5.242   1.00 18.83 ? 140 GLY A C     1 
ATOM   1090 O O     . GLY A 1 140 ? -7.740  -10.762 4.539   1.00 17.98 ? 140 GLY A O     1 
ATOM   1091 N N     . VAL A 1 141 ? -8.982  -12.579 5.026   1.00 19.34 ? 141 VAL A N     1 
ATOM   1092 C CA    . VAL A 1 141 ? -8.500  -13.404 3.926   1.00 20.28 ? 141 VAL A CA    1 
ATOM   1093 C C     . VAL A 1 141 ? -9.704  -13.854 3.097   1.00 20.46 ? 141 VAL A C     1 
ATOM   1094 O O     . VAL A 1 141 ? -10.666 -14.385 3.652   1.00 21.15 ? 141 VAL A O     1 
ATOM   1095 C CB    . VAL A 1 141 ? -7.775  -14.673 4.484   1.00 21.04 ? 141 VAL A CB    1 
ATOM   1096 C CG1   . VAL A 1 141 ? -7.358  -15.634 3.362   1.00 21.30 ? 141 VAL A CG1   1 
ATOM   1097 C CG2   . VAL A 1 141 ? -6.603  -14.286 5.327   1.00 21.82 ? 141 VAL A CG2   1 
ATOM   1098 N N     . ARG A 1 142 ? -9.681  -13.641 1.782   1.00 21.05 ? 142 ARG A N     1 
ATOM   1099 C CA    . ARG A 1 142 ? -10.779 -14.079 0.919   1.00 21.15 ? 142 ARG A CA    1 
ATOM   1100 C C     . ARG A 1 142 ? -10.499 -15.478 0.372   1.00 22.28 ? 142 ARG A C     1 
ATOM   1101 O O     . ARG A 1 142 ? -11.413 -16.278 0.163   1.00 21.45 ? 142 ARG A O     1 
ATOM   1102 C CB    . ARG A 1 142 ? -10.962 -13.113 -0.249  1.00 21.42 ? 142 ARG A CB    1 
ATOM   1103 C CG    . ARG A 1 142 ? -10.981 -11.650 0.188   1.00 20.14 ? 142 ARG A CG    1 
ATOM   1104 C CD    . ARG A 1 142 ? -11.420 -10.698 -0.907  1.00 18.77 ? 142 ARG A CD    1 
ATOM   1105 N NE    . ARG A 1 142 ? -11.330 -9.319  -0.477  1.00 18.12 ? 142 ARG A NE    1 
ATOM   1106 C CZ    . ARG A 1 142 ? -12.277 -8.662  0.174   1.00 20.63 ? 142 ARG A CZ    1 
ATOM   1107 N NH1   . ARG A 1 142 ? -13.447 -9.236  0.459   1.00 22.95 ? 142 ARG A NH1   1 
ATOM   1108 N NH2   . ARG A 1 142 ? -12.065 -7.410  0.531   1.00 21.43 ? 142 ARG A NH2   1 
ATOM   1109 N N     . ARG A 1 143 ? -9.220  -15.729 0.120   1.00 22.70 ? 143 ARG A N     1 
ATOM   1110 C CA    . ARG A 1 143 ? -8.693  -17.022 -0.327  1.00 23.38 ? 143 ARG A CA    1 
ATOM   1111 C C     . ARG A 1 143 ? -7.168  -17.002 -0.145  1.00 24.29 ? 143 ARG A C     1 
ATOM   1112 O O     . ARG A 1 143 ? -6.562  -15.927 -0.113  1.00 22.62 ? 143 ARG A O     1 
ATOM   1113 C CB    . ARG A 1 143 ? -9.030  -17.280 -1.786  1.00 23.99 ? 143 ARG A CB    1 
ATOM   1114 C CG    . ARG A 1 143 ? -8.443  -16.252 -2.763  1.00 24.61 ? 143 ARG A CG    1 
ATOM   1115 C CD    . ARG A 1 143 ? -8.894  -16.390 -4.212  1.00 27.33 ? 143 ARG A CD    1 
ATOM   1116 N NE    . ARG A 1 143 ? -8.428  -15.256 -5.032  1.00 28.36 ? 143 ARG A NE    1 
ATOM   1117 C CZ    . ARG A 1 143 ? -8.923  -14.016 -4.978  1.00 31.16 ? 143 ARG A CZ    1 
ATOM   1118 N NH1   . ARG A 1 143 ? -9.914  -13.712 -4.140  1.00 30.61 ? 143 ARG A NH1   1 
ATOM   1119 N NH2   . ARG A 1 143 ? -8.407  -13.062 -5.755  1.00 29.12 ? 143 ARG A NH2   1 
ATOM   1120 N N     . GLU A 1 144 ? -6.543  -18.164 -0.011  1.00 25.23 ? 144 GLU A N     1 
ATOM   1121 C CA    . GLU A 1 144 ? -5.086  -18.215 0.051   1.00 26.81 ? 144 GLU A CA    1 
ATOM   1122 C C     . GLU A 1 144 ? -4.593  -18.308 -1.367  1.00 27.06 ? 144 GLU A C     1 
ATOM   1123 O O     . GLU A 1 144 ? -5.054  -19.150 -2.144  1.00 28.18 ? 144 GLU A O     1 
ATOM   1124 C CB    . GLU A 1 144 ? -4.595  -19.372 0.935   1.00 27.04 ? 144 GLU A CB    1 
ATOM   1125 C CG    . GLU A 1 144 ? -5.272  -19.304 2.287   1.00 30.29 ? 144 GLU A CG    1 
ATOM   1126 C CD    . GLU A 1 144 ? -4.567  -20.053 3.391   1.00 35.91 ? 144 GLU A CD    1 
ATOM   1127 O OE1   . GLU A 1 144 ? -3.308  -20.014 3.463   1.00 37.71 ? 144 GLU A OE1   1 
ATOM   1128 O OE2   . GLU A 1 144 ? -5.306  -20.641 4.223   1.00 38.82 ? 144 GLU A OE2   1 
ATOM   1129 N N     . GLU A 1 145 ? -3.721  -17.378 -1.745  1.00 26.96 ? 145 GLU A N     1 
ATOM   1130 C CA    . GLU A 1 145 ? -3.090  -17.419 -3.052  1.00 26.91 ? 145 GLU A CA    1 
ATOM   1131 C C     . GLU A 1 145 ? -1.668  -16.902 -2.989  1.00 25.11 ? 145 GLU A C     1 
ATOM   1132 O O     . GLU A 1 145 ? -1.300  -16.205 -2.065  1.00 23.92 ? 145 GLU A O     1 
ATOM   1133 C CB    . GLU A 1 145 ? -3.902  -16.629 -4.103  1.00 28.17 ? 145 GLU A CB    1 
ATOM   1134 C CG    . GLU A 1 145 ? -4.016  -17.422 -5.415  1.00 33.09 ? 145 GLU A CG    1 
ATOM   1135 C CD    . GLU A 1 145 ? -5.047  -16.853 -6.355  1.00 39.79 ? 145 GLU A CD    1 
ATOM   1136 O OE1   . GLU A 1 145 ? -4.689  -15.900 -7.097  1.00 44.37 ? 145 GLU A OE1   1 
ATOM   1137 O OE2   . GLU A 1 145 ? -6.209  -17.355 -6.356  1.00 44.77 ? 145 GLU A OE2   1 
ATOM   1138 N N     . LYS A 1 146 ? -0.885  -17.248 -4.000  1.00 24.07 ? 146 LYS A N     1 
ATOM   1139 C CA    . LYS A 1 146 ? 0.471   -16.743 -4.148  1.00 24.10 ? 146 LYS A CA    1 
ATOM   1140 C C     . LYS A 1 146 ? 0.360   -15.243 -4.427  1.00 22.57 ? 146 LYS A C     1 
ATOM   1141 O O     . LYS A 1 146 ? -0.462  -14.858 -5.247  1.00 22.59 ? 146 LYS A O     1 
ATOM   1142 C CB    . LYS A 1 146 ? 1.146   -17.420 -5.344  1.00 24.20 ? 146 LYS A CB    1 
ATOM   1143 C CG    . LYS A 1 146 ? 1.357   -18.919 -5.147  1.00 28.68 ? 146 LYS A CG    1 
ATOM   1144 C CD    . LYS A 1 146 ? 2.040   -19.519 -6.348  1.00 33.08 ? 146 LYS A CD    1 
ATOM   1145 C CE    . LYS A 1 146 ? 2.610   -20.906 -6.029  1.00 35.35 ? 146 LYS A CE    1 
ATOM   1146 N NZ    . LYS A 1 146 ? 3.161   -21.547 -7.252  1.00 37.06 ? 146 LYS A NZ    1 
ATOM   1147 N N     . PRO A 1 147 ? 1.167   -14.406 -3.780  1.00 21.67 ? 147 PRO A N     1 
ATOM   1148 C CA    . PRO A 1 147 ? 1.125   -12.960 -4.045  1.00 20.34 ? 147 PRO A CA    1 
ATOM   1149 C C     . PRO A 1 147 ? 1.939   -12.573 -5.268  1.00 20.72 ? 147 PRO A C     1 
ATOM   1150 O O     . PRO A 1 147 ? 2.675   -13.393 -5.822  1.00 19.95 ? 147 PRO A O     1 
ATOM   1151 C CB    . PRO A 1 147 ? 1.756   -12.362 -2.780  1.00 20.23 ? 147 PRO A CB    1 
ATOM   1152 C CG    . PRO A 1 147 ? 2.767   -13.403 -2.383  1.00 22.19 ? 147 PRO A CG    1 
ATOM   1153 C CD    . PRO A 1 147 ? 2.177   -14.742 -2.757  1.00 21.18 ? 147 PRO A CD    1 
ATOM   1154 N N     . LEU A 1 148 ? 1.794   -11.324 -5.695  1.00 20.17 ? 148 LEU A N     1 
ATOM   1155 C CA    . LEU A 1 148 ? 2.527   -10.771 -6.842  1.00 20.27 ? 148 LEU A CA    1 
ATOM   1156 C C     . LEU A 1 148 ? 3.893   -10.300 -6.364  1.00 20.62 ? 148 LEU A C     1 
ATOM   1157 O O     . LEU A 1 148 ? 3.973   -9.434  -5.497  1.00 20.59 ? 148 LEU A O     1 
ATOM   1158 C CB    . LEU A 1 148 ? 1.746   -9.592  -7.413  1.00 20.42 ? 148 LEU A CB    1 
ATOM   1159 C CG    . LEU A 1 148 ? 2.256   -8.959  -8.706  1.00 20.46 ? 148 LEU A CG    1 
ATOM   1160 C CD1   . LEU A 1 148 ? 2.227   -9.947  -9.875  1.00 23.21 ? 148 LEU A CD1   1 
ATOM   1161 C CD2   . LEU A 1 148 ? 1.398   -7.766  -9.021  1.00 19.63 ? 148 LEU A CD2   1 
ATOM   1162 N N     . VAL A 1 149 ? 4.959   -10.867 -6.928  1.00 21.35 ? 149 VAL A N     1 
ATOM   1163 C CA    . VAL A 1 149 ? 6.334   -10.510 -6.574  1.00 22.23 ? 149 VAL A CA    1 
ATOM   1164 C C     . VAL A 1 149 ? 6.822   -9.507  -7.614  1.00 23.08 ? 149 VAL A C     1 
ATOM   1165 O O     . VAL A 1 149 ? 6.690   -9.748  -8.798  1.00 22.73 ? 149 VAL A O     1 
ATOM   1166 C CB    . VAL A 1 149 ? 7.265   -11.750 -6.590  1.00 22.23 ? 149 VAL A CB    1 
ATOM   1167 C CG1   . VAL A 1 149 ? 8.718   -11.327 -6.382  1.00 24.20 ? 149 VAL A CG1   1 
ATOM   1168 C CG2   . VAL A 1 149 ? 6.819   -12.757 -5.535  1.00 23.18 ? 149 VAL A CG2   1 
ATOM   1169 N N     . MET A 1 150 ? 7.355   -8.378  -7.165  1.00 24.50 ? 150 MET A N     1 
ATOM   1170 C CA    . MET A 1 150 ? 7.751   -7.314  -8.089  1.00 26.63 ? 150 MET A CA    1 
ATOM   1171 C C     . MET A 1 150 ? 8.694   -7.791  -9.192  1.00 26.74 ? 150 MET A C     1 
ATOM   1172 O O     . MET A 1 150 ? 8.554   -7.369  -10.325 1.00 26.29 ? 150 MET A O     1 
ATOM   1173 C CB    . MET A 1 150 ? 8.360   -6.123  -7.357  1.00 27.20 ? 150 MET A CB    1 
ATOM   1174 C CG    . MET A 1 150 ? 8.102   -4.793  -8.085  1.00 31.75 ? 150 MET A CG    1 
ATOM   1175 S SD    . MET A 1 150 ? 8.902   -3.486  -7.171  1.00 39.56 ? 150 MET A SD    1 
ATOM   1176 C CE    . MET A 1 150 ? 8.807   -2.274  -8.422  1.00 39.25 ? 150 MET A CE    1 
ATOM   1177 N N     . TRP A 1 151 ? 9.612   -8.705  -8.885  1.00 27.25 ? 151 TRP A N     1 
ATOM   1178 C CA    . TRP A 1 151 ? 10.542  -9.226  -9.900  1.00 28.60 ? 151 TRP A CA    1 
ATOM   1179 C C     . TRP A 1 151 ? 9.816   -9.708  -11.148 1.00 29.21 ? 151 TRP A C     1 
ATOM   1180 O O     . TRP A 1 151 ? 10.265  -9.470  -12.266 1.00 29.68 ? 151 TRP A O     1 
ATOM   1181 C CB    . TRP A 1 151 ? 11.378  -10.397 -9.348  1.00 28.90 ? 151 TRP A CB    1 
ATOM   1182 C CG    . TRP A 1 151 ? 12.381  -9.967  -8.337  1.00 30.14 ? 151 TRP A CG    1 
ATOM   1183 C CD1   . TRP A 1 151 ? 12.518  -10.432 -7.054  1.00 31.80 ? 151 TRP A CD1   1 
ATOM   1184 C CD2   . TRP A 1 151 ? 13.412  -8.984  -8.514  1.00 32.84 ? 151 TRP A CD2   1 
ATOM   1185 N NE1   . TRP A 1 151 ? 13.557  -9.787  -6.421  1.00 27.94 ? 151 TRP A NE1   1 
ATOM   1186 C CE2   . TRP A 1 151 ? 14.119  -8.888  -7.288  1.00 32.72 ? 151 TRP A CE2   1 
ATOM   1187 C CE3   . TRP A 1 151 ? 13.800  -8.149  -9.579  1.00 35.52 ? 151 TRP A CE3   1 
ATOM   1188 C CZ2   . TRP A 1 151 ? 15.184  -7.994  -7.101  1.00 33.01 ? 151 TRP A CZ2   1 
ATOM   1189 C CZ3   . TRP A 1 151 ? 14.870  -7.274  -9.393  1.00 35.35 ? 151 TRP A CZ3   1 
ATOM   1190 C CH2   . TRP A 1 151 ? 15.551  -7.216  -8.162  1.00 35.08 ? 151 TRP A CH2   1 
ATOM   1191 N N     . ASP A 1 152 ? 8.712   -10.412 -10.936 1.00 30.12 ? 152 ASP A N     1 
ATOM   1192 C CA    . ASP A 1 152 ? 7.947   -11.060 -12.004 1.00 31.29 ? 152 ASP A CA    1 
ATOM   1193 C C     . ASP A 1 152 ? 7.227   -10.082 -12.957 1.00 31.16 ? 152 ASP A C     1 
ATOM   1194 O O     . ASP A 1 152 ? 6.738   -10.501 -14.018 1.00 30.72 ? 152 ASP A O     1 
ATOM   1195 C CB    . ASP A 1 152 ? 6.932   -12.046 -11.394 1.00 31.79 ? 152 ASP A CB    1 
ATOM   1196 C CG    . ASP A 1 152 ? 7.609   -13.227 -10.680 1.00 34.55 ? 152 ASP A CG    1 
ATOM   1197 O OD1   . ASP A 1 152 ? 8.742   -13.587 -11.075 1.00 37.25 ? 152 ASP A OD1   1 
ATOM   1198 O OD2   . ASP A 1 152 ? 7.094   -13.840 -9.707  1.00 36.47 ? 152 ASP A OD2   1 
ATOM   1199 N N     . THR A 1 153 ? 7.167   -8.804  -12.576 1.00 30.12 ? 153 THR A N     1 
ATOM   1200 C CA    . THR A 1 153 ? 6.540   -7.754  -13.389 1.00 30.11 ? 153 THR A CA    1 
ATOM   1201 C C     . THR A 1 153 ? 7.534   -7.022  -14.297 1.00 30.37 ? 153 THR A C     1 
ATOM   1202 O O     . THR A 1 153 ? 7.127   -6.344  -15.248 1.00 29.96 ? 153 THR A O     1 
ATOM   1203 C CB    . THR A 1 153 ? 5.811   -6.718  -12.482 1.00 29.94 ? 153 THR A CB    1 
ATOM   1204 O OG1   . THR A 1 153 ? 6.758   -5.930  -11.745 1.00 29.14 ? 153 THR A OG1   1 
ATOM   1205 C CG2   . THR A 1 153 ? 4.989   -7.405  -11.428 1.00 28.65 ? 153 THR A CG2   1 
ATOM   1206 N N     . GLY A 1 154 ? 8.825   -7.142  -13.980 1.00 30.52 ? 154 GLY A N     1 
ATOM   1207 C CA    . GLY A 1 154 ? 9.873   -6.368  -14.633 1.00 30.78 ? 154 GLY A CA    1 
ATOM   1208 C C     . GLY A 1 154 ? 9.969   -4.916  -14.178 1.00 30.89 ? 154 GLY A C     1 
ATOM   1209 O O     . GLY A 1 154 ? 10.801  -4.178  -14.687 1.00 31.67 ? 154 GLY A O     1 
ATOM   1210 N N     . TRP A 1 155 ? 9.126   -4.497  -13.233 1.00 30.54 ? 155 TRP A N     1 
ATOM   1211 C CA    . TRP A 1 155 ? 9.136   -3.114  -12.753 1.00 30.38 ? 155 TRP A CA    1 
ATOM   1212 C C     . TRP A 1 155 ? 10.164  -2.922  -11.635 1.00 29.85 ? 155 TRP A C     1 
ATOM   1213 O O     . TRP A 1 155 ? 10.494  -3.877  -10.929 1.00 29.23 ? 155 TRP A O     1 
ATOM   1214 C CB    . TRP A 1 155 ? 7.766   -2.712  -12.209 1.00 30.62 ? 155 TRP A CB    1 
ATOM   1215 C CG    . TRP A 1 155 ? 6.640   -2.830  -13.181 1.00 30.59 ? 155 TRP A CG    1 
ATOM   1216 C CD1   . TRP A 1 155 ? 6.694   -2.697  -14.548 1.00 32.55 ? 155 TRP A CD1   1 
ATOM   1217 C CD2   . TRP A 1 155 ? 5.283   -3.124  -12.861 1.00 30.91 ? 155 TRP A CD2   1 
ATOM   1218 N NE1   . TRP A 1 155 ? 5.441   -2.892  -15.089 1.00 33.27 ? 155 TRP A NE1   1 
ATOM   1219 C CE2   . TRP A 1 155 ? 4.556   -3.154  -14.075 1.00 31.80 ? 155 TRP A CE2   1 
ATOM   1220 C CE3   . TRP A 1 155 ? 4.602   -3.385  -11.669 1.00 29.75 ? 155 TRP A CE3   1 
ATOM   1221 C CZ2   . TRP A 1 155 ? 3.186   -3.414  -14.120 1.00 32.74 ? 155 TRP A CZ2   1 
ATOM   1222 C CZ3   . TRP A 1 155 ? 3.239   -3.631  -11.715 1.00 31.28 ? 155 TRP A CZ3   1 
ATOM   1223 C CH2   . TRP A 1 155 ? 2.548   -3.650  -12.929 1.00 31.49 ? 155 TRP A CH2   1 
ATOM   1224 N N     . PHE A 1 156 ? 10.643  -1.687  -11.481 1.00 29.02 ? 156 PHE A N     1 
ATOM   1225 C CA    . PHE A 1 156 ? 11.448  -1.285  -10.311 1.00 29.03 ? 156 PHE A CA    1 
ATOM   1226 C C     . PHE A 1 156 ? 10.891  0.000   -9.687  1.00 26.79 ? 156 PHE A C     1 
ATOM   1227 O O     . PHE A 1 156 ? 10.227  0.779   -10.359 1.00 28.32 ? 156 PHE A O     1 
ATOM   1228 C CB    . PHE A 1 156 ? 12.928  -1.105  -10.684 1.00 29.38 ? 156 PHE A CB    1 
ATOM   1229 C CG    . PHE A 1 156 ? 13.149  -0.157  -11.827 1.00 35.69 ? 156 PHE A CG    1 
ATOM   1230 C CD1   . PHE A 1 156 ? 13.230  1.220   -11.611 1.00 40.46 ? 156 PHE A CD1   1 
ATOM   1231 C CD2   . PHE A 1 156 ? 13.259  -0.637  -13.135 1.00 39.99 ? 156 PHE A CD2   1 
ATOM   1232 C CE1   . PHE A 1 156 ? 13.411  2.112   -12.684 1.00 41.65 ? 156 PHE A CE1   1 
ATOM   1233 C CE2   . PHE A 1 156 ? 13.451  0.244   -14.204 1.00 41.40 ? 156 PHE A CE2   1 
ATOM   1234 C CZ    . PHE A 1 156 ? 13.529  1.619   -13.976 1.00 42.45 ? 156 PHE A CZ    1 
ATOM   1235 N N     . TYR A 1 157 ? 11.111  0.165   -8.388  1.00 24.06 ? 157 TYR A N     1 
ATOM   1236 C CA    . TYR A 1 157 ? 10.850  1.382   -7.628  1.00 21.71 ? 157 TYR A CA    1 
ATOM   1237 C C     . TYR A 1 157 ? 11.871  1.339   -6.496  1.00 21.94 ? 157 TYR A C     1 
ATOM   1238 O O     . TYR A 1 157 ? 11.642  0.732   -5.447  1.00 20.37 ? 157 TYR A O     1 
ATOM   1239 C CB    . TYR A 1 157 ? 9.459   1.436   -7.027  1.00 20.77 ? 157 TYR A CB    1 
ATOM   1240 C CG    . TYR A 1 157 ? 9.073   2.768   -6.425  1.00 19.17 ? 157 TYR A CG    1 
ATOM   1241 C CD1   . TYR A 1 157 ? 9.099   2.986   -5.048  1.00 16.61 ? 157 TYR A CD1   1 
ATOM   1242 C CD2   . TYR A 1 157 ? 8.611   3.812   -7.243  1.00 18.21 ? 157 TYR A CD2   1 
ATOM   1243 C CE1   . TYR A 1 157 ? 8.710   4.184   -4.501  1.00 16.09 ? 157 TYR A CE1   1 
ATOM   1244 C CE2   . TYR A 1 157 ? 8.195   5.003   -6.712  1.00 16.95 ? 157 TYR A CE2   1 
ATOM   1245 C CZ    . TYR A 1 157 ? 8.229   5.202   -5.341  1.00 15.97 ? 157 TYR A CZ    1 
ATOM   1246 O OH    . TYR A 1 157 ? 7.865   6.412   -4.816  1.00 17.35 ? 157 TYR A OH    1 
ATOM   1247 N N     . GLY A 1 158 ? 13.001  1.965   -6.738  1.00 20.91 ? 158 GLY A N     1 
ATOM   1248 C CA    . GLY A 1 158 ? 14.116  1.909   -5.811  1.00 21.80 ? 158 GLY A CA    1 
ATOM   1249 C C     . GLY A 1 158 ? 15.378  2.360   -6.524  1.00 22.47 ? 158 GLY A C     1 
ATOM   1250 O O     . GLY A 1 158 ? 15.383  2.528   -7.755  1.00 23.02 ? 158 GLY A O     1 
ATOM   1251 N N     . GLY A 1 159 ? 16.437  2.565   -5.755  1.00 22.85 ? 159 GLY A N     1 
ATOM   1252 C CA    . GLY A 1 159 ? 17.716  2.985   -6.284  1.00 23.07 ? 159 GLY A CA    1 
ATOM   1253 C C     . GLY A 1 159 ? 18.162  4.276   -5.658  1.00 23.24 ? 159 GLY A C     1 
ATOM   1254 O O     . GLY A 1 159 ? 17.538  4.854   -4.753  1.00 21.70 ? 159 GLY A O     1 
ATOM   1255 O OXT   . GLY A 1 159 ? 19.229  4.736   -6.075  1.00 26.04 ? 159 GLY A OXT   1 
HETATM 1256 P PA    . FAD B 2 .   ? -1.509  11.377  -6.123  1.00 63.00 ? 401 FAD A PA    1 
HETATM 1257 O O1A   . FAD B 2 .   ? -1.572  12.629  -5.278  1.00 65.52 ? 401 FAD A O1A   1 
HETATM 1258 O O2A   . FAD B 2 .   ? -0.158  11.415  -6.812  1.00 62.60 ? 401 FAD A O2A   1 
HETATM 1259 O O5B   . FAD B 2 .   ? -2.742  11.496  -7.185  1.00 61.50 ? 401 FAD A O5B   1 
HETATM 1260 C C5B   . FAD B 2 .   ? -4.110  11.574  -6.780  1.00 59.56 ? 401 FAD A C5B   1 
HETATM 1261 C C4B   . FAD B 2 .   ? -4.742  12.968  -6.908  1.00 57.84 ? 401 FAD A C4B   1 
HETATM 1262 O O4B   . FAD B 2 .   ? -4.517  13.732  -5.729  1.00 56.98 ? 401 FAD A O4B   1 
HETATM 1263 C C3B   . FAD B 2 .   ? -4.226  13.781  -8.089  1.00 56.77 ? 401 FAD A C3B   1 
HETATM 1264 O O3B   . FAD B 2 .   ? -5.311  14.186  -8.896  1.00 56.02 ? 401 FAD A O3B   1 
HETATM 1265 C C2B   . FAD B 2 .   ? -3.486  14.950  -7.452  1.00 56.24 ? 401 FAD A C2B   1 
HETATM 1266 O O2B   . FAD B 2 .   ? -3.738  16.158  -8.131  1.00 55.77 ? 401 FAD A O2B   1 
HETATM 1267 C C1B   . FAD B 2 .   ? -3.964  15.015  -5.993  1.00 55.72 ? 401 FAD A C1B   1 
HETATM 1268 N N9A   . FAD B 2 .   ? -2.918  15.370  -4.981  1.00 54.61 ? 401 FAD A N9A   1 
HETATM 1269 C C8A   . FAD B 2 .   ? -1.550  15.311  -5.146  1.00 54.87 ? 401 FAD A C8A   1 
HETATM 1270 N N7A   . FAD B 2 .   ? -0.938  15.706  -4.009  1.00 54.42 ? 401 FAD A N7A   1 
HETATM 1271 C C5A   . FAD B 2 .   ? -1.882  16.031  -3.100  1.00 54.27 ? 401 FAD A C5A   1 
HETATM 1272 C C6A   . FAD B 2 .   ? -1.791  16.494  -1.781  1.00 54.20 ? 401 FAD A C6A   1 
HETATM 1273 N N6A   . FAD B 2 .   ? -0.594  16.542  -1.184  1.00 53.58 ? 401 FAD A N6A   1 
HETATM 1274 N N1A   . FAD B 2 .   ? -2.943  16.759  -1.049  1.00 52.83 ? 401 FAD A N1A   1 
HETATM 1275 C C2A   . FAD B 2 .   ? -4.174  16.558  -1.637  1.00 53.36 ? 401 FAD A C2A   1 
HETATM 1276 N N3A   . FAD B 2 .   ? -4.238  16.093  -2.950  1.00 54.11 ? 401 FAD A N3A   1 
HETATM 1277 C C4A   . FAD B 2 .   ? -3.124  15.826  -3.688  1.00 53.80 ? 401 FAD A C4A   1 
HETATM 1278 N N1    . FAD B 2 .   ? 4.567   5.320   -3.867  1.00 16.72 ? 401 FAD A N1    1 
HETATM 1279 C C2    . FAD B 2 .   ? 4.750   5.240   -2.510  1.00 17.09 ? 401 FAD A C2    1 
HETATM 1280 O O2    . FAD B 2 .   ? 4.386   6.196   -1.824  1.00 17.61 ? 401 FAD A O2    1 
HETATM 1281 N N3    . FAD B 2 .   ? 5.305   4.095   -1.930  1.00 15.03 ? 401 FAD A N3    1 
HETATM 1282 C C4    . FAD B 2 .   ? 5.684   3.039   -2.706  1.00 16.31 ? 401 FAD A C4    1 
HETATM 1283 O O4    . FAD B 2 .   ? 6.274   2.058   -2.212  1.00 14.93 ? 401 FAD A O4    1 
HETATM 1284 C C4X   . FAD B 2 .   ? 5.522   3.134   -4.102  1.00 14.33 ? 401 FAD A C4X   1 
HETATM 1285 N N5    . FAD B 2 .   ? 5.844   2.100   -4.926  1.00 16.06 ? 401 FAD A N5    1 
HETATM 1286 C C5X   . FAD B 2 .   ? 5.695   2.178   -6.304  1.00 16.85 ? 401 FAD A C5X   1 
HETATM 1287 C C6    . FAD B 2 .   ? 6.075   1.135   -7.138  1.00 19.05 ? 401 FAD A C6    1 
HETATM 1288 C C7    . FAD B 2 .   ? 5.933   1.219   -8.520  1.00 20.02 ? 401 FAD A C7    1 
HETATM 1289 C C7M   . FAD B 2 .   ? 6.466   0.124   -9.396  1.00 22.03 ? 401 FAD A C7M   1 
HETATM 1290 C C8    . FAD B 2 .   ? 5.391   2.383   -9.087  1.00 19.50 ? 401 FAD A C8    1 
HETATM 1291 C C8M   . FAD B 2 .   ? 5.465   2.681   -10.574 1.00 21.67 ? 401 FAD A C8M   1 
HETATM 1292 C C9    . FAD B 2 .   ? 5.014   3.424   -8.264  1.00 18.30 ? 401 FAD A C9    1 
HETATM 1293 C C9A   . FAD B 2 .   ? 5.147   3.341   -6.866  1.00 19.25 ? 401 FAD A C9A   1 
HETATM 1294 N N10   . FAD B 2 .   ? 4.765   4.382   -6.038  1.00 18.93 ? 401 FAD A N10   1 
HETATM 1295 C C10   . FAD B 2 .   ? 4.957   4.284   -4.677  1.00 17.04 ? 401 FAD A C10   1 
HETATM 1296 C "C1'" . FAD B 2 .   ? 3.883   5.524   -6.555  1.00 23.49 ? 401 FAD A "C1'" 1 
HETATM 1297 C "C2'" . FAD B 2 .   ? 2.413   5.303   -6.204  1.00 26.80 ? 401 FAD A "C2'" 1 
HETATM 1298 O "O2'" . FAD B 2 .   ? 1.813   4.205   -6.900  1.00 21.73 ? 401 FAD A "O2'" 1 
HETATM 1299 C "C3'" . FAD B 2 .   ? 1.679   6.617   -6.483  1.00 32.72 ? 401 FAD A "C3'" 1 
HETATM 1300 O "O3'" . FAD B 2 .   ? 2.245   7.680   -5.720  1.00 33.78 ? 401 FAD A "O3'" 1 
HETATM 1301 C "C4'" . FAD B 2 .   ? 0.224   6.452   -6.118  1.00 38.63 ? 401 FAD A "C4'" 1 
HETATM 1302 O "O4'" . FAD B 2 .   ? -0.427  5.761   -7.153  1.00 35.79 ? 401 FAD A "O4'" 1 
HETATM 1303 C "C5'" . FAD B 2 .   ? -0.448  7.801   -5.900  1.00 44.62 ? 401 FAD A "C5'" 1 
HETATM 1304 O "O5'" . FAD B 2 .   ? -1.723  7.585   -5.335  1.00 52.31 ? 401 FAD A "O5'" 1 
HETATM 1305 P P     . FAD B 2 .   ? -2.752  8.806   -5.420  1.00 58.90 ? 401 FAD A P     1 
HETATM 1306 O O1P   . FAD B 2 .   ? -3.252  8.854   -6.856  1.00 59.87 ? 401 FAD A O1P   1 
HETATM 1307 O O2P   . FAD B 2 .   ? -3.923  8.635   -4.480  1.00 56.37 ? 401 FAD A O2P   1 
HETATM 1308 O O3P   . FAD B 2 .   ? -1.770  10.084  -5.135  1.00 61.05 ? 401 FAD A O3P   1 
HETATM 1309 N N1    . FMN C 3 .   ? 14.261  8.860   -7.782  1.00 35.52 ? 402 FMN A N1    1 
HETATM 1310 C C2    . FMN C 3 .   ? 15.606  8.741   -7.542  1.00 34.21 ? 402 FMN A C2    1 
HETATM 1311 O O2    . FMN C 3 .   ? 16.192  9.668   -7.007  1.00 36.78 ? 402 FMN A O2    1 
HETATM 1312 N N3    . FMN C 3 .   ? 16.305  7.615   -7.909  1.00 34.55 ? 402 FMN A N3    1 
HETATM 1313 C C4    . FMN C 3 .   ? 15.629  6.577   -8.502  1.00 34.80 ? 402 FMN A C4    1 
HETATM 1314 O O4    . FMN C 3 .   ? 16.312  5.654   -8.941  1.00 35.79 ? 402 FMN A O4    1 
HETATM 1315 C C4A   . FMN C 3 .   ? 14.249  6.678   -8.760  1.00 35.61 ? 402 FMN A C4A   1 
HETATM 1316 N N5    . FMN C 3 .   ? 13.536  5.659   -9.362  1.00 35.63 ? 402 FMN A N5    1 
HETATM 1317 C C5A   . FMN C 3 .   ? 12.178  5.791   -9.579  1.00 36.34 ? 402 FMN A C5A   1 
HETATM 1318 C C6    . FMN C 3 .   ? 11.489  4.744   -10.185 1.00 35.66 ? 402 FMN A C6    1 
HETATM 1319 C C7    . FMN C 3 .   ? 10.130  4.844   -10.439 1.00 35.02 ? 402 FMN A C7    1 
HETATM 1320 C C7M   . FMN C 3 .   ? 9.448   3.674   -11.100 1.00 36.02 ? 402 FMN A C7M   1 
HETATM 1321 C C8    . FMN C 3 .   ? 9.439   6.000   -10.060 1.00 35.45 ? 402 FMN A C8    1 
HETATM 1322 C C8M   . FMN C 3 .   ? 8.035   6.252   -10.537 1.00 34.70 ? 402 FMN A C8M   1 
HETATM 1323 C C9    . FMN C 3 .   ? 10.129  7.055   -9.444  1.00 35.71 ? 402 FMN A C9    1 
HETATM 1324 C C9A   . FMN C 3 .   ? 11.504  6.954   -9.194  1.00 36.28 ? 402 FMN A C9A   1 
HETATM 1325 N N10   . FMN C 3 .   ? 12.222  7.983   -8.589  1.00 37.53 ? 402 FMN A N10   1 
HETATM 1326 C C10   . FMN C 3 .   ? 13.569  7.836   -8.384  1.00 36.06 ? 402 FMN A C10   1 
HETATM 1327 C "C1'" . FMN C 3 .   ? 11.578  9.278   -8.141  1.00 43.02 ? 402 FMN A "C1'" 1 
HETATM 1328 C "C2'" . FMN C 3 .   ? 11.546  10.345  -9.258  1.00 47.28 ? 402 FMN A "C2'" 1 
HETATM 1329 O "O2'" . FMN C 3 .   ? 12.802  10.467  -9.887  1.00 46.01 ? 402 FMN A "O2'" 1 
HETATM 1330 C "C3'" . FMN C 3 .   ? 11.123  11.749  -8.771  1.00 51.61 ? 402 FMN A "C3'" 1 
HETATM 1331 O "O3'" . FMN C 3 .   ? 11.301  11.902  -7.378  1.00 53.27 ? 402 FMN A "O3'" 1 
HETATM 1332 C "C4'" . FMN C 3 .   ? 9.678   12.081  -9.163  1.00 55.55 ? 402 FMN A "C4'" 1 
HETATM 1333 O "O4'" . FMN C 3 .   ? 9.206   13.195  -8.436  1.00 56.63 ? 402 FMN A "O4'" 1 
HETATM 1334 C "C5'" . FMN C 3 .   ? 8.713   10.927  -8.921  1.00 58.67 ? 402 FMN A "C5'" 1 
HETATM 1335 O "O5'" . FMN C 3 .   ? 7.388   11.345  -9.125  1.00 62.86 ? 402 FMN A "O5'" 1 
HETATM 1336 P P     . FMN C 3 .   ? 6.215   10.250  -8.950  1.00 68.41 ? 402 FMN A P     1 
HETATM 1337 O O1P   . FMN C 3 .   ? 5.258   10.747  -7.914  1.00 67.07 ? 402 FMN A O1P   1 
HETATM 1338 O O2P   . FMN C 3 .   ? 6.790   8.894   -8.479  1.00 66.59 ? 402 FMN A O2P   1 
HETATM 1339 O O3P   . FMN C 3 .   ? 5.516   10.066  -10.325 1.00 67.53 ? 402 FMN A O3P   1 
HETATM 1340 O O     . HOH D 4 .   ? 14.886  -0.583  -3.202  1.00 14.19 ? 403 HOH A O     1 
HETATM 1341 O O     . HOH D 4 .   ? 16.412  -9.096  -2.453  1.00 13.78 ? 404 HOH A O     1 
HETATM 1342 O O     . HOH D 4 .   ? -11.307 -5.192  -6.481  1.00 16.19 ? 405 HOH A O     1 
HETATM 1343 O O     . HOH D 4 .   ? 11.577  8.152   5.628   1.00 16.22 ? 406 HOH A O     1 
HETATM 1344 O O     . HOH D 4 .   ? 2.303   -8.934  -3.441  1.00 15.98 ? 407 HOH A O     1 
HETATM 1345 O O     . HOH D 4 .   ? -12.041 -11.936 -4.158  1.00 12.73 ? 408 HOH A O     1 
HETATM 1346 O O     . HOH D 4 .   ? -9.115  -7.075  -0.230  1.00 18.89 ? 409 HOH A O     1 
HETATM 1347 O O     . HOH D 4 .   ? -14.973 10.278  -3.523  1.00 16.78 ? 410 HOH A O     1 
HETATM 1348 O O     . HOH D 4 .   ? -7.364  7.173   5.874   1.00 18.93 ? 411 HOH A O     1 
HETATM 1349 O O     . HOH D 4 .   ? -18.326 -3.271  -4.399  1.00 22.09 ? 412 HOH A O     1 
HETATM 1350 O O     . HOH D 4 .   ? 7.310   -6.090  0.400   1.00 28.56 ? 413 HOH A O     1 
HETATM 1351 O O     . HOH D 4 .   ? 8.910   12.828  4.762   1.00 22.52 ? 414 HOH A O     1 
HETATM 1352 O O     . HOH D 4 .   ? -3.437  -5.017  17.188  1.00 26.84 ? 415 HOH A O     1 
HETATM 1353 O O     . HOH D 4 .   ? -6.705  8.585   -13.389 1.00 25.18 ? 416 HOH A O     1 
HETATM 1354 O O     . HOH D 4 .   ? -6.448  -14.128 -7.986  1.00 24.92 ? 417 HOH A O     1 
HETATM 1355 O O     . HOH D 4 .   ? 16.467  11.004  7.041   1.00 24.67 ? 418 HOH A O     1 
HETATM 1356 O O     . HOH D 4 .   ? 2.167   7.481   -2.674  1.00 25.26 ? 419 HOH A O     1 
HETATM 1357 O O     . HOH D 4 .   ? 14.164  -3.861  -6.370  1.00 28.25 ? 420 HOH A O     1 
HETATM 1358 O O     . HOH D 4 .   ? -1.989  15.596  5.830   1.00 28.97 ? 421 HOH A O     1 
HETATM 1359 O O     . HOH D 4 .   ? -3.277  -9.360  -14.407 1.00 29.40 ? 422 HOH A O     1 
HETATM 1360 O O     . HOH D 4 .   ? -9.784  5.885   -13.623 1.00 35.77 ? 423 HOH A O     1 
HETATM 1361 O O     . HOH D 4 .   ? -8.005  -20.581 0.503   1.00 35.17 ? 424 HOH A O     1 
HETATM 1362 O O     . HOH D 4 .   ? -2.732  -17.540 3.163   1.00 30.47 ? 425 HOH A O     1 
HETATM 1363 O O     . HOH D 4 .   ? -8.070  -11.132 -10.459 1.00 24.52 ? 426 HOH A O     1 
HETATM 1364 O O     . HOH D 4 .   ? -1.061  10.389  11.788  1.00 33.72 ? 427 HOH A O     1 
HETATM 1365 O O     . HOH D 4 .   ? 18.835  6.895   -3.624  1.00 30.24 ? 428 HOH A O     1 
HETATM 1366 O O     . HOH D 4 .   ? -5.094  5.499   -7.771  1.00 32.07 ? 429 HOH A O     1 
HETATM 1367 O O     . HOH D 4 .   ? 5.397   7.830   17.694  1.00 27.42 ? 430 HOH A O     1 
HETATM 1368 O O     . HOH D 4 .   ? 13.397  13.137  -4.224  1.00 33.27 ? 431 HOH A O     1 
HETATM 1369 O O     . HOH D 4 .   ? -10.453 8.016   7.786   1.00 36.48 ? 432 HOH A O     1 
HETATM 1370 O O     . HOH D 4 .   ? 5.135   10.053  14.842  1.00 27.55 ? 433 HOH A O     1 
HETATM 1371 O O     . HOH D 4 .   ? 5.328   12.596  12.424  1.00 31.32 ? 434 HOH A O     1 
HETATM 1372 O O     . HOH D 4 .   ? 7.723   13.312  -1.960  1.00 25.33 ? 435 HOH A O     1 
HETATM 1373 O O     . HOH D 4 .   ? 11.225  -2.217  -6.741  1.00 39.38 ? 436 HOH A O     1 
HETATM 1374 O O     . HOH D 4 .   ? 0.190   -10.920 -12.796 1.00 26.77 ? 437 HOH A O     1 
HETATM 1375 O O     . HOH D 4 .   ? 10.486  -8.577  -6.135  1.00 32.68 ? 438 HOH A O     1 
HETATM 1376 O O     . HOH D 4 .   ? -14.655 3.000   1.493   1.00 25.32 ? 439 HOH A O     1 
HETATM 1377 O O     . HOH D 4 .   ? 20.570  -4.189  -9.264  1.00 26.75 ? 440 HOH A O     1 
HETATM 1378 O O     . HOH D 4 .   ? 0.291   -15.725 0.675   1.00 29.28 ? 441 HOH A O     1 
HETATM 1379 O O     . HOH D 4 .   ? -4.815  1.791   -16.083 1.00 37.55 ? 442 HOH A O     1 
HETATM 1380 O O     . HOH D 4 .   ? 4.504   -13.157 -8.651  1.00 29.46 ? 443 HOH A O     1 
HETATM 1381 O O     . HOH D 4 .   ? 0.916   14.970  4.545   1.00 31.22 ? 444 HOH A O     1 
HETATM 1382 O O     . HOH D 4 .   ? 23.759  1.805   -11.893 1.00 41.67 ? 445 HOH A O     1 
HETATM 1383 O O     . HOH D 4 .   ? 8.350   8.640   -6.311  1.00 25.41 ? 446 HOH A O     1 
HETATM 1384 O O     . HOH D 4 .   ? 4.292   -4.584  -18.558 1.00 45.49 ? 447 HOH A O     1 
HETATM 1385 O O     . HOH D 4 .   ? -10.970 -10.021 -11.133 1.00 28.54 ? 448 HOH A O     1 
HETATM 1386 O O     . HOH D 4 .   ? -2.819  6.283   -7.590  1.00 36.70 ? 449 HOH A O     1 
HETATM 1387 O O     . HOH D 4 .   ? -6.865  10.675  -4.945  1.00 38.00 ? 450 HOH A O     1 
HETATM 1388 O O     . HOH D 4 .   ? -3.972  -2.571  -16.301 1.00 39.64 ? 451 HOH A O     1 
HETATM 1389 O O     . HOH D 4 .   ? -9.810  -6.689  -12.662 1.00 34.18 ? 452 HOH A O     1 
HETATM 1390 O O     . HOH D 4 .   ? 3.130   -12.890 -11.181 1.00 30.59 ? 453 HOH A O     1 
HETATM 1391 O O     . HOH D 4 .   ? -10.320 10.628  -5.954  1.00 30.50 ? 454 HOH A O     1 
HETATM 1392 O O     . HOH D 4 .   ? -8.079  -4.752  16.853  1.00 40.57 ? 455 HOH A O     1 
HETATM 1393 O O     . HOH D 4 .   ? 0.609   15.211  -0.168  1.00 60.43 ? 456 HOH A O     1 
HETATM 1394 O O     . HOH D 4 .   ? -19.035 0.188   -1.584  1.00 40.56 ? 457 HOH A O     1 
HETATM 1395 O O     . HOH D 4 .   ? -10.975 -14.044 6.538   1.00 40.33 ? 458 HOH A O     1 
HETATM 1396 O O     . HOH D 4 .   ? 9.363   15.999  -7.678  1.00 53.67 ? 459 HOH A O     1 
HETATM 1397 O O     . HOH D 4 .   ? -5.816  7.252   14.302  1.00 43.19 ? 460 HOH A O     1 
HETATM 1398 O O     . HOH D 4 .   ? 9.739   0.319   -13.825 1.00 42.18 ? 461 HOH A O     1 
HETATM 1399 O O     . HOH D 4 .   ? -14.924 -1.747  -13.962 1.00 39.80 ? 462 HOH A O     1 
HETATM 1400 O O     . HOH D 4 .   ? 21.722  8.229   -7.446  1.00 40.28 ? 463 HOH A O     1 
HETATM 1401 O O     . HOH D 4 .   ? 0.009   -0.754  20.460  1.00 37.43 ? 464 HOH A O     1 
HETATM 1402 O O     . HOH D 4 .   ? -7.445  -16.550 -9.461  1.00 32.49 ? 465 HOH A O     1 
HETATM 1403 O O     . HOH D 4 .   ? 1.567   6.146   18.895  1.00 33.46 ? 466 HOH A O     1 
HETATM 1404 O O     . HOH D 4 .   ? -18.967 1.659   -12.102 1.00 48.34 ? 467 HOH A O     1 
HETATM 1405 O O     . HOH D 4 .   ? 19.163  7.507   -7.289  1.00 44.62 ? 468 HOH A O     1 
HETATM 1406 O O     . HOH D 4 .   ? 1.016   -9.525  19.283  1.00 51.39 ? 469 HOH A O     1 
# 
